data_6S6Q
#
_entry.id   6S6Q
#
_cell.length_a   192.360
_cell.length_b   192.360
_cell.length_c   149.770
_cell.angle_alpha   90.000
_cell.angle_beta   90.000
_cell.angle_gamma   90.000
#
_symmetry.space_group_name_H-M   'P 43 21 2'
#
loop_
_entity.id
_entity.type
_entity.pdbx_description
1 polymer 'LRR receptor-like serine/threonine-protein kinase GSO1'
2 polymer 'Protein CASPARIAN STRIP INTEGRITY FACTOR 2'
3 branched 2-acetamido-2-deoxy-beta-D-glucopyranose-(1-4)-2-acetamido-2-deoxy-beta-D-glucopyranose
4 branched beta-D-mannopyranose-(1-4)-2-acetamido-2-deoxy-beta-D-glucopyranose-(1-4)-2-acetamido-2-deoxy-beta-D-glucopyranose
5 branched beta-D-mannopyranose-(1-4)-2-acetamido-2-deoxy-beta-D-glucopyranose
6 non-polymer 2-acetamido-2-deoxy-beta-D-glucopyranose
#
loop_
_entity_poly.entity_id
_entity_poly.type
_entity_poly.pdbx_seq_one_letter_code
_entity_poly.pdbx_strand_id
1 'polypeptide(L)'
;GSSMGQPGIINNDLQTLLEVKKSLVTNPQEDDPLRQWNSDNINYCSWTGVTCDNTGLFRVIALNLTGLGLTGSISPWFGR
FDNLIHLDLSSNNLVGPIPTALSNLTSLESLFLFSNQLTGEIPSQLGSLVNIRSLRIGDNELVGDIPETLGNLVNLQMLA
LASCRLTGPIPSQLGRLVRVQSLILQDNYLEGPIPAELGNCSDLTVFTAAENMLNGTIPAELGRLENLEILNLANNSLTG
EIPSQLGEMSQLQYLSLMANQLQGLIPKSLADLGNLQTLDLSANNLTGEIPEEFWNMSQLLDLVLANNHLSGSLPKSICS
NNTNLEQLVLSGTQLSGEIPVELSKCQSLKQLDLSNNSLAGSIPEALFELVELTDLYLHNNTLEGTLSPSISNLTNLQWL
VLYHNNLEGKLPKEISALRKLEVLFLYENRFSGEIPQEIGNCTSLKMIDMFGNHFEGEIPPSIGRLKELNLLHLRQNELV
GGLPASLGNCHQLNILDLADNQLSGSIPSSFGFLKGLEQLMLYNNSLQGNLPDSLISLRNLTRINLSHNRLNGTIHPLCG
SSSYLSFDVTNNGFEDEIPLELGNSQNLDRLRLGKNQLTGKIPWTLGKIRELSLLDMSSNALTGTIPLQLVLCKKLTHID
LNNNFLSGPIPPWLGKLSQLGELKLSSNQFVESLPTELFNCTKLLVLSLDGNSLNGSIPQEIGNLGALNVLNLDKNQFSG
SLPQAMGKLSKLYELRLSRNSLTGEIPVEIGQLQDLQSALDLSYNNFTGDIPSTIGTLSKLETLDLSHNQLTGEVPGSVG
DMKSLGYLNVSFNNLGGKLKKQFSRWPADSFLGNTGLCGSPLSRCNRVRSNNKQQGLENLYFQ
;
A,B
2 'polypeptide(L)' D(TYS)GHSSPKPKLVRPPFKLIPN C,D
#
loop_
_chem_comp.id
_chem_comp.type
_chem_comp.name
_chem_comp.formula
BMA D-saccharide, beta linking beta-D-mannopyranose 'C6 H12 O6'
NAG D-saccharide, beta linking 2-acetamido-2-deoxy-beta-D-glucopyranose 'C8 H15 N O6'
#
# COMPACT_ATOMS: atom_id res chain seq x y z
N LEU A 14 -36.32 -74.07 -9.60
CA LEU A 14 -36.82 -72.70 -9.65
C LEU A 14 -35.75 -71.73 -10.10
N GLN A 15 -34.61 -71.74 -9.42
CA GLN A 15 -33.60 -70.70 -9.61
C GLN A 15 -32.85 -70.78 -10.94
N THR A 16 -32.79 -71.95 -11.59
CA THR A 16 -32.08 -71.94 -12.87
C THR A 16 -32.95 -71.45 -14.01
N LEU A 17 -34.29 -71.49 -13.82
CA LEU A 17 -35.17 -70.69 -14.68
C LEU A 17 -34.92 -69.21 -14.46
N LEU A 18 -34.83 -68.78 -13.20
CA LEU A 18 -34.71 -67.35 -12.91
C LEU A 18 -33.41 -66.77 -13.44
N GLU A 19 -32.32 -67.56 -13.39
CA GLU A 19 -31.03 -67.09 -13.86
C GLU A 19 -31.06 -66.81 -15.35
N VAL A 20 -31.66 -67.71 -16.14
CA VAL A 20 -31.71 -67.51 -17.60
C VAL A 20 -32.82 -66.53 -17.96
N LYS A 21 -33.77 -66.33 -17.06
CA LYS A 21 -34.84 -65.33 -17.24
C LYS A 21 -34.29 -63.91 -17.39
N LYS A 22 -33.53 -63.41 -16.40
CA LYS A 22 -33.06 -62.04 -16.59
C LYS A 22 -31.92 -61.85 -17.57
N SER A 23 -31.23 -62.92 -17.92
CA SER A 23 -30.23 -62.73 -18.95
C SER A 23 -30.92 -62.22 -20.19
N LEU A 24 -32.24 -62.46 -20.27
CA LEU A 24 -33.11 -61.90 -21.31
C LEU A 24 -33.29 -60.40 -21.15
N VAL A 25 -33.45 -59.92 -19.91
CA VAL A 25 -33.67 -58.49 -19.70
C VAL A 25 -32.37 -57.70 -19.58
N THR A 26 -31.28 -58.32 -19.10
CA THR A 26 -30.02 -57.61 -18.95
C THR A 26 -29.21 -57.62 -20.25
N ASN A 27 -29.62 -58.43 -21.24
CA ASN A 27 -28.97 -58.46 -22.55
C ASN A 27 -30.00 -58.73 -23.65
N PRO A 28 -30.71 -57.68 -24.14
CA PRO A 28 -31.64 -57.88 -25.27
C PRO A 28 -30.94 -57.99 -26.62
N GLN A 29 -30.19 -59.07 -26.81
CA GLN A 29 -29.29 -59.14 -27.96
C GLN A 29 -28.82 -60.56 -28.22
N GLU A 30 -28.30 -60.73 -29.43
CA GLU A 30 -27.66 -61.97 -29.83
C GLU A 30 -26.42 -62.21 -28.98
N ASP A 31 -25.50 -61.24 -28.98
CA ASP A 31 -24.23 -61.36 -28.26
C ASP A 31 -24.43 -61.36 -26.75
N ASP A 32 -23.96 -62.43 -26.11
CA ASP A 32 -24.07 -62.64 -24.68
C ASP A 32 -22.70 -62.62 -24.02
N PRO A 33 -22.35 -61.56 -23.25
CA PRO A 33 -21.24 -61.72 -22.30
C PRO A 33 -21.49 -62.87 -21.37
N LEU A 34 -22.77 -63.10 -21.08
CA LEU A 34 -23.32 -64.27 -20.41
C LEU A 34 -23.62 -65.38 -21.44
N ARG A 35 -22.63 -65.71 -22.28
CA ARG A 35 -22.85 -66.76 -23.27
C ARG A 35 -23.10 -68.11 -22.60
N GLN A 36 -22.43 -68.35 -21.48
CA GLN A 36 -22.55 -69.61 -20.77
C GLN A 36 -23.95 -69.91 -20.26
N TRP A 37 -24.87 -68.94 -20.26
CA TRP A 37 -26.19 -69.12 -19.66
C TRP A 37 -27.24 -69.66 -20.65
N ASN A 38 -27.04 -70.85 -21.19
CA ASN A 38 -28.01 -71.44 -22.10
C ASN A 38 -28.39 -72.82 -21.59
N SER A 39 -29.61 -73.24 -21.88
CA SER A 39 -30.05 -74.54 -21.37
C SER A 39 -29.20 -75.69 -21.87
N ASP A 40 -28.19 -75.44 -22.70
CA ASP A 40 -27.39 -76.53 -23.25
C ASP A 40 -26.29 -76.95 -22.30
N ASN A 41 -25.80 -76.01 -21.49
CA ASN A 41 -24.88 -76.30 -20.38
C ASN A 41 -25.73 -76.03 -19.15
N ILE A 42 -26.21 -77.12 -18.52
CA ILE A 42 -27.36 -77.01 -17.66
C ILE A 42 -26.98 -76.95 -16.18
N ASN A 43 -25.68 -77.01 -15.86
CA ASN A 43 -25.24 -76.78 -14.49
C ASN A 43 -24.86 -75.33 -14.37
N TYR A 44 -25.76 -74.57 -13.77
CA TYR A 44 -25.64 -73.13 -13.74
C TYR A 44 -24.51 -72.67 -12.84
N CYS A 45 -24.07 -73.52 -11.91
CA CYS A 45 -22.99 -73.16 -11.00
C CYS A 45 -21.65 -73.04 -11.72
N SER A 46 -21.48 -73.69 -12.87
CA SER A 46 -20.25 -73.56 -13.63
C SER A 46 -20.15 -72.25 -14.39
N TRP A 47 -21.24 -71.50 -14.48
CA TRP A 47 -21.34 -70.37 -15.38
C TRP A 47 -20.51 -69.19 -14.91
N THR A 48 -20.13 -68.36 -15.88
CA THR A 48 -19.43 -67.11 -15.61
C THR A 48 -20.25 -66.24 -14.66
N GLY A 49 -19.58 -65.71 -13.65
CA GLY A 49 -20.18 -64.76 -12.74
C GLY A 49 -21.08 -65.31 -11.65
N VAL A 50 -21.36 -66.58 -11.64
CA VAL A 50 -22.30 -67.10 -10.67
C VAL A 50 -21.53 -67.94 -9.64
N THR A 51 -21.99 -67.92 -8.39
CA THR A 51 -21.43 -68.77 -7.35
C THR A 51 -22.56 -69.41 -6.58
N CYS A 52 -22.52 -70.74 -6.48
CA CYS A 52 -23.52 -71.57 -5.82
C CYS A 52 -23.03 -71.94 -4.43
N ASP A 53 -23.97 -72.37 -3.60
CA ASP A 53 -23.60 -72.69 -2.22
C ASP A 53 -22.50 -73.74 -2.20
N ASN A 54 -21.60 -73.61 -1.24
CA ASN A 54 -20.49 -74.50 -0.97
C ASN A 54 -20.87 -75.73 -0.19
N THR A 55 -22.16 -75.94 0.09
CA THR A 55 -22.60 -76.99 0.97
C THR A 55 -23.25 -78.17 0.25
N GLY A 56 -23.41 -78.12 -1.06
CA GLY A 56 -23.96 -79.25 -1.78
C GLY A 56 -25.46 -79.24 -1.95
N LEU A 57 -26.12 -78.22 -1.44
CA LEU A 57 -27.55 -78.05 -1.63
C LEU A 57 -27.83 -77.19 -2.89
N PHE A 58 -26.78 -76.79 -3.60
CA PHE A 58 -26.87 -76.01 -4.84
C PHE A 58 -27.44 -74.63 -4.53
N ARG A 59 -28.31 -74.06 -5.37
CA ARG A 59 -28.81 -72.71 -5.11
C ARG A 59 -27.69 -71.66 -5.25
N VAL A 60 -28.05 -70.39 -5.42
CA VAL A 60 -27.09 -69.33 -5.70
C VAL A 60 -26.96 -68.42 -4.50
N ILE A 61 -25.72 -68.16 -4.09
CA ILE A 61 -25.43 -67.27 -2.98
C ILE A 61 -24.91 -65.93 -3.46
N ALA A 62 -24.09 -65.89 -4.51
CA ALA A 62 -23.52 -64.63 -4.98
C ALA A 62 -23.47 -64.54 -6.51
N LEU A 63 -23.75 -63.34 -7.02
CA LEU A 63 -23.62 -63.03 -8.45
C LEU A 63 -22.72 -61.82 -8.61
N ASN A 64 -21.67 -61.98 -9.42
CA ASN A 64 -20.70 -60.92 -9.67
C ASN A 64 -20.61 -60.69 -11.16
N LEU A 65 -21.16 -59.57 -11.61
CA LEU A 65 -21.28 -59.28 -13.05
C LEU A 65 -20.62 -57.96 -13.43
N THR A 66 -19.75 -57.41 -12.61
CA THR A 66 -19.27 -56.06 -12.88
C THR A 66 -18.19 -56.07 -13.96
N GLY A 67 -18.15 -55.00 -14.79
CA GLY A 67 -17.09 -54.82 -15.79
C GLY A 67 -17.29 -55.63 -17.05
N LEU A 68 -18.48 -56.19 -17.16
CA LEU A 68 -19.06 -57.00 -18.23
C LEU A 68 -19.53 -56.13 -19.38
N GLY A 69 -19.83 -54.86 -19.10
CA GLY A 69 -20.28 -53.93 -20.10
C GLY A 69 -21.74 -54.07 -20.45
N LEU A 70 -22.55 -54.58 -19.53
CA LEU A 70 -23.95 -54.85 -19.85
C LEU A 70 -24.74 -53.56 -20.01
N THR A 71 -25.75 -53.57 -20.88
CA THR A 71 -26.46 -52.34 -21.25
C THR A 71 -27.97 -52.45 -21.02
N GLY A 72 -28.43 -53.50 -20.38
CA GLY A 72 -29.84 -53.78 -20.23
C GLY A 72 -30.42 -53.25 -18.94
N SER A 73 -31.49 -53.89 -18.49
CA SER A 73 -32.21 -53.47 -17.30
C SER A 73 -32.08 -54.50 -16.18
N ILE A 74 -32.41 -54.06 -14.95
CA ILE A 74 -32.58 -54.94 -13.80
C ILE A 74 -34.06 -55.26 -13.64
N SER A 75 -34.30 -56.51 -13.28
CA SER A 75 -35.66 -57.03 -13.27
C SER A 75 -36.19 -57.46 -11.91
N PRO A 76 -37.51 -57.47 -11.71
CA PRO A 76 -38.02 -58.07 -10.46
C PRO A 76 -37.71 -59.57 -10.27
N TRP A 77 -37.31 -60.35 -11.27
CA TRP A 77 -37.04 -61.76 -11.03
C TRP A 77 -35.82 -61.93 -10.08
N PHE A 78 -34.97 -60.91 -9.95
CA PHE A 78 -33.85 -60.97 -8.99
C PHE A 78 -34.35 -61.31 -7.59
N GLY A 79 -35.49 -60.74 -7.21
CA GLY A 79 -36.04 -60.96 -5.88
C GLY A 79 -36.36 -62.40 -5.55
N ARG A 80 -36.40 -63.27 -6.55
CA ARG A 80 -36.82 -64.65 -6.31
C ARG A 80 -35.79 -65.46 -5.53
N PHE A 81 -34.53 -65.04 -5.54
CA PHE A 81 -33.43 -65.72 -4.83
C PHE A 81 -33.52 -65.51 -3.33
N ASP A 82 -34.14 -66.41 -2.60
CA ASP A 82 -34.10 -66.24 -1.15
C ASP A 82 -32.79 -66.73 -0.52
N ASN A 83 -31.77 -67.08 -1.31
CA ASN A 83 -30.47 -67.45 -0.74
C ASN A 83 -29.33 -66.56 -1.21
N LEU A 84 -29.62 -65.51 -1.97
CA LEU A 84 -28.60 -64.58 -2.42
C LEU A 84 -28.06 -63.77 -1.24
N ILE A 85 -26.73 -63.69 -1.13
CA ILE A 85 -26.14 -62.90 -0.06
C ILE A 85 -25.33 -61.73 -0.59
N HIS A 86 -24.71 -61.89 -1.77
CA HIS A 86 -23.97 -60.82 -2.43
C HIS A 86 -24.47 -60.66 -3.86
N LEU A 87 -25.00 -59.47 -4.16
CA LEU A 87 -25.42 -59.09 -5.51
C LEU A 87 -24.52 -57.95 -5.97
N ASP A 88 -23.81 -58.15 -7.07
CA ASP A 88 -22.94 -57.12 -7.61
C ASP A 88 -23.17 -56.98 -9.11
N LEU A 89 -23.85 -55.88 -9.48
CA LEU A 89 -24.05 -55.49 -10.86
C LEU A 89 -23.29 -54.22 -11.23
N SER A 90 -22.31 -53.81 -10.41
CA SER A 90 -21.61 -52.53 -10.53
C SER A 90 -20.92 -52.32 -11.87
N SER A 91 -20.56 -51.06 -12.11
CA SER A 91 -19.63 -50.69 -13.17
C SER A 91 -20.02 -51.28 -14.54
N ASN A 92 -21.32 -51.44 -14.79
CA ASN A 92 -21.83 -51.62 -16.15
C ASN A 92 -22.51 -50.34 -16.65
N ASN A 93 -23.26 -50.46 -17.74
CA ASN A 93 -24.04 -49.39 -18.37
C ASN A 93 -25.54 -49.67 -18.31
N LEU A 94 -26.00 -50.23 -17.21
CA LEU A 94 -27.39 -50.67 -17.15
C LEU A 94 -28.33 -49.49 -16.93
N VAL A 95 -29.60 -49.73 -17.30
CA VAL A 95 -30.61 -48.69 -17.48
C VAL A 95 -31.86 -49.10 -16.71
N GLY A 96 -32.71 -48.12 -16.42
CA GLY A 96 -34.00 -48.35 -15.81
C GLY A 96 -34.01 -48.24 -14.30
N PRO A 97 -35.18 -48.47 -13.70
CA PRO A 97 -35.33 -48.31 -12.24
C PRO A 97 -34.65 -49.44 -11.46
N ILE A 98 -34.60 -49.25 -10.15
CA ILE A 98 -34.24 -50.32 -9.22
C ILE A 98 -35.52 -51.00 -8.76
N PRO A 99 -35.72 -52.31 -9.03
CA PRO A 99 -37.01 -52.94 -8.72
C PRO A 99 -37.25 -52.99 -7.22
N THR A 100 -38.43 -52.52 -6.79
CA THR A 100 -38.75 -52.68 -5.39
C THR A 100 -38.97 -54.15 -5.00
N ALA A 101 -39.04 -55.06 -5.97
CA ALA A 101 -39.19 -56.48 -5.65
C ALA A 101 -38.00 -57.06 -4.88
N LEU A 102 -36.85 -56.37 -4.86
CA LEU A 102 -35.74 -56.89 -4.03
C LEU A 102 -36.05 -56.71 -2.56
N SER A 103 -37.15 -56.04 -2.22
CA SER A 103 -37.86 -56.28 -0.99
C SER A 103 -37.72 -57.73 -0.47
N ASN A 104 -37.93 -58.73 -1.34
CA ASN A 104 -38.13 -60.11 -0.91
C ASN A 104 -36.83 -60.81 -0.51
N LEU A 105 -35.67 -60.41 -1.06
CA LEU A 105 -34.38 -61.06 -0.79
C LEU A 105 -33.86 -60.70 0.60
N THR A 106 -34.57 -61.20 1.62
CA THR A 106 -34.19 -60.79 2.97
C THR A 106 -32.78 -61.29 3.37
N SER A 107 -32.29 -62.35 2.73
CA SER A 107 -30.97 -62.91 3.04
C SER A 107 -29.77 -62.07 2.55
N LEU A 108 -30.01 -60.95 1.85
CA LEU A 108 -28.97 -60.17 1.18
C LEU A 108 -28.06 -59.44 2.17
N GLU A 109 -26.73 -59.54 1.97
CA GLU A 109 -25.78 -58.80 2.79
C GLU A 109 -24.90 -57.82 2.04
N SER A 110 -24.82 -57.92 0.71
CA SER A 110 -24.17 -56.91 -0.14
C SER A 110 -25.07 -56.59 -1.32
N LEU A 111 -25.27 -55.30 -1.61
CA LEU A 111 -26.05 -54.86 -2.75
C LEU A 111 -25.26 -53.77 -3.47
N PHE A 112 -24.70 -54.10 -4.64
CA PHE A 112 -23.82 -53.21 -5.40
C PHE A 112 -24.40 -52.95 -6.79
N LEU A 113 -24.98 -51.77 -6.96
CA LEU A 113 -25.51 -51.34 -8.26
C LEU A 113 -24.77 -50.14 -8.84
N PHE A 114 -23.61 -49.78 -8.28
CA PHE A 114 -22.98 -48.49 -8.56
C PHE A 114 -22.40 -48.40 -9.97
N SER A 115 -22.14 -47.15 -10.37
CA SER A 115 -21.56 -46.82 -11.67
C SER A 115 -22.33 -47.37 -12.86
N ASN A 116 -23.66 -47.48 -12.75
CA ASN A 116 -24.49 -47.67 -13.92
C ASN A 116 -25.14 -46.35 -14.35
N GLN A 117 -26.26 -46.46 -15.08
CA GLN A 117 -27.07 -45.35 -15.56
C GLN A 117 -28.49 -45.46 -15.02
N LEU A 118 -28.66 -45.96 -13.80
CA LEU A 118 -29.98 -46.25 -13.26
C LEU A 118 -30.79 -44.99 -13.03
N THR A 119 -32.12 -45.16 -12.96
CA THR A 119 -33.12 -44.09 -12.92
C THR A 119 -34.07 -44.33 -11.73
N GLY A 120 -34.96 -43.38 -11.48
CA GLY A 120 -36.01 -43.56 -10.50
C GLY A 120 -35.60 -43.14 -9.10
N GLU A 121 -36.54 -43.30 -8.18
CA GLU A 121 -36.26 -43.09 -6.76
C GLU A 121 -35.73 -44.38 -6.14
N ILE A 122 -35.10 -44.24 -4.99
CA ILE A 122 -34.66 -45.39 -4.20
C ILE A 122 -35.89 -46.03 -3.54
N PRO A 123 -36.13 -47.32 -3.72
CA PRO A 123 -37.36 -47.94 -3.20
C PRO A 123 -37.45 -47.94 -1.68
N SER A 124 -38.55 -47.35 -1.18
CA SER A 124 -39.00 -47.35 0.21
C SER A 124 -38.83 -48.72 0.90
N GLN A 125 -39.21 -49.80 0.21
CA GLN A 125 -39.21 -51.18 0.71
C GLN A 125 -37.82 -51.74 0.96
N LEU A 126 -36.75 -51.06 0.53
CA LEU A 126 -35.40 -51.52 0.88
C LEU A 126 -35.15 -51.53 2.38
N GLY A 127 -35.92 -50.75 3.13
CA GLY A 127 -35.89 -50.77 4.57
C GLY A 127 -36.18 -52.11 5.21
N SER A 128 -36.74 -53.07 4.48
CA SER A 128 -37.04 -54.36 5.09
C SER A 128 -35.89 -55.33 5.00
N LEU A 129 -34.80 -54.95 4.35
CA LEU A 129 -33.63 -55.81 4.26
C LEU A 129 -32.71 -55.71 5.47
N VAL A 130 -33.24 -55.80 6.69
CA VAL A 130 -32.48 -55.40 7.87
C VAL A 130 -31.20 -56.20 8.05
N ASN A 131 -31.05 -57.34 7.36
CA ASN A 131 -29.81 -58.10 7.48
C ASN A 131 -28.72 -57.66 6.48
N ILE A 132 -28.96 -56.58 5.73
CA ILE A 132 -27.97 -56.02 4.81
C ILE A 132 -26.83 -55.37 5.59
N ARG A 133 -25.61 -55.48 5.04
CA ARG A 133 -24.40 -54.93 5.62
C ARG A 133 -23.74 -53.84 4.80
N SER A 134 -23.80 -53.91 3.47
CA SER A 134 -23.27 -52.82 2.65
C SER A 134 -24.14 -52.56 1.43
N LEU A 135 -24.47 -51.27 1.22
CA LEU A 135 -25.36 -50.81 0.15
C LEU A 135 -24.66 -49.71 -0.66
N ARG A 136 -24.42 -49.98 -1.95
CA ARG A 136 -23.73 -49.03 -2.83
C ARG A 136 -24.49 -48.91 -4.15
N ILE A 137 -25.18 -47.80 -4.35
CA ILE A 137 -26.05 -47.71 -5.51
C ILE A 137 -25.84 -46.40 -6.25
N GLY A 138 -24.69 -45.76 -5.99
CA GLY A 138 -24.42 -44.43 -6.50
C GLY A 138 -23.78 -44.47 -7.87
N ASP A 139 -23.34 -43.28 -8.30
CA ASP A 139 -22.83 -43.07 -9.67
C ASP A 139 -23.89 -43.48 -10.68
N ASN A 140 -25.14 -43.20 -10.35
CA ASN A 140 -26.31 -43.44 -11.17
C ASN A 140 -27.04 -42.12 -11.35
N GLU A 141 -28.16 -42.13 -12.08
CA GLU A 141 -28.98 -40.95 -12.21
C GLU A 141 -30.26 -41.02 -11.38
N LEU A 142 -30.21 -41.60 -10.18
CA LEU A 142 -31.38 -41.70 -9.32
C LEU A 142 -31.84 -40.33 -8.82
N VAL A 143 -33.15 -40.15 -8.66
CA VAL A 143 -33.75 -38.83 -8.66
C VAL A 143 -34.55 -38.48 -7.42
N GLY A 144 -34.91 -39.42 -6.56
CA GLY A 144 -35.81 -39.12 -5.48
C GLY A 144 -35.18 -38.53 -4.24
N ASP A 145 -36.04 -38.26 -3.26
CA ASP A 145 -35.59 -38.00 -1.90
C ASP A 145 -35.08 -39.30 -1.30
N ILE A 146 -34.12 -39.19 -0.37
CA ILE A 146 -33.59 -40.35 0.34
C ILE A 146 -34.64 -40.90 1.30
N PRO A 147 -35.06 -42.16 1.16
CA PRO A 147 -36.17 -42.66 1.98
C PRO A 147 -35.78 -42.85 3.44
N GLU A 148 -36.65 -42.38 4.35
CA GLU A 148 -36.41 -42.48 5.79
C GLU A 148 -36.36 -43.92 6.28
N THR A 149 -36.89 -44.87 5.51
CA THR A 149 -36.85 -46.25 5.95
C THR A 149 -35.43 -46.77 6.08
N LEU A 150 -34.45 -46.08 5.50
CA LEU A 150 -33.07 -46.54 5.53
C LEU A 150 -32.53 -46.66 6.95
N GLY A 151 -33.12 -45.94 7.90
CA GLY A 151 -32.74 -46.08 9.29
C GLY A 151 -32.97 -47.46 9.88
N ASN A 152 -33.79 -48.29 9.24
CA ASN A 152 -34.05 -49.64 9.77
C ASN A 152 -32.83 -50.55 9.71
N LEU A 153 -31.89 -50.26 8.82
CA LEU A 153 -30.84 -51.21 8.45
C LEU A 153 -29.66 -51.21 9.44
N VAL A 154 -29.97 -51.55 10.69
CA VAL A 154 -29.05 -51.37 11.81
C VAL A 154 -27.75 -52.15 11.63
N ASN A 155 -27.74 -53.20 10.82
CA ASN A 155 -26.53 -53.96 10.57
C ASN A 155 -25.61 -53.34 9.54
N LEU A 156 -26.02 -52.24 8.92
CA LEU A 156 -25.31 -51.69 7.78
C LEU A 156 -23.98 -51.11 8.25
N GLN A 157 -22.91 -51.41 7.51
CA GLN A 157 -21.59 -50.84 7.79
C GLN A 157 -21.18 -49.78 6.77
N MET A 158 -21.72 -49.83 5.54
CA MET A 158 -21.38 -48.91 4.44
C MET A 158 -22.64 -48.47 3.70
N LEU A 159 -22.73 -47.16 3.41
CA LEU A 159 -23.85 -46.60 2.65
C LEU A 159 -23.34 -45.54 1.67
N ALA A 160 -23.42 -45.79 0.35
CA ALA A 160 -22.94 -44.85 -0.66
C ALA A 160 -24.09 -44.45 -1.56
N LEU A 161 -24.43 -43.16 -1.53
CA LEU A 161 -25.50 -42.61 -2.35
C LEU A 161 -24.99 -41.47 -3.21
N ALA A 162 -23.68 -41.42 -3.46
CA ALA A 162 -23.02 -40.26 -4.05
C ALA A 162 -23.17 -40.21 -5.57
N SER A 163 -22.87 -39.04 -6.12
CA SER A 163 -22.85 -38.82 -7.57
C SER A 163 -24.11 -39.36 -8.27
N CYS A 164 -25.27 -38.94 -7.75
CA CYS A 164 -26.54 -39.16 -8.43
C CYS A 164 -27.29 -37.85 -8.54
N ARG A 165 -28.60 -37.89 -8.56
CA ARG A 165 -29.39 -36.67 -8.60
C ARG A 165 -30.42 -36.64 -7.48
N LEU A 166 -30.00 -37.06 -6.29
CA LEU A 166 -30.93 -37.18 -5.17
C LEU A 166 -31.10 -35.85 -4.42
N THR A 167 -32.27 -35.69 -3.80
CA THR A 167 -32.75 -34.42 -3.28
C THR A 167 -33.21 -34.58 -1.84
N GLY A 168 -33.66 -33.46 -1.25
CA GLY A 168 -34.29 -33.45 0.06
C GLY A 168 -33.30 -33.45 1.21
N PRO A 169 -33.80 -33.43 2.45
CA PRO A 169 -32.90 -33.41 3.60
C PRO A 169 -32.28 -34.78 3.76
N ILE A 170 -31.14 -34.82 4.44
CA ILE A 170 -30.60 -36.04 5.01
C ILE A 170 -31.60 -36.54 6.06
N PRO A 171 -32.17 -37.73 5.92
CA PRO A 171 -33.24 -38.14 6.85
C PRO A 171 -32.67 -38.18 8.27
N SER A 172 -33.33 -37.48 9.18
CA SER A 172 -32.83 -37.41 10.55
C SER A 172 -33.08 -38.71 11.26
N GLN A 173 -34.10 -39.48 10.85
CA GLN A 173 -34.30 -40.79 11.44
C GLN A 173 -33.37 -41.79 10.77
N LEU A 174 -32.24 -41.28 10.26
CA LEU A 174 -31.09 -42.06 9.82
C LEU A 174 -30.03 -42.22 10.90
N GLY A 175 -30.16 -41.55 12.04
CA GLY A 175 -29.28 -41.78 13.19
C GLY A 175 -29.41 -43.17 13.78
N ARG A 176 -30.45 -43.91 13.42
CA ARG A 176 -30.62 -45.28 13.89
C ARG A 176 -29.56 -46.24 13.35
N LEU A 177 -28.74 -45.82 12.39
CA LEU A 177 -27.75 -46.71 11.80
C LEU A 177 -26.49 -46.64 12.64
N VAL A 178 -26.58 -47.31 13.80
CA VAL A 178 -25.55 -47.23 14.85
C VAL A 178 -24.20 -47.72 14.37
N ARG A 179 -24.18 -48.76 13.52
CA ARG A 179 -22.93 -49.45 13.18
C ARG A 179 -22.37 -49.09 11.79
N VAL A 180 -22.81 -48.00 11.19
CA VAL A 180 -22.28 -47.69 9.87
C VAL A 180 -20.89 -47.07 10.03
N GLN A 181 -19.96 -47.53 9.22
CA GLN A 181 -18.58 -47.07 9.28
C GLN A 181 -18.27 -45.97 8.27
N SER A 182 -18.84 -46.08 7.07
CA SER A 182 -18.70 -45.11 5.98
C SER A 182 -20.09 -44.65 5.53
N LEU A 183 -20.32 -43.33 5.55
CA LEU A 183 -21.55 -42.69 5.06
C LEU A 183 -21.15 -41.73 3.95
N ILE A 184 -21.58 -42.02 2.72
CA ILE A 184 -21.10 -41.35 1.52
C ILE A 184 -22.30 -40.73 0.78
N LEU A 185 -22.44 -39.40 0.84
CA LEU A 185 -23.57 -38.70 0.22
C LEU A 185 -23.15 -37.55 -0.70
N GLN A 186 -21.88 -37.45 -1.08
CA GLN A 186 -21.43 -36.27 -1.81
C GLN A 186 -21.97 -36.24 -3.24
N ASP A 187 -21.95 -35.05 -3.84
CA ASP A 187 -22.23 -34.88 -5.28
C ASP A 187 -23.71 -35.10 -5.59
N ASN A 188 -24.61 -34.62 -4.75
CA ASN A 188 -26.04 -34.70 -5.03
C ASN A 188 -26.66 -33.31 -4.90
N TYR A 189 -27.96 -33.27 -4.65
CA TYR A 189 -28.70 -32.02 -4.48
C TYR A 189 -29.46 -32.00 -3.16
N LEU A 190 -28.89 -32.60 -2.11
CA LEU A 190 -29.59 -32.67 -0.84
C LEU A 190 -29.47 -31.35 -0.12
N GLU A 191 -30.49 -31.02 0.67
CA GLU A 191 -30.72 -29.65 1.11
C GLU A 191 -31.19 -29.65 2.55
N GLY A 192 -31.15 -28.48 3.16
CA GLY A 192 -31.67 -28.31 4.49
C GLY A 192 -30.59 -28.44 5.52
N PRO A 193 -30.98 -28.50 6.79
CA PRO A 193 -30.00 -28.63 7.86
C PRO A 193 -29.46 -30.05 7.92
N ILE A 194 -28.25 -30.16 8.44
CA ILE A 194 -27.71 -31.47 8.83
C ILE A 194 -28.32 -31.88 10.16
N PRO A 195 -28.82 -33.12 10.30
CA PRO A 195 -29.50 -33.50 11.55
C PRO A 195 -28.53 -33.65 12.72
N ALA A 196 -28.97 -33.23 13.90
CA ALA A 196 -28.21 -33.55 15.10
C ALA A 196 -28.19 -35.05 15.39
N GLU A 197 -29.19 -35.79 14.90
CA GLU A 197 -29.37 -37.21 15.20
C GLU A 197 -28.21 -38.09 14.77
N LEU A 198 -27.38 -37.65 13.82
CA LEU A 198 -26.22 -38.44 13.41
C LEU A 198 -25.13 -38.52 14.47
N GLY A 199 -25.25 -37.78 15.58
CA GLY A 199 -24.37 -38.04 16.72
C GLY A 199 -24.48 -39.45 17.25
N ASN A 200 -25.62 -40.11 17.01
CA ASN A 200 -25.84 -41.45 17.52
C ASN A 200 -25.25 -42.56 16.63
N CYS A 201 -24.76 -42.20 15.44
CA CYS A 201 -24.09 -43.16 14.53
C CYS A 201 -22.64 -43.29 14.97
N SER A 202 -22.40 -44.00 16.08
CA SER A 202 -21.17 -43.73 16.81
C SER A 202 -19.97 -44.56 16.35
N ASP A 203 -20.13 -45.56 15.49
CA ASP A 203 -18.95 -46.13 14.84
C ASP A 203 -18.65 -45.46 13.53
N LEU A 204 -19.24 -44.29 13.28
CA LEU A 204 -18.99 -43.58 12.04
C LEU A 204 -17.54 -43.16 12.01
N THR A 205 -16.89 -43.35 10.86
CA THR A 205 -15.49 -42.98 10.79
C THR A 205 -15.19 -42.12 9.56
N VAL A 206 -15.89 -42.32 8.44
CA VAL A 206 -15.80 -41.37 7.33
C VAL A 206 -17.21 -40.89 7.02
N PHE A 207 -17.37 -39.56 6.96
CA PHE A 207 -18.65 -38.95 6.61
C PHE A 207 -18.44 -37.81 5.62
N THR A 208 -18.99 -37.96 4.42
CA THR A 208 -18.87 -36.93 3.38
C THR A 208 -20.24 -36.58 2.84
N ALA A 209 -20.57 -35.29 2.86
CA ALA A 209 -21.77 -34.76 2.22
C ALA A 209 -21.42 -33.55 1.37
N ALA A 210 -20.19 -33.53 0.88
CA ALA A 210 -19.67 -32.47 0.03
C ALA A 210 -20.52 -32.30 -1.21
N GLU A 211 -20.45 -31.11 -1.82
CA GLU A 211 -21.02 -30.86 -3.15
C GLU A 211 -22.53 -31.09 -3.15
N ASN A 212 -23.21 -30.57 -2.13
CA ASN A 212 -24.65 -30.68 -1.98
C ASN A 212 -25.14 -29.28 -1.66
N MET A 213 -26.31 -29.17 -1.06
CA MET A 213 -26.96 -27.88 -0.81
C MET A 213 -27.38 -27.74 0.63
N LEU A 214 -26.58 -28.24 1.58
CA LEU A 214 -26.98 -28.16 2.98
C LEU A 214 -26.97 -26.70 3.42
N ASN A 215 -28.07 -26.23 4.04
CA ASN A 215 -28.27 -24.80 4.25
C ASN A 215 -28.49 -24.45 5.72
N GLY A 216 -28.27 -25.38 6.62
CA GLY A 216 -28.34 -25.11 8.03
C GLY A 216 -26.98 -24.67 8.55
N THR A 217 -26.84 -24.71 9.88
CA THR A 217 -25.56 -24.66 10.55
C THR A 217 -25.14 -26.06 11.02
N ILE A 218 -23.83 -26.26 11.10
CA ILE A 218 -23.25 -27.53 11.54
C ILE A 218 -23.64 -27.84 12.98
N PRO A 219 -24.34 -28.95 13.23
CA PRO A 219 -24.78 -29.25 14.60
C PRO A 219 -23.61 -29.56 15.53
N ALA A 220 -23.66 -29.01 16.73
CA ALA A 220 -22.62 -29.30 17.71
C ALA A 220 -22.61 -30.78 18.12
N GLU A 221 -23.76 -31.45 18.02
CA GLU A 221 -23.87 -32.86 18.40
C GLU A 221 -22.95 -33.77 17.61
N LEU A 222 -22.28 -33.27 16.58
CA LEU A 222 -21.35 -34.11 15.84
C LEU A 222 -20.05 -34.31 16.58
N GLY A 223 -19.81 -33.57 17.66
CA GLY A 223 -18.65 -33.87 18.48
C GLY A 223 -18.76 -35.25 19.08
N ARG A 224 -20.00 -35.77 19.20
CA ARG A 224 -20.28 -37.05 19.81
C ARG A 224 -19.50 -38.24 19.20
N LEU A 225 -19.12 -38.15 17.91
CA LEU A 225 -18.62 -39.29 17.14
C LEU A 225 -17.13 -39.51 17.38
N GLU A 226 -16.83 -40.26 18.46
CA GLU A 226 -15.43 -40.40 18.92
C GLU A 226 -14.55 -41.01 17.85
N ASN A 227 -15.10 -41.92 17.04
CA ASN A 227 -14.28 -42.63 16.07
C ASN A 227 -14.23 -41.98 14.68
N LEU A 228 -14.78 -40.78 14.51
CA LEU A 228 -14.77 -40.19 13.17
C LEU A 228 -13.36 -39.81 12.76
N GLU A 229 -12.92 -40.31 11.61
CA GLU A 229 -11.60 -40.02 11.06
C GLU A 229 -11.63 -39.04 9.89
N ILE A 230 -12.71 -39.03 9.07
CA ILE A 230 -12.85 -38.19 7.88
C ILE A 230 -14.14 -37.39 8.01
N LEU A 231 -14.04 -36.07 7.84
CA LEU A 231 -15.25 -35.26 7.72
C LEU A 231 -15.12 -34.30 6.55
N ASN A 232 -16.09 -34.35 5.63
CA ASN A 232 -16.00 -33.55 4.41
C ASN A 232 -17.36 -33.00 4.02
N LEU A 233 -17.55 -31.70 4.30
CA LEU A 233 -18.76 -30.96 3.94
C LEU A 233 -18.46 -29.77 3.02
N ALA A 234 -17.38 -29.87 2.25
CA ALA A 234 -16.98 -28.82 1.32
C ALA A 234 -18.05 -28.51 0.28
N ASN A 235 -17.88 -27.35 -0.35
CA ASN A 235 -18.71 -26.95 -1.48
C ASN A 235 -20.18 -27.09 -1.13
N ASN A 236 -20.56 -26.48 -0.02
CA ASN A 236 -21.97 -26.46 0.37
C ASN A 236 -22.36 -25.02 0.65
N SER A 237 -23.41 -24.84 1.45
CA SER A 237 -23.86 -23.49 1.79
C SER A 237 -24.23 -23.36 3.28
N LEU A 238 -23.45 -24.01 4.13
CA LEU A 238 -23.71 -23.95 5.56
C LEU A 238 -23.20 -22.64 6.16
N THR A 239 -23.89 -22.19 7.20
CA THR A 239 -23.74 -20.86 7.77
C THR A 239 -23.54 -21.02 9.27
N GLY A 240 -23.32 -19.92 9.94
CA GLY A 240 -23.08 -20.00 11.36
C GLY A 240 -21.60 -20.11 11.67
N GLU A 241 -21.31 -20.35 12.94
CA GLU A 241 -19.96 -20.51 13.42
C GLU A 241 -19.62 -21.99 13.55
N ILE A 242 -18.35 -22.32 13.34
CA ILE A 242 -17.88 -23.68 13.51
C ILE A 242 -17.91 -24.11 14.97
N PRO A 243 -18.64 -25.18 15.33
CA PRO A 243 -18.74 -25.54 16.76
C PRO A 243 -17.40 -25.94 17.33
N SER A 244 -17.07 -25.37 18.49
CA SER A 244 -15.80 -25.72 19.10
C SER A 244 -15.86 -27.16 19.63
N GLN A 245 -17.08 -27.73 19.71
CA GLN A 245 -17.26 -29.14 20.06
C GLN A 245 -16.61 -30.11 19.09
N LEU A 246 -16.30 -29.69 17.87
CA LEU A 246 -15.65 -30.60 16.93
C LEU A 246 -14.20 -30.85 17.28
N GLY A 247 -13.63 -30.08 18.21
CA GLY A 247 -12.34 -30.43 18.77
C GLY A 247 -12.35 -31.75 19.51
N GLU A 248 -13.53 -32.27 19.87
CA GLU A 248 -13.69 -33.49 20.63
C GLU A 248 -13.58 -34.72 19.74
N MET A 249 -13.54 -34.55 18.41
CA MET A 249 -13.42 -35.66 17.46
C MET A 249 -11.98 -36.13 17.31
N SER A 250 -11.43 -36.68 18.39
CA SER A 250 -9.97 -36.79 18.49
C SER A 250 -9.36 -37.81 17.54
N GLN A 251 -10.16 -38.74 16.95
CA GLN A 251 -9.54 -39.62 15.96
C GLN A 251 -9.42 -38.99 14.58
N LEU A 252 -9.99 -37.80 14.38
CA LEU A 252 -10.04 -37.13 13.09
C LEU A 252 -8.66 -36.92 12.50
N GLN A 253 -8.53 -37.23 11.20
CA GLN A 253 -7.37 -36.88 10.40
C GLN A 253 -7.64 -35.83 9.34
N TYR A 254 -8.86 -35.77 8.78
CA TYR A 254 -9.24 -34.88 7.68
C TYR A 254 -10.49 -34.09 8.04
N LEU A 255 -10.39 -32.76 7.95
CA LEU A 255 -11.54 -31.85 8.04
C LEU A 255 -11.46 -30.87 6.88
N SER A 256 -12.52 -30.82 6.07
CA SER A 256 -12.69 -29.75 5.09
C SER A 256 -14.10 -29.17 5.16
N LEU A 257 -14.17 -27.86 5.31
CA LEU A 257 -15.43 -27.13 5.25
C LEU A 257 -15.32 -25.97 4.26
N MET A 258 -14.40 -26.11 3.30
CA MET A 258 -14.16 -25.12 2.29
C MET A 258 -15.45 -24.77 1.55
N ALA A 259 -15.45 -23.59 0.96
CA ALA A 259 -16.48 -23.21 0.01
C ALA A 259 -17.86 -23.32 0.63
N ASN A 260 -17.98 -22.84 1.84
CA ASN A 260 -19.26 -22.62 2.49
C ASN A 260 -19.41 -21.13 2.80
N GLN A 261 -20.38 -20.82 3.65
CA GLN A 261 -20.69 -19.46 4.07
C GLN A 261 -20.56 -19.33 5.58
N LEU A 262 -19.53 -19.98 6.14
CA LEU A 262 -19.26 -19.95 7.57
C LEU A 262 -18.76 -18.58 8.04
N GLN A 263 -19.08 -18.26 9.29
CA GLN A 263 -18.86 -16.96 9.90
C GLN A 263 -18.15 -17.15 11.23
N GLY A 264 -17.71 -16.07 11.84
CA GLY A 264 -17.09 -16.15 13.14
C GLY A 264 -15.59 -16.39 13.17
N LEU A 265 -15.08 -16.44 14.40
CA LEU A 265 -13.67 -16.70 14.61
C LEU A 265 -13.39 -18.20 14.55
N ILE A 266 -12.23 -18.56 14.00
CA ILE A 266 -11.86 -19.97 13.85
C ILE A 266 -11.71 -20.57 15.24
N PRO A 267 -12.31 -21.72 15.54
CA PRO A 267 -12.28 -22.23 16.92
C PRO A 267 -10.89 -22.69 17.31
N LYS A 268 -10.52 -22.38 18.57
CA LYS A 268 -9.17 -22.64 19.01
C LYS A 268 -8.96 -24.09 19.38
N SER A 269 -10.04 -24.82 19.63
CA SER A 269 -10.00 -26.23 20.00
C SER A 269 -9.42 -27.12 18.91
N LEU A 270 -9.53 -26.74 17.65
CA LEU A 270 -9.16 -27.68 16.60
C LEU A 270 -7.69 -28.10 16.69
N ALA A 271 -6.88 -27.37 17.46
CA ALA A 271 -5.55 -27.85 17.82
C ALA A 271 -5.60 -29.10 18.69
N ASP A 272 -6.72 -29.35 19.38
CA ASP A 272 -6.84 -30.54 20.21
C ASP A 272 -6.93 -31.82 19.39
N LEU A 273 -7.11 -31.71 18.08
CA LEU A 273 -7.20 -32.90 17.23
C LEU A 273 -5.77 -33.32 16.90
N GLY A 274 -5.22 -34.19 17.75
CA GLY A 274 -3.82 -34.53 17.66
C GLY A 274 -3.46 -35.29 16.40
N ASN A 275 -4.40 -36.09 15.88
CA ASN A 275 -4.16 -36.87 14.67
C ASN A 275 -4.49 -36.13 13.38
N LEU A 276 -4.88 -34.86 13.44
CA LEU A 276 -5.28 -34.10 12.26
C LEU A 276 -4.16 -33.96 11.23
N GLN A 277 -4.40 -34.38 9.99
CA GLN A 277 -3.41 -34.22 8.93
C GLN A 277 -3.72 -33.13 7.91
N THR A 278 -4.99 -32.86 7.62
CA THR A 278 -5.38 -31.76 6.74
C THR A 278 -6.52 -31.00 7.39
N LEU A 279 -6.36 -29.67 7.49
CA LEU A 279 -7.40 -28.74 7.91
C LEU A 279 -7.60 -27.70 6.81
N ASP A 280 -8.81 -27.66 6.23
CA ASP A 280 -9.17 -26.75 5.13
C ASP A 280 -10.47 -26.04 5.47
N LEU A 281 -10.40 -24.71 5.63
CA LEU A 281 -11.58 -23.92 5.89
C LEU A 281 -11.63 -22.71 4.97
N SER A 282 -10.79 -22.70 3.94
CA SER A 282 -10.79 -21.69 2.88
C SER A 282 -12.18 -21.37 2.34
N ALA A 283 -12.31 -20.17 1.77
CA ALA A 283 -13.51 -19.78 1.05
C ALA A 283 -14.75 -19.84 1.95
N ASN A 284 -14.65 -19.11 3.06
CA ASN A 284 -15.77 -18.88 3.96
C ASN A 284 -15.76 -17.40 4.33
N ASN A 285 -16.60 -17.01 5.28
CA ASN A 285 -16.58 -15.69 5.89
C ASN A 285 -16.01 -15.74 7.32
N LEU A 286 -15.02 -16.60 7.56
CA LEU A 286 -14.33 -16.62 8.85
C LEU A 286 -13.52 -15.34 9.07
N THR A 287 -13.34 -14.98 10.35
CA THR A 287 -12.68 -13.75 10.73
C THR A 287 -11.90 -13.95 12.02
N GLY A 288 -11.28 -12.88 12.51
CA GLY A 288 -10.39 -13.02 13.64
C GLY A 288 -8.99 -13.40 13.19
N GLU A 289 -8.13 -13.68 14.16
CA GLU A 289 -6.79 -14.11 13.81
C GLU A 289 -6.72 -15.63 13.74
N ILE A 290 -5.64 -16.12 13.14
CA ILE A 290 -5.32 -17.54 13.15
C ILE A 290 -4.88 -17.94 14.55
N PRO A 291 -5.62 -18.79 15.24
CA PRO A 291 -5.26 -19.18 16.60
C PRO A 291 -3.82 -19.67 16.69
N GLU A 292 -3.06 -19.15 17.66
CA GLU A 292 -1.66 -19.55 17.72
C GLU A 292 -1.51 -21.01 18.12
N GLU A 293 -2.56 -21.60 18.71
CA GLU A 293 -2.52 -23.02 19.06
C GLU A 293 -2.19 -23.87 17.84
N PHE A 294 -2.56 -23.41 16.64
CA PHE A 294 -2.33 -24.20 15.44
C PHE A 294 -0.85 -24.43 15.20
N TRP A 295 -0.01 -23.46 15.57
CA TRP A 295 1.43 -23.60 15.35
C TRP A 295 2.06 -24.67 16.24
N ASN A 296 1.35 -25.17 17.22
CA ASN A 296 1.80 -26.30 18.02
C ASN A 296 1.34 -27.66 17.51
N MET A 297 0.59 -27.70 16.39
CA MET A 297 0.04 -28.94 15.83
C MET A 297 1.14 -29.67 15.07
N SER A 298 1.84 -30.55 15.78
CA SER A 298 2.96 -31.29 15.19
C SER A 298 2.51 -32.09 13.96
N GLN A 299 1.44 -32.86 14.09
CA GLN A 299 1.11 -33.89 13.11
C GLN A 299 0.38 -33.37 11.88
N LEU A 300 0.00 -32.09 11.85
CA LEU A 300 -0.69 -31.50 10.72
C LEU A 300 0.19 -31.43 9.48
N LEU A 301 -0.41 -31.77 8.34
CA LEU A 301 0.24 -31.71 7.04
C LEU A 301 -0.22 -30.51 6.21
N ASP A 302 -1.55 -30.31 6.12
CA ASP A 302 -2.11 -29.26 5.27
C ASP A 302 -3.00 -28.35 6.09
N LEU A 303 -2.59 -27.08 6.17
CA LEU A 303 -3.39 -26.01 6.76
C LEU A 303 -3.67 -25.03 5.64
N VAL A 304 -4.93 -24.89 5.26
CA VAL A 304 -5.31 -23.95 4.20
C VAL A 304 -6.49 -23.13 4.72
N LEU A 305 -6.29 -21.81 4.81
CA LEU A 305 -7.35 -20.94 5.30
C LEU A 305 -7.61 -19.76 4.39
N ALA A 306 -7.17 -19.84 3.13
CA ALA A 306 -7.25 -18.74 2.17
C ALA A 306 -8.67 -18.23 1.97
N ASN A 307 -8.73 -17.00 1.44
CA ASN A 307 -9.99 -16.32 1.08
C ASN A 307 -10.97 -16.35 2.26
N ASN A 308 -10.49 -15.88 3.40
CA ASN A 308 -11.33 -15.59 4.53
C ASN A 308 -10.96 -14.19 5.01
N HIS A 309 -11.96 -13.51 5.56
CA HIS A 309 -11.72 -12.15 6.04
C HIS A 309 -11.09 -12.20 7.41
N LEU A 310 -9.99 -12.96 7.52
CA LEU A 310 -9.20 -12.99 8.74
C LEU A 310 -8.43 -11.69 8.90
N SER A 311 -7.75 -11.58 10.02
CA SER A 311 -7.04 -10.36 10.31
C SER A 311 -5.76 -10.71 11.06
N GLY A 312 -4.88 -9.74 11.12
CA GLY A 312 -3.68 -9.88 11.92
C GLY A 312 -2.45 -10.27 11.14
N SER A 313 -1.51 -10.93 11.78
CA SER A 313 -0.24 -11.17 11.12
C SER A 313 0.41 -12.42 11.68
N LEU A 314 1.42 -12.88 10.98
CA LEU A 314 2.08 -14.11 11.35
C LEU A 314 2.90 -13.89 12.61
N PRO A 315 2.53 -14.51 13.72
CA PRO A 315 3.30 -14.35 14.94
C PRO A 315 4.61 -15.13 14.87
N LYS A 316 5.54 -14.74 15.75
CA LYS A 316 6.82 -15.40 15.77
C LYS A 316 6.76 -16.77 16.43
N SER A 317 5.60 -17.12 17.02
CA SER A 317 5.28 -18.46 17.47
C SER A 317 5.17 -19.46 16.32
N ILE A 318 5.15 -18.98 15.08
CA ILE A 318 4.80 -19.86 13.97
C ILE A 318 5.86 -20.94 13.81
N CYS A 319 5.42 -22.12 13.36
CA CYS A 319 6.26 -23.30 13.25
C CYS A 319 6.91 -23.68 14.57
N SER A 320 6.28 -23.32 15.69
CA SER A 320 6.90 -23.67 16.96
C SER A 320 6.97 -25.18 17.13
N ASN A 321 5.98 -25.91 16.66
CA ASN A 321 5.90 -27.37 16.73
C ASN A 321 5.03 -27.85 15.55
N ASN A 322 5.44 -27.48 14.33
CA ASN A 322 4.74 -27.92 13.13
C ASN A 322 5.57 -28.90 12.29
N THR A 323 6.25 -29.84 12.97
CA THR A 323 7.33 -30.62 12.35
C THR A 323 6.95 -31.31 11.05
N ASN A 324 5.69 -31.74 10.90
CA ASN A 324 5.28 -32.52 9.73
C ASN A 324 4.65 -31.69 8.62
N LEU A 325 4.53 -30.37 8.75
CA LEU A 325 3.64 -29.59 7.90
C LEU A 325 4.16 -29.48 6.47
N GLU A 326 3.31 -29.81 5.52
CA GLU A 326 3.76 -29.82 4.13
C GLU A 326 3.25 -28.66 3.33
N GLN A 327 2.04 -28.18 3.65
CA GLN A 327 1.36 -27.19 2.82
C GLN A 327 0.64 -26.20 3.72
N LEU A 328 1.06 -24.93 3.63
CA LEU A 328 0.50 -23.82 4.38
C LEU A 328 0.00 -22.80 3.38
N VAL A 329 -1.32 -22.57 3.37
CA VAL A 329 -1.93 -21.69 2.39
C VAL A 329 -2.74 -20.65 3.12
N LEU A 330 -2.29 -19.39 3.03
CA LEU A 330 -2.90 -18.26 3.70
C LEU A 330 -3.04 -17.08 2.76
N SER A 331 -3.25 -17.34 1.47
CA SER A 331 -3.47 -16.27 0.49
C SER A 331 -4.85 -15.64 0.69
N GLY A 332 -4.98 -14.38 0.27
CA GLY A 332 -6.25 -13.70 0.37
C GLY A 332 -6.85 -13.64 1.76
N THR A 333 -6.01 -13.65 2.79
CA THR A 333 -6.48 -13.62 4.17
C THR A 333 -6.22 -12.26 4.83
N GLN A 334 -5.91 -11.23 4.05
CA GLN A 334 -5.63 -9.89 4.56
C GLN A 334 -4.56 -9.88 5.64
N LEU A 335 -3.53 -10.72 5.49
CA LEU A 335 -2.47 -10.70 6.48
C LEU A 335 -1.50 -9.55 6.25
N SER A 336 -0.91 -9.08 7.34
CA SER A 336 -0.11 -7.86 7.42
C SER A 336 1.21 -8.20 8.08
N GLY A 337 2.14 -7.25 8.06
CA GLY A 337 3.41 -7.47 8.71
C GLY A 337 4.44 -8.10 7.80
N GLU A 338 5.54 -8.53 8.40
CA GLU A 338 6.62 -9.11 7.62
C GLU A 338 6.56 -10.64 7.65
N ILE A 339 7.34 -11.26 6.79
CA ILE A 339 7.39 -12.73 6.87
C ILE A 339 8.24 -13.11 8.08
N PRO A 340 7.77 -13.97 8.98
CA PRO A 340 8.61 -14.40 10.11
C PRO A 340 9.82 -15.22 9.69
N VAL A 341 10.95 -14.92 10.32
CA VAL A 341 12.12 -15.77 10.17
C VAL A 341 11.83 -17.13 10.80
N GLU A 342 10.95 -17.13 11.80
CA GLU A 342 10.48 -18.34 12.47
C GLU A 342 9.85 -19.35 11.52
N LEU A 343 9.40 -18.91 10.36
CA LEU A 343 8.76 -19.82 9.45
C LEU A 343 9.71 -20.86 8.88
N SER A 344 11.01 -20.70 9.07
CA SER A 344 11.96 -21.68 8.57
C SER A 344 12.12 -22.88 9.47
N LYS A 345 11.46 -22.85 10.63
CA LYS A 345 11.34 -24.03 11.47
C LYS A 345 10.47 -25.11 10.82
N CYS A 346 9.52 -24.77 9.94
CA CYS A 346 8.71 -25.76 9.23
C CYS A 346 9.55 -26.37 8.12
N GLN A 347 10.59 -27.09 8.52
CA GLN A 347 11.60 -27.53 7.57
C GLN A 347 11.05 -28.52 6.55
N SER A 348 9.95 -29.17 6.87
CA SER A 348 9.38 -30.20 6.00
C SER A 348 8.54 -29.65 4.84
N LEU A 349 8.05 -28.42 4.98
CA LEU A 349 7.18 -27.68 4.08
C LEU A 349 7.56 -27.72 2.59
N LYS A 350 6.61 -28.17 1.76
CA LYS A 350 6.70 -28.32 0.32
C LYS A 350 6.02 -27.18 -0.45
N GLN A 351 4.96 -26.60 0.11
CA GLN A 351 4.18 -25.54 -0.55
C GLN A 351 3.78 -24.44 0.41
N LEU A 352 4.25 -23.22 0.13
CA LEU A 352 3.97 -22.02 0.92
C LEU A 352 3.25 -20.99 0.06
N ASP A 353 2.07 -20.61 0.49
CA ASP A 353 1.31 -19.60 -0.24
C ASP A 353 0.89 -18.47 0.68
N LEU A 354 1.49 -17.29 0.49
CA LEU A 354 1.15 -16.12 1.29
C LEU A 354 0.68 -14.98 0.40
N SER A 355 0.30 -15.27 -0.84
CA SER A 355 -0.03 -14.29 -1.87
C SER A 355 -1.32 -13.52 -1.55
N ASN A 356 -1.57 -12.49 -2.34
CA ASN A 356 -2.83 -11.74 -2.27
C ASN A 356 -3.06 -11.21 -0.85
N ASN A 357 -1.98 -10.89 -0.14
CA ASN A 357 -2.06 -10.26 1.18
C ASN A 357 -1.38 -8.87 1.19
N SER A 358 -1.25 -8.32 2.38
CA SER A 358 -0.61 -7.02 2.60
C SER A 358 0.73 -7.14 3.33
N LEU A 359 1.51 -8.18 3.01
CA LEU A 359 2.80 -8.40 3.63
C LEU A 359 3.87 -7.40 3.17
N ALA A 360 4.80 -7.09 4.08
CA ALA A 360 5.80 -6.05 3.83
C ALA A 360 7.18 -6.55 4.23
N GLY A 361 8.16 -5.70 3.95
CA GLY A 361 9.53 -6.01 4.30
C GLY A 361 10.25 -6.82 3.24
N SER A 362 11.35 -7.40 3.66
CA SER A 362 12.14 -8.22 2.77
C SER A 362 11.70 -9.67 2.88
N ILE A 363 12.11 -10.47 1.89
CA ILE A 363 12.06 -11.92 2.01
C ILE A 363 13.17 -12.36 2.97
N PRO A 364 12.84 -13.01 4.09
CA PRO A 364 13.89 -13.42 5.04
C PRO A 364 14.86 -14.40 4.40
N GLU A 365 16.15 -14.19 4.69
CA GLU A 365 17.16 -15.13 4.24
C GLU A 365 16.93 -16.53 4.79
N ALA A 366 16.27 -16.65 5.95
CA ALA A 366 16.01 -17.98 6.53
C ALA A 366 15.04 -18.81 5.72
N LEU A 367 14.29 -18.19 4.82
CA LEU A 367 13.26 -18.96 4.15
C LEU A 367 13.82 -19.83 3.03
N PHE A 368 15.08 -19.64 2.68
CA PHE A 368 15.74 -20.59 1.80
C PHE A 368 16.39 -21.72 2.58
N GLU A 369 16.11 -21.82 3.88
CA GLU A 369 16.32 -23.05 4.62
C GLU A 369 15.25 -24.11 4.36
N LEU A 370 14.14 -23.75 3.69
CA LEU A 370 13.02 -24.65 3.45
C LEU A 370 13.25 -25.53 2.23
N VAL A 371 14.33 -26.31 2.29
CA VAL A 371 14.86 -27.00 1.13
C VAL A 371 13.88 -28.01 0.50
N GLU A 372 12.77 -28.38 1.18
CA GLU A 372 11.82 -29.28 0.51
C GLU A 372 10.75 -28.57 -0.34
N LEU A 373 10.78 -27.23 -0.45
CA LEU A 373 9.73 -26.48 -1.15
C LEU A 373 9.70 -26.85 -2.61
N THR A 374 8.49 -27.07 -3.14
CA THR A 374 8.25 -27.19 -4.58
C THR A 374 7.57 -25.96 -5.13
N ASP A 375 6.74 -25.30 -4.31
CA ASP A 375 6.01 -24.08 -4.68
C ASP A 375 6.17 -22.99 -3.64
N LEU A 376 6.53 -21.78 -4.11
CA LEU A 376 6.68 -20.57 -3.29
C LEU A 376 5.82 -19.49 -3.92
N TYR A 377 4.80 -19.07 -3.19
CA TYR A 377 3.88 -18.04 -3.66
C TYR A 377 3.97 -16.83 -2.74
N LEU A 378 4.54 -15.74 -3.25
CA LEU A 378 4.63 -14.50 -2.49
C LEU A 378 4.01 -13.33 -3.24
N HIS A 379 3.28 -13.59 -4.33
CA HIS A 379 2.88 -12.52 -5.25
C HIS A 379 1.74 -11.67 -4.68
N ASN A 380 1.58 -10.46 -5.26
CA ASN A 380 0.50 -9.52 -4.89
C ASN A 380 0.57 -9.16 -3.41
N ASN A 381 1.77 -8.83 -2.93
CA ASN A 381 2.00 -8.26 -1.60
C ASN A 381 2.67 -6.91 -1.84
N THR A 382 3.28 -6.36 -0.79
CA THR A 382 4.05 -5.12 -0.91
C THR A 382 5.55 -5.35 -0.70
N LEU A 383 6.03 -6.59 -0.78
CA LEU A 383 7.40 -6.97 -0.40
C LEU A 383 8.48 -6.19 -1.14
N GLU A 384 9.48 -5.75 -0.40
CA GLU A 384 10.64 -5.06 -0.98
C GLU A 384 11.90 -5.87 -0.73
N GLY A 385 12.98 -5.44 -1.33
CA GLY A 385 14.22 -6.09 -1.00
C GLY A 385 14.85 -6.65 -2.24
N THR A 386 15.56 -7.74 -2.08
CA THR A 386 16.26 -8.33 -3.20
C THR A 386 15.91 -9.81 -3.19
N LEU A 387 16.13 -10.46 -4.31
CA LEU A 387 15.94 -11.90 -4.38
C LEU A 387 17.28 -12.52 -4.10
N SER A 388 17.34 -13.34 -3.04
CA SER A 388 18.65 -13.79 -2.60
C SER A 388 19.20 -14.89 -3.51
N PRO A 389 20.52 -14.93 -3.68
CA PRO A 389 21.11 -16.05 -4.44
C PRO A 389 20.95 -17.37 -3.73
N SER A 390 20.59 -17.35 -2.45
CA SER A 390 20.20 -18.55 -1.74
C SER A 390 19.05 -19.30 -2.40
N ILE A 391 18.40 -18.75 -3.43
CA ILE A 391 17.28 -19.47 -4.06
C ILE A 391 17.73 -20.83 -4.64
N SER A 392 19.02 -20.99 -4.98
CA SER A 392 19.53 -22.30 -5.38
C SER A 392 19.25 -23.39 -4.34
N ASN A 393 19.21 -23.07 -3.05
CA ASN A 393 19.03 -24.14 -2.07
C ASN A 393 17.67 -24.83 -2.21
N LEU A 394 16.65 -24.12 -2.70
CA LEU A 394 15.35 -24.74 -2.92
C LEU A 394 15.37 -25.55 -4.21
N THR A 395 16.32 -26.48 -4.29
CA THR A 395 16.56 -27.27 -5.49
C THR A 395 15.33 -28.02 -6.00
N ASN A 396 14.29 -28.20 -5.17
CA ASN A 396 13.09 -28.91 -5.64
C ASN A 396 11.99 -27.98 -6.17
N LEU A 397 12.25 -26.68 -6.24
CA LEU A 397 11.23 -25.70 -6.57
C LEU A 397 10.79 -25.85 -8.02
N GLN A 398 9.47 -25.90 -8.23
CA GLN A 398 8.88 -25.92 -9.56
C GLN A 398 8.14 -24.64 -9.92
N TRP A 399 7.37 -24.04 -9.00
CA TRP A 399 6.72 -22.74 -9.21
C TRP A 399 7.27 -21.68 -8.28
N LEU A 400 7.93 -20.66 -8.83
CA LEU A 400 8.36 -19.49 -8.07
C LEU A 400 7.58 -18.25 -8.54
N VAL A 401 6.76 -17.69 -7.66
CA VAL A 401 5.76 -16.70 -8.08
C VAL A 401 5.86 -15.46 -7.18
N LEU A 402 6.40 -14.37 -7.72
CA LEU A 402 6.68 -13.18 -6.95
C LEU A 402 6.08 -11.91 -7.52
N TYR A 403 5.14 -11.98 -8.46
CA TYR A 403 4.71 -10.80 -9.21
C TYR A 403 3.92 -9.80 -8.37
N HIS A 404 3.92 -8.55 -8.84
CA HIS A 404 3.19 -7.47 -8.20
C HIS A 404 3.68 -7.23 -6.76
N ASN A 405 4.99 -7.27 -6.57
CA ASN A 405 5.65 -6.81 -5.33
C ASN A 405 6.55 -5.65 -5.72
N ASN A 406 7.25 -5.08 -4.72
CA ASN A 406 8.24 -4.06 -5.10
C ASN A 406 9.69 -4.51 -4.86
N LEU A 407 9.97 -5.78 -5.17
CA LEU A 407 11.34 -6.30 -5.21
C LEU A 407 12.21 -5.57 -6.23
N GLU A 408 13.49 -5.46 -5.91
CA GLU A 408 14.45 -4.81 -6.79
C GLU A 408 15.75 -5.62 -6.89
N GLY A 409 16.69 -5.02 -7.64
CA GLY A 409 18.04 -5.53 -7.81
C GLY A 409 18.18 -6.53 -8.95
N LYS A 410 19.42 -7.01 -9.09
CA LYS A 410 19.68 -8.00 -10.11
C LYS A 410 19.05 -9.33 -9.70
N LEU A 411 18.89 -10.13 -10.65
CA LEU A 411 18.31 -11.44 -10.46
C LEU A 411 19.42 -12.46 -10.33
N PRO A 412 19.41 -13.31 -9.30
CA PRO A 412 20.58 -14.15 -9.00
C PRO A 412 20.96 -15.06 -10.17
N LYS A 413 22.27 -15.18 -10.42
CA LYS A 413 22.74 -16.14 -11.41
C LYS A 413 22.59 -17.57 -10.90
N GLU A 414 22.46 -17.69 -9.58
CA GLU A 414 22.11 -18.93 -8.91
C GLU A 414 20.73 -19.47 -9.30
N ILE A 415 19.86 -18.65 -9.90
CA ILE A 415 18.56 -19.16 -10.34
C ILE A 415 18.73 -20.30 -11.32
N SER A 416 19.92 -20.41 -11.91
CA SER A 416 20.21 -21.43 -12.89
C SER A 416 20.47 -22.82 -12.31
N ALA A 417 20.60 -22.96 -10.99
CA ALA A 417 20.73 -24.27 -10.35
C ALA A 417 19.39 -24.99 -10.22
N LEU A 418 18.29 -24.30 -10.46
CA LEU A 418 16.97 -24.88 -10.27
C LEU A 418 16.54 -25.71 -11.49
N ARG A 419 17.12 -26.92 -11.61
CA ARG A 419 16.83 -27.76 -12.79
C ARG A 419 15.40 -28.29 -12.86
N LYS A 420 14.66 -28.32 -11.77
CA LYS A 420 13.24 -28.70 -11.80
C LYS A 420 12.27 -27.52 -11.94
N LEU A 421 12.74 -26.28 -12.07
CA LEU A 421 11.86 -25.11 -12.09
C LEU A 421 10.99 -25.11 -13.35
N GLU A 422 9.68 -24.92 -13.18
CA GLU A 422 8.75 -24.89 -14.30
C GLU A 422 8.12 -23.52 -14.58
N VAL A 423 7.83 -22.74 -13.56
CA VAL A 423 7.18 -21.45 -13.75
C VAL A 423 7.97 -20.40 -12.98
N LEU A 424 8.29 -19.29 -13.64
CA LEU A 424 9.06 -18.18 -13.05
C LEU A 424 8.27 -16.90 -13.32
N PHE A 425 7.46 -16.47 -12.34
CA PHE A 425 6.66 -15.25 -12.42
C PHE A 425 7.26 -14.12 -11.58
N LEU A 426 7.96 -13.20 -12.22
CA LEU A 426 8.55 -12.07 -11.53
C LEU A 426 7.96 -10.74 -11.98
N TYR A 427 6.85 -10.76 -12.70
CA TYR A 427 6.44 -9.54 -13.37
C TYR A 427 5.97 -8.50 -12.35
N GLU A 428 6.04 -7.22 -12.77
CA GLU A 428 5.54 -6.07 -12.02
C GLU A 428 6.29 -5.86 -10.71
N ASN A 429 7.58 -6.12 -10.75
CA ASN A 429 8.57 -5.70 -9.78
C ASN A 429 9.52 -4.66 -10.38
N ARG A 430 10.60 -4.34 -9.67
CA ARG A 430 11.61 -3.40 -10.13
C ARG A 430 12.93 -4.09 -10.39
N PHE A 431 12.91 -5.34 -10.84
CA PHE A 431 14.20 -6.00 -11.07
C PHE A 431 14.99 -5.27 -12.15
N SER A 432 16.29 -5.51 -12.15
CA SER A 432 17.22 -4.72 -12.93
C SER A 432 18.36 -5.60 -13.43
N GLY A 433 19.21 -5.02 -14.30
CA GLY A 433 20.37 -5.75 -14.77
C GLY A 433 20.02 -6.82 -15.79
N GLU A 434 21.03 -7.63 -16.13
CA GLU A 434 20.91 -8.70 -17.13
C GLU A 434 20.02 -9.83 -16.62
N ILE A 435 19.39 -10.54 -17.56
CA ILE A 435 18.80 -11.84 -17.27
C ILE A 435 19.98 -12.79 -17.29
N PRO A 436 20.01 -13.78 -16.41
CA PRO A 436 21.23 -14.61 -16.26
C PRO A 436 21.51 -15.45 -17.51
N GLN A 437 22.76 -15.37 -18.00
CA GLN A 437 23.11 -16.04 -19.24
C GLN A 437 22.92 -17.55 -19.10
N GLU A 438 23.05 -18.06 -17.90
CA GLU A 438 22.83 -19.47 -17.61
C GLU A 438 21.34 -19.84 -17.44
N ILE A 439 20.40 -18.92 -17.69
CA ILE A 439 18.96 -19.21 -17.49
C ILE A 439 18.52 -20.50 -18.19
N GLY A 440 19.12 -20.83 -19.33
CA GLY A 440 18.81 -22.07 -20.02
C GLY A 440 19.12 -23.35 -19.23
N ASN A 441 19.82 -23.27 -18.09
CA ASN A 441 20.00 -24.45 -17.26
C ASN A 441 18.70 -24.95 -16.64
N CYS A 442 17.67 -24.11 -16.52
CA CYS A 442 16.40 -24.50 -15.88
C CYS A 442 15.47 -25.21 -16.86
N THR A 443 15.99 -26.30 -17.43
CA THR A 443 15.41 -26.92 -18.62
C THR A 443 13.92 -27.22 -18.50
N SER A 444 13.44 -27.48 -17.29
CA SER A 444 12.03 -27.78 -17.06
C SER A 444 11.06 -26.62 -17.34
N LEU A 445 11.55 -25.40 -17.60
CA LEU A 445 10.71 -24.21 -17.55
C LEU A 445 9.64 -24.24 -18.63
N LYS A 446 8.39 -24.04 -18.22
CA LYS A 446 7.31 -23.94 -19.19
C LYS A 446 6.76 -22.53 -19.34
N MET A 447 6.88 -21.68 -18.32
CA MET A 447 6.43 -20.28 -18.41
C MET A 447 7.39 -19.34 -17.71
N ILE A 448 7.78 -18.30 -18.44
CA ILE A 448 8.63 -17.22 -17.93
C ILE A 448 7.88 -15.91 -18.19
N ASP A 449 7.56 -15.18 -17.11
CA ASP A 449 6.98 -13.84 -17.23
C ASP A 449 7.73 -12.85 -16.34
N MET A 450 8.30 -11.82 -16.98
CA MET A 450 9.12 -10.81 -16.32
C MET A 450 8.66 -9.41 -16.72
N PHE A 451 7.41 -9.28 -17.14
CA PHE A 451 6.91 -8.03 -17.68
C PHE A 451 6.99 -6.90 -16.66
N GLY A 452 7.26 -5.67 -17.14
CA GLY A 452 7.23 -4.53 -16.26
C GLY A 452 8.42 -4.31 -15.35
N ASN A 453 9.51 -5.03 -15.55
CA ASN A 453 10.70 -4.79 -14.74
C ASN A 453 11.61 -3.78 -15.44
N HIS A 454 12.86 -3.73 -15.04
CA HIS A 454 13.84 -2.87 -15.69
C HIS A 454 15.06 -3.66 -16.12
N PHE A 455 14.82 -4.87 -16.61
CA PHE A 455 15.89 -5.71 -17.13
C PHE A 455 16.60 -5.07 -18.33
N GLU A 456 17.92 -5.25 -18.40
CA GLU A 456 18.70 -4.60 -19.44
C GLU A 456 19.67 -5.61 -20.03
N GLY A 457 20.20 -5.24 -21.19
CA GLY A 457 21.09 -6.11 -21.93
C GLY A 457 20.32 -7.03 -22.85
N GLU A 458 21.04 -8.05 -23.35
CA GLU A 458 20.54 -8.94 -24.38
C GLU A 458 19.63 -10.02 -23.79
N ILE A 459 18.85 -10.62 -24.67
CA ILE A 459 18.09 -11.81 -24.29
C ILE A 459 19.01 -13.02 -24.37
N PRO A 460 19.08 -13.84 -23.33
CA PRO A 460 20.02 -14.96 -23.33
C PRO A 460 19.74 -15.95 -24.46
N PRO A 461 20.73 -16.21 -25.31
CA PRO A 461 20.61 -17.33 -26.23
C PRO A 461 20.39 -18.66 -25.53
N SER A 462 20.91 -18.84 -24.32
CA SER A 462 20.62 -20.05 -23.56
C SER A 462 19.13 -20.39 -23.52
N ILE A 463 18.26 -19.40 -23.73
CA ILE A 463 16.83 -19.69 -23.64
C ILE A 463 16.42 -20.76 -24.64
N GLY A 464 17.10 -20.85 -25.78
CA GLY A 464 16.80 -21.88 -26.77
C GLY A 464 17.00 -23.31 -26.30
N ARG A 465 17.65 -23.51 -25.16
CA ARG A 465 17.65 -24.81 -24.49
C ARG A 465 16.29 -25.19 -23.90
N LEU A 466 15.36 -24.26 -23.73
CA LEU A 466 14.14 -24.52 -22.96
C LEU A 466 13.05 -25.10 -23.86
N LYS A 467 13.19 -26.40 -24.15
CA LYS A 467 12.26 -27.08 -25.04
C LYS A 467 10.84 -27.08 -24.52
N GLU A 468 10.66 -27.11 -23.20
CA GLU A 468 9.32 -27.15 -22.62
C GLU A 468 8.61 -25.80 -22.64
N LEU A 469 9.32 -24.71 -22.90
CA LEU A 469 8.79 -23.34 -22.82
C LEU A 469 7.57 -23.02 -23.70
N ASN A 470 6.40 -22.82 -23.10
CA ASN A 470 5.23 -22.49 -23.87
C ASN A 470 4.83 -21.02 -23.75
N LEU A 471 5.38 -20.28 -22.79
CA LEU A 471 5.11 -18.85 -22.66
C LEU A 471 6.41 -18.11 -22.38
N LEU A 472 6.71 -17.09 -23.18
CA LEU A 472 7.81 -16.19 -22.90
C LEU A 472 7.35 -14.74 -23.00
N HIS A 473 7.46 -14.01 -21.90
CA HIS A 473 6.89 -12.66 -21.79
C HIS A 473 7.91 -11.72 -21.13
N LEU A 474 8.65 -10.94 -21.93
CA LEU A 474 9.65 -10.02 -21.41
C LEU A 474 9.27 -8.56 -21.63
N ARG A 475 8.00 -8.29 -21.87
CA ARG A 475 7.53 -7.00 -22.35
C ARG A 475 7.67 -5.91 -21.29
N GLN A 476 7.87 -4.67 -21.77
CA GLN A 476 8.04 -3.47 -20.95
C GLN A 476 9.35 -3.50 -20.17
N ASN A 477 10.36 -4.16 -20.70
CA ASN A 477 11.66 -4.00 -20.07
C ASN A 477 12.53 -3.06 -20.88
N GLU A 478 13.83 -3.16 -20.70
CA GLU A 478 14.79 -2.27 -21.31
C GLU A 478 15.81 -3.06 -22.10
N LEU A 479 15.38 -4.16 -22.72
CA LEU A 479 16.33 -5.07 -23.30
C LEU A 479 16.77 -4.57 -24.65
N VAL A 480 17.99 -4.92 -25.03
CA VAL A 480 18.65 -4.32 -26.17
C VAL A 480 19.29 -5.43 -27.01
N GLY A 481 19.64 -5.12 -28.25
CA GLY A 481 20.29 -6.09 -29.09
C GLY A 481 19.29 -7.02 -29.78
N GLY A 482 19.82 -8.06 -30.44
CA GLY A 482 19.01 -8.83 -31.36
C GLY A 482 18.01 -9.76 -30.70
N LEU A 483 17.08 -10.26 -31.54
CA LEU A 483 16.27 -11.42 -31.16
C LEU A 483 17.10 -12.67 -31.41
N PRO A 484 17.33 -13.51 -30.40
CA PRO A 484 18.27 -14.63 -30.59
C PRO A 484 17.65 -15.72 -31.46
N ALA A 485 18.41 -16.11 -32.49
CA ALA A 485 17.95 -17.18 -33.36
C ALA A 485 17.68 -18.45 -32.59
N SER A 486 18.44 -18.69 -31.52
CA SER A 486 18.20 -19.86 -30.67
C SER A 486 16.73 -20.01 -30.25
N LEU A 487 15.95 -18.93 -30.22
CA LEU A 487 14.57 -19.09 -29.73
C LEU A 487 13.73 -19.93 -30.68
N GLY A 488 14.15 -20.05 -31.93
CA GLY A 488 13.48 -20.95 -32.86
C GLY A 488 13.51 -22.40 -32.41
N ASN A 489 14.25 -22.71 -31.37
CA ASN A 489 14.27 -24.08 -30.88
C ASN A 489 13.22 -24.34 -29.80
N CYS A 490 12.48 -23.31 -29.37
CA CYS A 490 11.45 -23.47 -28.33
C CYS A 490 10.09 -23.82 -28.94
N HIS A 491 10.04 -25.04 -29.53
CA HIS A 491 8.97 -25.41 -30.44
C HIS A 491 7.60 -25.40 -29.82
N GLN A 492 7.49 -25.45 -28.50
CA GLN A 492 6.18 -25.51 -27.90
C GLN A 492 5.60 -24.14 -27.49
N LEU A 493 6.25 -23.03 -27.89
CA LEU A 493 5.78 -21.68 -27.56
C LEU A 493 4.37 -21.41 -28.09
N ASN A 494 3.47 -21.02 -27.18
CA ASN A 494 2.15 -20.50 -27.56
C ASN A 494 2.12 -18.98 -27.61
N ILE A 495 2.77 -18.30 -26.66
CA ILE A 495 2.80 -16.85 -26.61
C ILE A 495 4.23 -16.36 -26.48
N LEU A 496 4.68 -15.57 -27.45
CA LEU A 496 5.97 -14.91 -27.39
C LEU A 496 5.73 -13.41 -27.45
N ASP A 497 6.11 -12.72 -26.37
CA ASP A 497 5.80 -11.30 -26.20
C ASP A 497 7.06 -10.59 -25.70
N LEU A 498 7.72 -9.88 -26.62
CA LEU A 498 8.94 -9.13 -26.34
C LEU A 498 8.71 -7.67 -26.63
N ALA A 499 7.44 -7.24 -26.63
CA ALA A 499 7.06 -5.88 -26.98
C ALA A 499 7.63 -4.89 -25.99
N ASP A 500 7.59 -3.62 -26.39
CA ASP A 500 7.96 -2.50 -25.54
C ASP A 500 9.34 -2.74 -24.95
N ASN A 501 10.29 -2.94 -25.87
CA ASN A 501 11.68 -3.01 -25.46
C ASN A 501 12.51 -2.06 -26.32
N GLN A 502 13.76 -2.44 -26.57
CA GLN A 502 14.74 -1.70 -27.37
C GLN A 502 15.48 -2.63 -28.30
N LEU A 503 14.76 -3.65 -28.80
CA LEU A 503 15.38 -4.70 -29.62
C LEU A 503 15.63 -4.19 -31.03
N SER A 504 16.66 -4.73 -31.65
CA SER A 504 17.20 -4.26 -32.93
C SER A 504 17.44 -5.48 -33.80
N GLY A 505 17.78 -5.22 -35.05
CA GLY A 505 18.07 -6.29 -35.98
C GLY A 505 16.83 -6.92 -36.56
N SER A 506 17.04 -7.97 -37.35
CA SER A 506 15.93 -8.60 -38.06
C SER A 506 15.31 -9.70 -37.23
N ILE A 507 14.10 -10.10 -37.63
CA ILE A 507 13.51 -11.34 -37.11
C ILE A 507 14.20 -12.53 -37.76
N PRO A 508 14.70 -13.50 -36.99
CA PRO A 508 15.48 -14.58 -37.60
C PRO A 508 14.59 -15.64 -38.21
N SER A 509 15.08 -16.25 -39.30
CA SER A 509 14.21 -17.16 -40.05
C SER A 509 13.93 -18.42 -39.28
N SER A 510 14.73 -18.69 -38.25
CA SER A 510 14.44 -19.74 -37.30
C SER A 510 13.11 -19.55 -36.59
N PHE A 511 12.48 -18.37 -36.62
CA PHE A 511 11.19 -18.28 -35.95
C PHE A 511 10.13 -19.07 -36.71
N GLY A 512 10.39 -19.38 -37.98
CA GLY A 512 9.50 -20.25 -38.75
C GLY A 512 9.31 -21.60 -38.13
N PHE A 513 10.19 -21.99 -37.21
CA PHE A 513 10.06 -23.27 -36.53
C PHE A 513 9.10 -23.24 -35.35
N LEU A 514 8.48 -22.10 -35.03
CA LEU A 514 7.51 -22.05 -33.92
C LEU A 514 6.09 -22.40 -34.39
N LYS A 515 5.93 -23.64 -34.89
CA LYS A 515 4.73 -23.97 -35.66
C LYS A 515 3.46 -23.93 -34.84
N GLY A 516 3.55 -24.02 -33.52
CA GLY A 516 2.41 -23.93 -32.64
C GLY A 516 2.13 -22.60 -31.99
N LEU A 517 2.83 -21.54 -32.40
CA LEU A 517 2.71 -20.24 -31.75
C LEU A 517 1.37 -19.59 -32.08
N GLU A 518 0.63 -19.15 -31.05
CA GLU A 518 -0.63 -18.44 -31.28
C GLU A 518 -0.55 -16.90 -31.13
N GLN A 519 0.37 -16.34 -30.30
CA GLN A 519 0.44 -14.88 -30.14
C GLN A 519 1.87 -14.40 -30.30
N LEU A 520 2.08 -13.38 -31.12
CA LEU A 520 3.42 -12.86 -31.40
C LEU A 520 3.37 -11.35 -31.25
N MET A 521 3.90 -10.84 -30.16
CA MET A 521 3.90 -9.41 -29.90
C MET A 521 5.33 -8.92 -29.88
N LEU A 522 5.65 -8.01 -30.78
CA LEU A 522 6.99 -7.48 -30.89
C LEU A 522 6.97 -5.96 -31.01
N TYR A 523 5.82 -5.33 -30.74
CA TYR A 523 5.60 -3.94 -31.07
C TYR A 523 6.46 -3.03 -30.18
N ASN A 524 6.53 -1.76 -30.57
CA ASN A 524 7.36 -0.77 -29.88
C ASN A 524 8.79 -1.28 -29.69
N ASN A 525 9.46 -1.56 -30.80
CA ASN A 525 10.89 -1.91 -30.76
C ASN A 525 11.59 -1.19 -31.91
N SER A 526 12.78 -1.68 -32.24
CA SER A 526 13.60 -1.18 -33.34
C SER A 526 13.99 -2.32 -34.28
N LEU A 527 13.08 -3.27 -34.50
CA LEU A 527 13.35 -4.34 -35.44
C LEU A 527 13.28 -3.82 -36.88
N GLN A 528 14.09 -4.41 -37.75
CA GLN A 528 14.32 -3.87 -39.09
C GLN A 528 14.32 -5.01 -40.09
N GLY A 529 14.32 -4.63 -41.38
CA GLY A 529 14.48 -5.57 -42.48
C GLY A 529 13.22 -6.36 -42.82
N ASN A 530 13.38 -7.24 -43.82
CA ASN A 530 12.30 -8.09 -44.31
C ASN A 530 11.85 -9.07 -43.23
N LEU A 531 10.58 -9.45 -43.28
CA LEU A 531 10.19 -10.68 -42.58
C LEU A 531 10.76 -11.88 -43.33
N PRO A 532 11.23 -12.90 -42.62
CA PRO A 532 11.70 -14.10 -43.31
C PRO A 532 10.55 -14.90 -43.91
N ASP A 533 10.79 -15.44 -45.11
CA ASP A 533 9.75 -16.20 -45.79
C ASP A 533 9.25 -17.34 -44.94
N SER A 534 10.05 -17.78 -43.98
CA SER A 534 9.66 -18.91 -43.15
C SER A 534 8.45 -18.63 -42.28
N LEU A 535 8.09 -17.36 -42.06
CA LEU A 535 6.97 -17.11 -41.14
C LEU A 535 5.65 -17.62 -41.70
N ILE A 536 5.63 -18.00 -42.97
CA ILE A 536 4.47 -18.60 -43.59
C ILE A 536 4.09 -19.88 -42.86
N SER A 537 5.04 -20.56 -42.22
CA SER A 537 4.75 -21.78 -41.47
C SER A 537 3.95 -21.54 -40.18
N LEU A 538 3.77 -20.30 -39.75
CA LEU A 538 3.07 -20.00 -38.48
C LEU A 538 1.55 -20.09 -38.63
N ARG A 539 0.99 -21.19 -39.17
CA ARG A 539 -0.42 -21.16 -39.53
C ARG A 539 -1.38 -21.30 -38.33
N ASN A 540 -0.92 -21.27 -37.08
CA ASN A 540 -1.84 -21.27 -35.94
C ASN A 540 -1.99 -19.91 -35.28
N LEU A 541 -1.38 -18.87 -35.86
CA LEU A 541 -1.39 -17.53 -35.27
C LEU A 541 -2.78 -16.95 -35.05
N THR A 542 -2.92 -16.30 -33.91
CA THR A 542 -4.18 -15.78 -33.40
C THR A 542 -4.14 -14.28 -33.17
N ARG A 543 -3.05 -13.77 -32.63
CA ARG A 543 -2.86 -12.34 -32.50
C ARG A 543 -1.43 -12.00 -32.85
N ILE A 544 -1.27 -11.03 -33.71
CA ILE A 544 0.04 -10.49 -34.03
C ILE A 544 -0.01 -8.99 -33.83
N ASN A 545 1.12 -8.44 -33.38
CA ASN A 545 1.27 -7.00 -33.24
C ASN A 545 2.76 -6.71 -33.40
N LEU A 546 3.11 -6.18 -34.57
CA LEU A 546 4.46 -5.78 -34.91
C LEU A 546 4.58 -4.28 -34.99
N SER A 547 3.60 -3.57 -34.43
CA SER A 547 3.51 -2.13 -34.71
C SER A 547 4.73 -1.39 -34.19
N HIS A 548 4.99 -0.26 -34.82
CA HIS A 548 6.01 0.66 -34.35
C HIS A 548 7.38 -0.03 -34.30
N ASN A 549 7.79 -0.46 -35.49
CA ASN A 549 9.12 -1.02 -35.71
C ASN A 549 9.62 -0.38 -36.99
N ARG A 550 10.69 -0.95 -37.55
CA ARG A 550 11.25 -0.49 -38.82
C ARG A 550 11.34 -1.64 -39.82
N LEU A 551 10.36 -2.55 -39.80
CA LEU A 551 10.33 -3.66 -40.74
C LEU A 551 9.91 -3.22 -42.12
N ASN A 552 10.44 -3.89 -43.14
CA ASN A 552 10.08 -3.60 -44.51
C ASN A 552 9.87 -4.94 -45.25
N GLY A 553 9.87 -4.90 -46.57
CA GLY A 553 9.43 -6.04 -47.34
C GLY A 553 7.90 -6.23 -47.26
N THR A 554 7.45 -7.39 -47.69
CA THR A 554 6.02 -7.59 -47.79
C THR A 554 5.49 -8.31 -46.56
N ILE A 555 4.20 -8.11 -46.27
CA ILE A 555 3.57 -8.78 -45.13
C ILE A 555 3.00 -10.14 -45.50
N HIS A 556 3.19 -10.60 -46.73
CA HIS A 556 2.69 -11.90 -47.14
C HIS A 556 3.06 -13.03 -46.19
N PRO A 557 4.28 -13.12 -45.66
CA PRO A 557 4.60 -14.24 -44.76
C PRO A 557 3.75 -14.34 -43.50
N LEU A 558 2.97 -13.31 -43.13
CA LEU A 558 2.13 -13.40 -41.94
C LEU A 558 0.74 -14.00 -42.19
N CYS A 559 0.33 -14.14 -43.45
CA CYS A 559 -1.03 -14.58 -43.79
C CYS A 559 -1.10 -16.08 -44.09
N GLY A 560 -0.04 -16.82 -43.76
CA GLY A 560 -0.12 -18.25 -43.76
C GLY A 560 -1.08 -18.80 -42.74
N SER A 561 -1.48 -17.99 -41.79
CA SER A 561 -2.48 -18.39 -40.83
C SER A 561 -3.84 -17.86 -41.23
N SER A 562 -4.85 -18.67 -40.99
CA SER A 562 -6.23 -18.23 -40.93
C SER A 562 -6.48 -18.04 -39.45
N SER A 563 -7.73 -17.88 -39.05
CA SER A 563 -8.01 -17.74 -37.61
C SER A 563 -7.19 -16.64 -36.93
N TYR A 564 -6.95 -15.51 -37.58
CA TYR A 564 -6.52 -14.32 -36.85
C TYR A 564 -7.69 -13.73 -36.05
N LEU A 565 -7.38 -13.15 -34.90
CA LEU A 565 -8.35 -12.32 -34.21
C LEU A 565 -8.02 -10.84 -34.29
N SER A 566 -6.75 -10.49 -34.16
CA SER A 566 -6.30 -9.12 -34.33
C SER A 566 -4.94 -9.13 -35.01
N PHE A 567 -4.78 -8.25 -35.99
CA PHE A 567 -3.61 -8.19 -36.86
C PHE A 567 -3.19 -6.72 -36.94
N ASP A 568 -2.06 -6.37 -36.30
CA ASP A 568 -1.57 -5.00 -36.16
C ASP A 568 -0.12 -4.89 -36.62
N VAL A 569 0.15 -3.99 -37.57
CA VAL A 569 1.51 -3.71 -38.05
C VAL A 569 1.68 -2.21 -38.23
N THR A 570 0.85 -1.45 -37.52
CA THR A 570 0.81 -0.02 -37.72
C THR A 570 2.21 0.56 -37.63
N ASN A 571 2.49 1.57 -38.46
CA ASN A 571 3.71 2.33 -38.35
C ASN A 571 4.95 1.45 -38.58
N ASN A 572 5.08 0.98 -39.80
CA ASN A 572 6.26 0.25 -40.25
C ASN A 572 6.56 0.68 -41.68
N GLY A 573 7.42 -0.09 -42.37
CA GLY A 573 7.82 0.23 -43.72
C GLY A 573 7.50 -0.90 -44.67
N PHE A 574 6.37 -1.56 -44.42
CA PHE A 574 5.92 -2.66 -45.27
C PHE A 574 5.44 -2.19 -46.63
N GLU A 575 5.84 -2.90 -47.68
CA GLU A 575 5.66 -2.50 -49.06
C GLU A 575 4.85 -3.54 -49.84
N ASP A 576 4.56 -3.20 -51.09
CA ASP A 576 3.74 -3.98 -52.04
C ASP A 576 2.28 -4.08 -51.62
N GLU A 577 1.55 -5.05 -52.17
CA GLU A 577 0.10 -5.17 -52.04
C GLU A 577 -0.34 -5.84 -50.74
N ILE A 578 -1.54 -5.48 -50.28
CA ILE A 578 -2.14 -6.14 -49.09
C ILE A 578 -2.60 -7.53 -49.48
N PRO A 579 -2.19 -8.58 -48.76
CA PRO A 579 -2.54 -9.94 -49.18
C PRO A 579 -4.03 -10.22 -49.08
N LEU A 580 -4.59 -10.75 -50.19
CA LEU A 580 -5.99 -11.15 -50.17
C LEU A 580 -6.23 -12.26 -49.18
N GLU A 581 -5.18 -13.00 -48.83
CA GLU A 581 -5.26 -14.06 -47.84
C GLU A 581 -5.67 -13.58 -46.44
N LEU A 582 -5.67 -12.26 -46.17
CA LEU A 582 -6.18 -11.85 -44.86
C LEU A 582 -7.64 -12.22 -44.72
N GLY A 583 -8.34 -12.35 -45.85
CA GLY A 583 -9.72 -12.77 -45.81
C GLY A 583 -9.90 -14.14 -45.19
N ASN A 584 -8.82 -14.91 -45.06
CA ASN A 584 -8.96 -16.27 -44.56
C ASN A 584 -9.36 -16.30 -43.08
N SER A 585 -9.20 -15.20 -42.37
CA SER A 585 -9.44 -15.17 -40.92
C SER A 585 -10.86 -14.60 -40.72
N GLN A 586 -11.87 -15.49 -40.80
CA GLN A 586 -13.26 -15.04 -40.63
C GLN A 586 -13.46 -14.29 -39.33
N ASN A 587 -12.66 -14.62 -38.31
CA ASN A 587 -12.86 -14.09 -36.98
C ASN A 587 -11.95 -12.92 -36.63
N LEU A 588 -11.38 -12.26 -37.64
CA LEU A 588 -10.50 -11.11 -37.44
C LEU A 588 -11.33 -9.89 -37.01
N ASP A 589 -11.16 -9.49 -35.74
CA ASP A 589 -11.91 -8.38 -35.16
C ASP A 589 -11.29 -7.05 -35.55
N ARG A 590 -9.95 -6.96 -35.56
CA ARG A 590 -9.27 -5.68 -35.71
C ARG A 590 -8.10 -5.81 -36.67
N LEU A 591 -8.17 -5.04 -37.75
CA LEU A 591 -7.13 -5.06 -38.77
C LEU A 591 -6.50 -3.67 -38.84
N ARG A 592 -5.21 -3.57 -38.54
CA ARG A 592 -4.51 -2.30 -38.56
C ARG A 592 -3.28 -2.41 -39.45
N LEU A 593 -3.32 -1.74 -40.61
CA LEU A 593 -2.13 -1.67 -41.46
C LEU A 593 -1.64 -0.24 -41.65
N GLY A 594 -2.09 0.68 -40.78
CA GLY A 594 -1.78 2.09 -40.96
C GLY A 594 -0.29 2.39 -40.97
N LYS A 595 0.03 3.55 -41.56
CA LYS A 595 1.39 4.10 -41.59
C LYS A 595 2.40 3.09 -42.09
N ASN A 596 2.21 2.67 -43.33
CA ASN A 596 3.14 1.80 -44.03
C ASN A 596 3.24 2.31 -45.46
N GLN A 597 3.80 1.49 -46.33
CA GLN A 597 3.99 1.82 -47.72
C GLN A 597 3.34 0.76 -48.61
N LEU A 598 2.15 0.30 -48.21
CA LEU A 598 1.40 -0.70 -48.96
C LEU A 598 0.74 -0.06 -50.16
N THR A 599 0.51 -0.85 -51.21
CA THR A 599 0.08 -0.40 -52.53
C THR A 599 -1.11 -1.25 -52.98
N GLY A 600 -1.70 -0.88 -54.13
CA GLY A 600 -2.78 -1.66 -54.72
C GLY A 600 -4.12 -1.32 -54.10
N LYS A 601 -5.15 -2.09 -54.46
CA LYS A 601 -6.47 -1.75 -53.93
C LYS A 601 -6.71 -2.42 -52.57
N ILE A 602 -7.72 -1.93 -51.88
CA ILE A 602 -8.20 -2.64 -50.69
C ILE A 602 -8.70 -4.00 -51.14
N PRO A 603 -8.37 -5.09 -50.45
CA PRO A 603 -8.77 -6.43 -50.93
C PRO A 603 -10.25 -6.72 -50.69
N TRP A 604 -10.94 -7.25 -51.73
CA TRP A 604 -12.35 -7.53 -51.58
C TRP A 604 -12.63 -8.59 -50.53
N THR A 605 -11.69 -9.48 -50.34
CA THR A 605 -11.90 -10.63 -49.49
C THR A 605 -12.12 -10.28 -48.03
N LEU A 606 -11.93 -9.02 -47.63
CA LEU A 606 -12.30 -8.66 -46.26
C LEU A 606 -13.78 -8.87 -46.02
N GLY A 607 -14.60 -8.96 -47.09
CA GLY A 607 -16.00 -9.29 -46.96
C GLY A 607 -16.24 -10.65 -46.33
N LYS A 608 -15.28 -11.55 -46.45
CA LYS A 608 -15.34 -12.82 -45.74
C LYS A 608 -15.25 -12.66 -44.23
N ILE A 609 -14.73 -11.54 -43.76
CA ILE A 609 -14.46 -11.33 -42.31
C ILE A 609 -15.75 -10.81 -41.69
N ARG A 610 -16.64 -11.75 -41.33
CA ARG A 610 -17.91 -11.36 -40.73
C ARG A 610 -17.71 -10.58 -39.45
N GLU A 611 -16.62 -10.84 -38.74
CA GLU A 611 -16.35 -10.31 -37.41
C GLU A 611 -15.52 -9.02 -37.39
N LEU A 612 -15.12 -8.50 -38.56
CA LEU A 612 -14.37 -7.26 -38.65
C LEU A 612 -15.16 -6.10 -38.07
N SER A 613 -14.56 -5.38 -37.11
CA SER A 613 -15.14 -4.22 -36.46
C SER A 613 -14.34 -2.93 -36.60
N LEU A 614 -13.01 -3.04 -36.65
CA LEU A 614 -12.15 -1.88 -36.80
C LEU A 614 -11.14 -2.10 -37.91
N LEU A 615 -11.23 -1.26 -38.95
CA LEU A 615 -10.37 -1.34 -40.13
C LEU A 615 -9.58 -0.04 -40.23
N ASP A 616 -8.25 -0.15 -40.33
CA ASP A 616 -7.36 1.00 -40.40
C ASP A 616 -6.31 0.73 -41.48
N MET A 617 -6.35 1.48 -42.59
CA MET A 617 -5.31 1.38 -43.60
C MET A 617 -4.75 2.75 -43.94
N SER A 618 -4.79 3.66 -42.98
CA SER A 618 -4.38 5.03 -43.23
C SER A 618 -2.88 5.13 -43.55
N SER A 619 -2.54 6.16 -44.33
CA SER A 619 -1.14 6.57 -44.52
C SER A 619 -0.31 5.52 -45.24
N ASN A 620 -0.94 4.87 -46.22
CA ASN A 620 -0.32 3.99 -47.18
C ASN A 620 -0.41 4.65 -48.56
N ALA A 621 -0.27 3.86 -49.62
CA ALA A 621 -0.40 4.32 -50.99
C ALA A 621 -1.42 3.46 -51.73
N LEU A 622 -2.50 3.08 -51.03
CA LEU A 622 -3.57 2.31 -51.65
C LEU A 622 -4.27 3.15 -52.70
N THR A 623 -4.67 2.49 -53.79
CA THR A 623 -5.34 3.10 -54.94
C THR A 623 -6.66 2.38 -55.19
N GLY A 624 -7.40 2.88 -56.17
CA GLY A 624 -8.70 2.30 -56.48
C GLY A 624 -9.79 2.81 -55.57
N THR A 625 -10.77 1.95 -55.27
CA THR A 625 -11.95 2.33 -54.52
C THR A 625 -12.18 1.38 -53.35
N ILE A 626 -13.24 1.66 -52.60
CA ILE A 626 -13.62 0.81 -51.47
C ILE A 626 -14.46 -0.35 -51.99
N PRO A 627 -14.03 -1.60 -51.79
CA PRO A 627 -14.73 -2.73 -52.41
C PRO A 627 -16.15 -2.88 -51.89
N LEU A 628 -17.04 -3.20 -52.81
CA LEU A 628 -18.45 -3.37 -52.46
C LEU A 628 -18.60 -4.41 -51.37
N GLN A 629 -17.83 -5.50 -51.46
CA GLN A 629 -17.93 -6.64 -50.58
C GLN A 629 -17.78 -6.32 -49.08
N LEU A 630 -17.17 -5.18 -48.73
CA LEU A 630 -17.06 -4.81 -47.32
C LEU A 630 -18.40 -4.45 -46.70
N VAL A 631 -19.45 -4.30 -47.51
CA VAL A 631 -20.78 -4.15 -46.99
C VAL A 631 -21.15 -5.39 -46.18
N LEU A 632 -20.41 -6.48 -46.38
CA LEU A 632 -20.66 -7.71 -45.66
C LEU A 632 -20.20 -7.66 -44.23
N CYS A 633 -19.32 -6.69 -43.91
CA CYS A 633 -18.78 -6.50 -42.55
C CYS A 633 -19.69 -5.61 -41.70
N LYS A 634 -20.89 -6.13 -41.43
CA LYS A 634 -21.91 -5.42 -40.69
C LYS A 634 -21.46 -4.99 -39.29
N LYS A 635 -20.39 -5.56 -38.76
CA LYS A 635 -19.98 -5.19 -37.41
C LYS A 635 -19.00 -4.02 -37.36
N LEU A 636 -18.62 -3.46 -38.51
CA LEU A 636 -17.69 -2.35 -38.61
C LEU A 636 -18.18 -1.12 -37.84
N THR A 637 -17.36 -0.65 -36.89
CA THR A 637 -17.61 0.61 -36.18
C THR A 637 -16.63 1.69 -36.55
N HIS A 638 -15.46 1.32 -37.07
CA HIS A 638 -14.38 2.24 -37.33
C HIS A 638 -13.74 1.93 -38.68
N ILE A 639 -13.73 2.91 -39.59
CA ILE A 639 -13.01 2.83 -40.86
C ILE A 639 -12.09 4.05 -40.94
N ASP A 640 -10.82 3.80 -41.24
CA ASP A 640 -9.77 4.81 -41.26
C ASP A 640 -8.98 4.51 -42.54
N LEU A 641 -9.24 5.28 -43.60
CA LEU A 641 -8.53 5.10 -44.85
C LEU A 641 -7.75 6.36 -45.25
N ASN A 642 -7.53 7.28 -44.28
CA ASN A 642 -6.88 8.58 -44.52
C ASN A 642 -5.57 8.43 -45.28
N ASN A 643 -5.23 9.45 -46.06
CA ASN A 643 -3.90 9.55 -46.64
C ASN A 643 -3.56 8.33 -47.45
N ASN A 644 -4.46 7.99 -48.34
CA ASN A 644 -4.22 7.06 -49.42
C ASN A 644 -4.58 7.77 -50.73
N PHE A 645 -4.50 7.04 -51.82
CA PHE A 645 -4.81 7.59 -53.12
C PHE A 645 -6.10 6.97 -53.67
N LEU A 646 -7.11 6.83 -52.82
CA LEU A 646 -8.39 6.23 -53.22
C LEU A 646 -9.20 7.17 -54.11
N SER A 647 -10.06 6.57 -54.96
CA SER A 647 -10.71 7.29 -56.06
C SER A 647 -12.19 6.94 -56.15
N GLY A 648 -12.91 7.73 -56.95
CA GLY A 648 -14.30 7.43 -57.21
C GLY A 648 -15.24 7.93 -56.12
N PRO A 649 -16.52 7.57 -56.20
CA PRO A 649 -17.50 8.12 -55.26
C PRO A 649 -17.36 7.57 -53.87
N ILE A 650 -17.92 8.30 -52.90
CA ILE A 650 -18.19 7.73 -51.57
C ILE A 650 -19.32 6.72 -51.80
N PRO A 651 -19.05 5.44 -51.58
CA PRO A 651 -20.00 4.39 -51.98
C PRO A 651 -21.23 4.38 -51.10
N PRO A 652 -22.42 4.44 -51.68
CA PRO A 652 -23.65 4.54 -50.87
C PRO A 652 -23.89 3.35 -49.96
N TRP A 653 -23.25 2.22 -50.22
CA TRP A 653 -23.44 1.06 -49.38
C TRP A 653 -22.90 1.22 -47.98
N LEU A 654 -22.05 2.22 -47.74
CA LEU A 654 -21.61 2.53 -46.38
C LEU A 654 -22.80 2.82 -45.43
N GLY A 655 -23.94 3.25 -45.96
CA GLY A 655 -25.11 3.43 -45.11
C GLY A 655 -25.68 2.15 -44.54
N LYS A 656 -25.36 1.01 -45.14
CA LYS A 656 -25.78 -0.28 -44.61
C LYS A 656 -24.97 -0.68 -43.37
N LEU A 657 -23.86 0.01 -43.08
CA LEU A 657 -23.06 -0.22 -41.89
C LEU A 657 -23.70 0.51 -40.70
N SER A 658 -24.78 -0.07 -40.18
CA SER A 658 -25.58 0.55 -39.12
C SER A 658 -24.77 0.90 -37.89
N GLN A 659 -23.66 0.19 -37.67
CA GLN A 659 -22.81 0.35 -36.50
C GLN A 659 -21.68 1.34 -36.67
N LEU A 660 -21.48 1.85 -37.88
CA LEU A 660 -20.36 2.71 -38.20
C LEU A 660 -20.38 3.96 -37.32
N GLY A 661 -19.34 4.12 -36.51
CA GLY A 661 -19.27 5.27 -35.63
C GLY A 661 -18.28 6.35 -36.05
N GLU A 662 -17.22 5.94 -36.74
CA GLU A 662 -16.19 6.86 -37.20
C GLU A 662 -15.81 6.45 -38.61
N LEU A 663 -15.98 7.36 -39.57
CA LEU A 663 -15.59 7.17 -40.96
C LEU A 663 -14.61 8.26 -41.34
N LYS A 664 -13.37 7.87 -41.63
CA LYS A 664 -12.28 8.80 -41.93
C LYS A 664 -11.80 8.50 -43.34
N LEU A 665 -12.08 9.43 -44.28
CA LEU A 665 -11.74 9.19 -45.67
C LEU A 665 -10.88 10.32 -46.22
N SER A 666 -10.20 11.05 -45.35
CA SER A 666 -9.63 12.31 -45.75
C SER A 666 -8.28 12.11 -46.45
N SER A 667 -7.88 13.16 -47.19
CA SER A 667 -6.63 13.16 -47.97
C SER A 667 -6.55 11.98 -48.93
N ASN A 668 -7.67 11.72 -49.59
CA ASN A 668 -7.69 10.83 -50.72
C ASN A 668 -8.03 11.63 -51.97
N GLN A 669 -8.52 10.95 -53.00
CA GLN A 669 -8.93 11.60 -54.24
C GLN A 669 -10.38 11.30 -54.58
N PHE A 670 -11.24 11.08 -53.58
CA PHE A 670 -12.67 10.85 -53.85
C PHE A 670 -13.28 12.05 -54.60
N VAL A 671 -14.24 11.78 -55.50
CA VAL A 671 -14.51 12.79 -56.52
C VAL A 671 -15.94 13.21 -56.81
N GLU A 672 -16.94 12.63 -56.17
CA GLU A 672 -18.24 13.17 -56.55
C GLU A 672 -19.06 13.52 -55.30
N SER A 673 -20.34 13.83 -55.52
CA SER A 673 -21.32 14.18 -54.49
C SER A 673 -21.47 13.18 -53.33
N LEU A 674 -22.03 13.68 -52.21
CA LEU A 674 -22.22 12.92 -50.98
C LEU A 674 -23.53 12.15 -51.05
N PRO A 675 -23.53 10.82 -50.89
CA PRO A 675 -24.77 10.06 -51.04
C PRO A 675 -25.70 10.15 -49.84
N THR A 676 -27.00 10.31 -50.15
CA THR A 676 -28.01 10.38 -49.10
C THR A 676 -28.02 9.14 -48.21
N GLU A 677 -27.63 7.98 -48.79
CA GLU A 677 -27.59 6.70 -48.10
C GLU A 677 -26.74 6.76 -46.84
N LEU A 678 -25.63 7.50 -46.92
CA LEU A 678 -24.65 7.55 -45.85
C LEU A 678 -25.25 7.98 -44.52
N PHE A 679 -26.29 8.79 -44.55
CA PHE A 679 -26.89 9.30 -43.32
C PHE A 679 -27.88 8.33 -42.68
N ASN A 680 -27.93 7.09 -43.15
CA ASN A 680 -28.55 6.02 -42.37
C ASN A 680 -27.66 5.51 -41.25
N CYS A 681 -26.38 5.95 -41.22
CA CYS A 681 -25.44 5.59 -40.16
C CYS A 681 -25.64 6.44 -38.92
N THR A 682 -26.82 6.28 -38.30
CA THR A 682 -27.20 7.12 -37.16
C THR A 682 -26.21 7.08 -35.99
N LYS A 683 -25.31 6.10 -35.94
CA LYS A 683 -24.36 6.02 -34.84
C LYS A 683 -23.05 6.75 -35.12
N LEU A 684 -22.93 7.44 -36.25
CA LEU A 684 -21.71 8.19 -36.56
C LEU A 684 -21.45 9.27 -35.52
N LEU A 685 -20.20 9.32 -35.05
CA LEU A 685 -19.72 10.40 -34.20
C LEU A 685 -18.62 11.22 -34.87
N VAL A 686 -17.85 10.64 -35.77
CA VAL A 686 -16.88 11.39 -36.56
C VAL A 686 -17.06 11.02 -38.02
N LEU A 687 -17.32 12.03 -38.84
CA LEU A 687 -17.33 11.90 -40.30
C LEU A 687 -16.38 12.97 -40.82
N SER A 688 -15.19 12.58 -41.23
CA SER A 688 -14.21 13.51 -41.79
C SER A 688 -13.86 13.07 -43.21
N LEU A 689 -14.14 13.92 -44.21
CA LEU A 689 -13.95 13.61 -45.63
C LEU A 689 -13.11 14.68 -46.31
N ASP A 690 -12.33 15.40 -45.50
CA ASP A 690 -11.59 16.56 -45.95
C ASP A 690 -10.47 16.20 -46.90
N GLY A 691 -10.01 17.20 -47.66
CA GLY A 691 -8.83 16.96 -48.48
C GLY A 691 -9.05 16.06 -49.66
N ASN A 692 -10.30 15.76 -49.96
CA ASN A 692 -10.63 15.10 -51.20
C ASN A 692 -11.01 16.13 -52.25
N SER A 693 -11.77 15.70 -53.24
CA SER A 693 -12.27 16.54 -54.31
C SER A 693 -13.79 16.35 -54.45
N LEU A 694 -14.50 16.12 -53.34
CA LEU A 694 -15.96 15.95 -53.41
C LEU A 694 -16.61 17.22 -53.91
N ASN A 695 -17.64 17.06 -54.71
CA ASN A 695 -18.24 18.23 -55.33
C ASN A 695 -19.74 18.20 -55.01
N GLY A 696 -20.48 19.15 -55.55
CA GLY A 696 -21.90 19.21 -55.28
C GLY A 696 -22.23 19.82 -53.93
N SER A 697 -23.54 19.85 -53.65
CA SER A 697 -24.11 20.40 -52.44
C SER A 697 -24.03 19.42 -51.27
N ILE A 698 -24.36 19.93 -50.09
CA ILE A 698 -24.45 19.15 -48.86
C ILE A 698 -25.91 18.78 -48.62
N PRO A 699 -26.24 17.50 -48.49
CA PRO A 699 -27.65 17.08 -48.34
C PRO A 699 -28.32 17.50 -47.03
N GLN A 700 -29.62 17.87 -47.12
CA GLN A 700 -30.45 18.10 -45.92
C GLN A 700 -30.42 16.92 -44.97
N GLU A 701 -30.38 15.68 -45.50
CA GLU A 701 -30.56 14.57 -44.55
C GLU A 701 -29.37 14.37 -43.63
N ILE A 702 -28.30 15.17 -43.71
CA ILE A 702 -27.20 15.02 -42.77
C ILE A 702 -27.62 15.23 -41.32
N GLY A 703 -28.67 16.01 -41.06
CA GLY A 703 -29.17 16.17 -39.69
C GLY A 703 -29.66 14.89 -39.06
N ASN A 704 -29.63 13.82 -39.83
CA ASN A 704 -30.08 12.52 -39.43
C ASN A 704 -29.09 11.88 -38.49
N LEU A 705 -27.87 12.43 -38.46
CA LEU A 705 -26.74 12.04 -37.65
C LEU A 705 -26.74 12.64 -36.25
N GLY A 706 -27.83 12.46 -35.53
CA GLY A 706 -28.01 13.19 -34.29
C GLY A 706 -26.90 12.99 -33.27
N ALA A 707 -26.17 11.89 -33.35
CA ALA A 707 -25.09 11.66 -32.40
C ALA A 707 -23.77 12.27 -32.81
N LEU A 708 -23.69 12.82 -34.02
CA LEU A 708 -22.44 13.26 -34.60
C LEU A 708 -21.78 14.31 -33.72
N ASN A 709 -20.47 14.11 -33.47
CA ASN A 709 -19.58 14.97 -32.70
C ASN A 709 -18.62 15.78 -33.55
N VAL A 710 -18.11 15.21 -34.65
CA VAL A 710 -17.13 15.91 -35.47
C VAL A 710 -17.52 15.80 -36.94
N LEU A 711 -17.64 16.95 -37.60
CA LEU A 711 -17.88 17.02 -39.03
C LEU A 711 -16.80 17.90 -39.66
N ASN A 712 -16.06 17.35 -40.61
CA ASN A 712 -14.95 18.05 -41.24
C ASN A 712 -15.01 17.80 -42.73
N LEU A 713 -15.38 18.82 -43.50
CA LEU A 713 -15.49 18.73 -44.95
C LEU A 713 -14.50 19.63 -45.67
N ASP A 714 -13.43 20.06 -45.01
CA ASP A 714 -12.42 20.98 -45.55
C ASP A 714 -11.84 20.59 -46.91
N LYS A 715 -11.27 21.58 -47.63
CA LYS A 715 -10.35 21.33 -48.76
C LYS A 715 -10.92 20.34 -49.79
N ASN A 716 -12.25 20.20 -49.84
CA ASN A 716 -12.98 19.65 -50.97
C ASN A 716 -13.39 20.75 -51.95
N GLN A 717 -14.44 20.52 -52.74
CA GLN A 717 -15.02 21.57 -53.57
C GLN A 717 -16.54 21.51 -53.54
N PHE A 718 -17.10 21.53 -52.33
CA PHE A 718 -18.54 21.61 -52.14
C PHE A 718 -19.12 22.92 -52.68
N SER A 719 -20.43 22.89 -52.90
CA SER A 719 -21.13 23.97 -53.57
C SER A 719 -22.45 24.27 -52.87
N GLY A 720 -23.05 25.38 -53.27
CA GLY A 720 -24.38 25.73 -52.84
C GLY A 720 -24.47 26.23 -51.41
N SER A 721 -25.72 26.34 -50.96
CA SER A 721 -26.03 26.91 -49.67
C SER A 721 -25.96 25.83 -48.60
N LEU A 722 -26.12 26.23 -47.33
CA LEU A 722 -25.90 25.39 -46.16
C LEU A 722 -27.23 24.98 -45.55
N PRO A 723 -27.46 23.69 -45.30
CA PRO A 723 -28.81 23.23 -44.98
C PRO A 723 -29.31 23.69 -43.61
N GLN A 724 -30.58 24.08 -43.56
CA GLN A 724 -31.19 24.43 -42.27
C GLN A 724 -31.14 23.27 -41.29
N ALA A 725 -31.12 22.03 -41.77
CA ALA A 725 -31.09 20.85 -40.89
C ALA A 725 -29.80 20.69 -40.11
N MET A 726 -28.76 21.44 -40.43
CA MET A 726 -27.53 21.23 -39.69
C MET A 726 -27.67 21.65 -38.24
N GLY A 727 -28.65 22.49 -37.93
CA GLY A 727 -29.00 22.76 -36.56
C GLY A 727 -29.49 21.56 -35.77
N LYS A 728 -29.68 20.39 -36.43
CA LYS A 728 -30.13 19.20 -35.73
C LYS A 728 -29.01 18.45 -35.00
N LEU A 729 -27.73 18.77 -35.27
CA LEU A 729 -26.61 18.01 -34.70
C LEU A 729 -26.17 18.55 -33.32
N SER A 730 -27.05 18.32 -32.35
CA SER A 730 -26.91 18.96 -31.05
C SER A 730 -25.64 18.54 -30.33
N LYS A 731 -25.02 17.42 -30.71
CA LYS A 731 -23.86 16.92 -29.98
C LYS A 731 -22.54 17.26 -30.69
N LEU A 732 -22.60 17.98 -31.79
CA LEU A 732 -21.42 18.30 -32.59
C LEU A 732 -20.54 19.34 -31.88
N TYR A 733 -19.26 19.01 -31.65
CA TYR A 733 -18.34 19.93 -30.99
C TYR A 733 -17.25 20.44 -31.93
N GLU A 734 -17.15 19.92 -33.12
CA GLU A 734 -16.20 20.48 -34.08
C GLU A 734 -16.88 20.53 -35.44
N LEU A 735 -16.82 21.69 -36.08
CA LEU A 735 -17.40 21.86 -37.41
C LEU A 735 -16.40 22.56 -38.30
N ARG A 736 -15.94 21.85 -39.33
CA ARG A 736 -15.02 22.42 -40.31
C ARG A 736 -15.56 22.24 -41.73
N LEU A 737 -15.73 23.37 -42.46
CA LEU A 737 -16.20 23.36 -43.86
C LEU A 737 -15.35 24.27 -44.75
N SER A 738 -14.14 24.60 -44.33
CA SER A 738 -13.30 25.61 -44.96
C SER A 738 -12.76 25.16 -46.32
N ARG A 739 -12.29 26.16 -47.09
CA ARG A 739 -11.68 25.94 -48.40
C ARG A 739 -12.60 25.13 -49.32
N ASN A 740 -13.88 25.51 -49.32
CA ASN A 740 -14.91 25.03 -50.24
C ASN A 740 -15.42 26.20 -51.08
N SER A 741 -16.57 26.01 -51.74
CA SER A 741 -17.15 27.10 -52.51
C SER A 741 -18.61 27.33 -52.15
N LEU A 742 -18.95 27.23 -50.86
CA LEU A 742 -20.32 27.44 -50.41
C LEU A 742 -20.78 28.89 -50.62
N THR A 743 -22.08 29.07 -50.90
CA THR A 743 -22.53 30.29 -51.55
C THR A 743 -23.59 31.10 -50.81
N GLY A 744 -24.39 30.50 -49.93
CA GLY A 744 -25.51 31.20 -49.32
C GLY A 744 -25.16 32.24 -48.26
N GLU A 745 -26.13 32.52 -47.37
CA GLU A 745 -25.86 33.24 -46.14
C GLU A 745 -25.94 32.24 -44.97
N ILE A 746 -25.26 32.57 -43.88
CA ILE A 746 -25.15 31.61 -42.78
C ILE A 746 -26.47 31.55 -42.02
N PRO A 747 -27.02 30.37 -41.78
CA PRO A 747 -28.38 30.28 -41.23
C PRO A 747 -28.49 30.66 -39.76
N VAL A 748 -29.62 31.29 -39.43
CA VAL A 748 -29.94 31.57 -38.03
C VAL A 748 -30.09 30.27 -37.25
N GLU A 749 -30.42 29.17 -37.95
CA GLU A 749 -30.57 27.86 -37.31
C GLU A 749 -29.28 27.35 -36.68
N ILE A 750 -28.13 27.94 -37.02
CA ILE A 750 -26.82 27.48 -36.51
C ILE A 750 -26.63 27.68 -35.01
N GLY A 751 -27.33 28.64 -34.41
CA GLY A 751 -27.19 28.89 -32.99
C GLY A 751 -27.61 27.75 -32.13
N GLN A 752 -28.31 26.76 -32.69
CA GLN A 752 -28.74 25.59 -31.95
C GLN A 752 -27.60 24.62 -31.62
N LEU A 753 -26.42 24.77 -32.25
CA LEU A 753 -25.26 23.90 -32.00
C LEU A 753 -24.49 24.27 -30.73
N GLN A 754 -25.18 24.22 -29.59
CA GLN A 754 -24.61 24.72 -28.34
C GLN A 754 -23.33 24.01 -27.91
N ASP A 755 -23.09 22.77 -28.37
CA ASP A 755 -21.94 21.99 -27.91
C ASP A 755 -20.66 22.23 -28.70
N LEU A 756 -20.64 23.17 -29.64
CA LEU A 756 -19.45 23.48 -30.42
C LEU A 756 -18.33 24.01 -29.52
N GLN A 757 -17.14 23.46 -29.67
CA GLN A 757 -16.06 23.80 -28.78
C GLN A 757 -14.78 24.00 -29.58
N SER A 758 -14.36 22.96 -30.31
CA SER A 758 -12.99 22.95 -30.82
C SER A 758 -12.81 23.94 -31.97
N ALA A 759 -13.80 24.06 -32.85
CA ALA A 759 -13.68 25.00 -33.95
C ALA A 759 -15.02 25.14 -34.63
N LEU A 760 -15.24 26.33 -35.21
CA LEU A 760 -16.27 26.55 -36.24
C LEU A 760 -15.57 27.31 -37.35
N ASP A 761 -15.18 26.57 -38.40
CA ASP A 761 -14.30 27.05 -39.45
C ASP A 761 -15.09 27.12 -40.74
N LEU A 762 -15.36 28.34 -41.20
CA LEU A 762 -16.07 28.58 -42.44
C LEU A 762 -15.21 29.36 -43.42
N SER A 763 -13.90 29.39 -43.22
CA SER A 763 -13.03 30.25 -44.00
C SER A 763 -12.86 29.77 -45.45
N TYR A 764 -12.44 30.71 -46.31
CA TYR A 764 -12.12 30.42 -47.70
C TYR A 764 -13.30 29.79 -48.42
N ASN A 765 -14.51 30.27 -48.12
CA ASN A 765 -15.68 29.98 -48.94
C ASN A 765 -16.18 31.25 -49.68
N ASN A 766 -17.45 31.22 -50.08
CA ASN A 766 -18.07 32.36 -50.77
C ASN A 766 -19.38 32.77 -50.07
N PHE A 767 -19.40 32.71 -48.74
CA PHE A 767 -20.55 33.14 -47.95
C PHE A 767 -20.80 34.65 -48.04
N THR A 768 -22.08 35.04 -48.08
CA THR A 768 -22.54 36.41 -48.27
C THR A 768 -23.50 36.77 -47.15
N GLY A 769 -23.82 38.06 -47.04
CA GLY A 769 -24.75 38.56 -46.01
C GLY A 769 -24.14 38.97 -44.69
N ASP A 770 -25.02 39.13 -43.70
CA ASP A 770 -24.63 39.40 -42.33
C ASP A 770 -24.14 38.15 -41.62
N ILE A 771 -23.19 38.35 -40.71
CA ILE A 771 -22.90 37.31 -39.73
C ILE A 771 -24.05 37.26 -38.73
N PRO A 772 -24.65 36.11 -38.50
CA PRO A 772 -25.82 36.03 -37.61
C PRO A 772 -25.47 36.34 -36.16
N SER A 773 -26.25 37.25 -35.56
CA SER A 773 -26.13 37.61 -34.14
C SER A 773 -26.11 36.37 -33.24
N THR A 774 -26.83 35.31 -33.64
CA THR A 774 -26.96 34.08 -32.87
C THR A 774 -25.64 33.33 -32.69
N ILE A 775 -24.60 33.65 -33.44
CA ILE A 775 -23.31 32.99 -33.21
C ILE A 775 -22.76 33.29 -31.83
N GLY A 776 -23.02 34.50 -31.30
CA GLY A 776 -22.59 34.82 -29.94
C GLY A 776 -23.22 33.92 -28.89
N THR A 777 -24.32 33.25 -29.23
CA THR A 777 -24.95 32.22 -28.42
C THR A 777 -24.07 30.99 -28.21
N LEU A 778 -22.99 30.85 -28.98
CA LEU A 778 -22.12 29.67 -28.91
C LEU A 778 -21.22 29.73 -27.67
N SER A 779 -21.82 29.37 -26.53
CA SER A 779 -21.17 29.57 -25.24
C SER A 779 -19.77 28.96 -25.15
N LYS A 780 -19.59 27.73 -25.64
CA LYS A 780 -18.33 26.99 -25.42
C LYS A 780 -17.35 27.05 -26.59
N LEU A 781 -17.62 27.79 -27.66
CA LEU A 781 -16.76 27.73 -28.84
C LEU A 781 -15.51 28.55 -28.60
N GLU A 782 -14.34 27.93 -28.85
CA GLU A 782 -13.06 28.55 -28.52
C GLU A 782 -12.39 29.22 -29.72
N THR A 783 -12.79 28.87 -30.95
CA THR A 783 -12.16 29.33 -32.20
C THR A 783 -13.24 29.51 -33.27
N LEU A 784 -13.34 30.72 -33.82
CA LEU A 784 -14.28 31.05 -34.89
C LEU A 784 -13.54 31.73 -36.03
N ASP A 785 -13.60 31.14 -37.23
CA ASP A 785 -12.87 31.64 -38.40
C ASP A 785 -13.82 31.79 -39.58
N LEU A 786 -14.02 33.03 -40.02
CA LEU A 786 -14.84 33.30 -41.19
C LEU A 786 -14.06 34.03 -42.27
N SER A 787 -12.74 33.98 -42.21
CA SER A 787 -11.91 34.76 -43.11
C SER A 787 -12.08 34.31 -44.56
N HIS A 788 -11.77 35.21 -45.48
CA HIS A 788 -11.79 34.90 -46.90
C HIS A 788 -13.18 34.42 -47.34
N ASN A 789 -14.17 35.26 -47.07
CA ASN A 789 -15.51 35.15 -47.64
C ASN A 789 -15.90 36.49 -48.26
N GLN A 790 -17.21 36.69 -48.46
CA GLN A 790 -17.81 37.90 -48.99
C GLN A 790 -18.95 38.36 -48.10
N LEU A 791 -18.76 38.31 -46.78
CA LEU A 791 -19.81 38.73 -45.88
C LEU A 791 -19.85 40.25 -45.71
N THR A 792 -21.02 40.75 -45.33
CA THR A 792 -21.37 42.17 -45.42
C THR A 792 -21.94 42.65 -44.08
N GLY A 793 -21.95 43.97 -43.91
CA GLY A 793 -22.57 44.59 -42.76
C GLY A 793 -21.59 44.79 -41.62
N GLU A 794 -22.12 44.90 -40.41
CA GLU A 794 -21.27 45.01 -39.23
C GLU A 794 -21.35 43.74 -38.39
N VAL A 795 -20.31 43.53 -37.60
CA VAL A 795 -20.17 42.36 -36.73
C VAL A 795 -20.98 42.57 -35.46
N PRO A 796 -21.79 41.60 -35.08
CA PRO A 796 -22.87 41.86 -34.11
C PRO A 796 -22.46 42.11 -32.67
N GLY A 797 -21.18 42.22 -32.38
CA GLY A 797 -20.77 42.54 -31.03
C GLY A 797 -20.88 41.42 -30.02
N SER A 798 -21.97 40.65 -30.08
CA SER A 798 -22.02 39.44 -29.27
C SER A 798 -20.85 38.53 -29.61
N VAL A 799 -20.40 38.59 -30.87
CA VAL A 799 -19.30 37.79 -31.35
C VAL A 799 -17.99 38.19 -30.69
N GLY A 800 -17.85 39.45 -30.30
CA GLY A 800 -16.63 39.88 -29.62
C GLY A 800 -16.60 39.53 -28.16
N ASP A 801 -17.77 39.54 -27.52
CA ASP A 801 -17.96 39.18 -26.12
C ASP A 801 -17.90 37.70 -25.83
N MET A 802 -17.78 36.85 -26.86
CA MET A 802 -17.97 35.43 -26.69
C MET A 802 -17.18 34.88 -25.52
N LYS A 803 -17.90 34.27 -24.58
CA LYS A 803 -17.34 33.95 -23.27
C LYS A 803 -16.08 33.08 -23.40
N SER A 804 -16.14 32.05 -24.23
CA SER A 804 -15.08 31.05 -24.35
C SER A 804 -14.14 31.27 -25.53
N LEU A 805 -14.39 32.28 -26.34
CA LEU A 805 -13.65 32.45 -27.57
C LEU A 805 -12.20 32.87 -27.33
N GLY A 806 -11.29 32.21 -28.04
CA GLY A 806 -9.86 32.47 -27.93
C GLY A 806 -9.23 33.02 -29.19
N TYR A 807 -9.66 32.49 -30.33
CA TYR A 807 -9.25 32.98 -31.63
C TYR A 807 -10.44 33.53 -32.39
N LEU A 808 -10.26 34.70 -33.02
CA LEU A 808 -11.25 35.25 -33.94
C LEU A 808 -10.54 35.78 -35.18
N ASN A 809 -11.00 35.40 -36.37
CA ASN A 809 -10.47 35.96 -37.60
C ASN A 809 -11.65 36.16 -38.55
N VAL A 810 -11.78 37.37 -39.12
CA VAL A 810 -12.89 37.76 -40.01
C VAL A 810 -12.29 38.54 -41.19
N SER A 811 -10.99 38.36 -41.40
CA SER A 811 -10.26 39.07 -42.45
C SER A 811 -10.84 38.76 -43.82
N PHE A 812 -10.56 39.66 -44.75
CA PHE A 812 -10.83 39.40 -46.14
C PHE A 812 -12.30 39.04 -46.34
N ASN A 813 -13.16 39.91 -45.80
CA ASN A 813 -14.57 40.03 -46.12
C ASN A 813 -14.85 41.45 -46.63
N ASN A 814 -16.14 41.80 -46.74
CA ASN A 814 -16.56 43.12 -47.21
C ASN A 814 -17.40 43.87 -46.16
N LEU A 815 -17.06 43.71 -44.89
CA LEU A 815 -17.75 44.35 -43.78
C LEU A 815 -17.28 45.80 -43.57
N GLY A 816 -18.02 46.51 -42.72
CA GLY A 816 -17.73 47.92 -42.48
C GLY A 816 -18.46 48.48 -41.29
N GLY A 817 -18.06 49.69 -40.92
CA GLY A 817 -18.63 50.42 -39.80
C GLY A 817 -17.66 50.52 -38.64
N LYS A 818 -18.10 51.21 -37.57
CA LYS A 818 -17.26 51.32 -36.39
C LYS A 818 -17.52 50.11 -35.51
N LEU A 819 -16.46 49.43 -35.14
CA LEU A 819 -16.64 48.13 -34.52
C LEU A 819 -17.17 48.32 -33.11
N LYS A 820 -18.20 47.57 -32.78
CA LYS A 820 -18.80 47.75 -31.48
C LYS A 820 -17.71 47.52 -30.43
N LYS A 821 -17.80 48.24 -29.33
CA LYS A 821 -16.68 48.33 -28.40
C LYS A 821 -16.41 47.03 -27.67
N GLN A 822 -17.03 45.92 -28.04
CA GLN A 822 -16.68 44.65 -27.45
C GLN A 822 -15.36 44.11 -27.98
N PHE A 823 -14.96 44.56 -29.18
CA PHE A 823 -13.83 44.05 -29.96
C PHE A 823 -12.50 44.67 -29.60
N SER A 824 -12.35 45.25 -28.43
CA SER A 824 -11.04 45.69 -27.99
C SER A 824 -10.19 44.48 -27.61
N ARG A 825 -8.87 44.64 -27.73
CA ARG A 825 -7.89 43.59 -27.47
C ARG A 825 -8.15 42.32 -28.30
N TRP A 826 -9.13 42.34 -29.23
CA TRP A 826 -8.82 41.44 -30.33
C TRP A 826 -7.80 42.17 -31.21
N PRO A 827 -6.91 41.44 -31.88
CA PRO A 827 -5.88 42.14 -32.66
C PRO A 827 -6.44 42.69 -33.96
N ALA A 828 -5.71 43.66 -34.52
CA ALA A 828 -6.08 44.16 -35.83
C ALA A 828 -6.12 43.02 -36.86
N ASP A 829 -5.18 42.08 -36.74
CA ASP A 829 -5.07 40.93 -37.65
C ASP A 829 -6.36 40.13 -37.78
N SER A 830 -7.25 40.23 -36.79
CA SER A 830 -8.52 39.53 -36.82
C SER A 830 -9.53 40.17 -37.75
N PHE A 831 -9.28 41.40 -38.24
CA PHE A 831 -10.20 42.15 -39.07
C PHE A 831 -9.55 42.67 -40.34
N LEU A 832 -8.45 42.06 -40.77
CA LEU A 832 -7.67 42.55 -41.91
C LEU A 832 -8.49 42.52 -43.20
N GLY A 833 -8.01 43.27 -44.19
CA GLY A 833 -8.57 43.20 -45.51
C GLY A 833 -9.95 43.76 -45.68
N ASN A 834 -10.64 44.13 -44.60
CA ASN A 834 -11.96 44.76 -44.72
C ASN A 834 -11.84 46.26 -44.92
N THR A 835 -11.79 46.71 -46.18
CA THR A 835 -11.89 48.13 -46.47
C THR A 835 -13.20 48.66 -45.90
N GLY A 836 -13.17 49.87 -45.35
CA GLY A 836 -14.42 50.41 -44.87
C GLY A 836 -14.81 49.95 -43.49
N LEU A 837 -13.92 49.28 -42.77
CA LEU A 837 -14.12 48.90 -41.38
C LEU A 837 -13.13 49.68 -40.53
N CYS A 838 -13.65 50.37 -39.52
CA CYS A 838 -12.88 51.20 -38.60
C CYS A 838 -13.35 50.93 -37.19
N GLY A 839 -12.45 51.06 -36.22
CA GLY A 839 -12.85 50.83 -34.85
C GLY A 839 -11.65 50.61 -33.94
N SER A 840 -11.98 50.26 -32.70
CA SER A 840 -11.09 50.14 -31.55
C SER A 840 -9.74 49.55 -31.91
N PRO A 841 -9.64 48.36 -32.50
CA PRO A 841 -8.32 47.85 -32.87
C PRO A 841 -7.75 48.44 -34.17
N LEU A 842 -8.59 49.02 -35.04
CA LEU A 842 -8.05 49.55 -36.30
C LEU A 842 -7.91 51.08 -36.25
N SER A 843 -7.88 51.71 -37.43
CA SER A 843 -7.68 53.15 -37.52
C SER A 843 -8.99 53.90 -37.28
N ARG A 844 -8.88 55.18 -36.92
CA ARG A 844 -10.05 55.97 -36.57
C ARG A 844 -10.93 56.20 -37.78
N CYS A 845 -12.24 56.27 -37.54
CA CYS A 845 -13.22 56.47 -38.61
C CYS A 845 -13.10 57.91 -39.12
N ASN A 846 -12.47 58.07 -40.28
CA ASN A 846 -12.29 59.38 -40.90
C ASN A 846 -13.58 59.97 -41.49
N LEU B 14 -12.49 64.34 50.30
CA LEU B 14 -11.79 64.98 49.19
C LEU B 14 -11.68 64.44 47.78
N GLN B 15 -11.11 63.27 47.53
CA GLN B 15 -10.97 62.85 46.10
C GLN B 15 -9.80 63.52 45.32
N THR B 16 -9.34 64.75 45.63
CA THR B 16 -8.02 65.09 45.08
C THR B 16 -6.90 64.72 46.06
N LEU B 17 -7.23 64.46 47.34
CA LEU B 17 -6.35 63.69 48.22
C LEU B 17 -6.21 62.27 47.69
N LEU B 18 -7.33 61.69 47.24
CA LEU B 18 -7.30 60.37 46.66
C LEU B 18 -6.47 60.36 45.39
N GLU B 19 -6.52 61.42 44.61
CA GLU B 19 -5.73 61.43 43.38
C GLU B 19 -4.25 61.28 43.67
N VAL B 20 -3.74 62.05 44.62
CA VAL B 20 -2.31 62.03 44.88
C VAL B 20 -1.94 60.87 45.81
N LYS B 21 -2.88 60.40 46.63
CA LYS B 21 -2.59 59.25 47.50
C LYS B 21 -2.31 58.00 46.68
N LYS B 22 -3.17 57.69 45.72
CA LYS B 22 -2.97 56.50 44.95
C LYS B 22 -1.68 56.52 44.15
N SER B 23 -1.20 57.70 43.73
CA SER B 23 0.05 57.74 42.98
C SER B 23 1.18 57.15 43.79
N LEU B 24 1.02 57.12 45.13
CA LEU B 24 2.00 56.57 46.05
C LEU B 24 2.09 55.05 45.93
N VAL B 25 0.96 54.37 45.81
CA VAL B 25 1.00 52.93 45.73
C VAL B 25 1.20 52.45 44.30
N THR B 26 0.82 53.25 43.29
CA THR B 26 0.88 52.75 41.92
C THR B 26 2.23 52.96 41.24
N ASN B 27 3.13 53.80 41.78
CA ASN B 27 4.52 53.69 41.33
C ASN B 27 5.47 54.34 42.33
N PRO B 28 6.71 53.81 42.49
CA PRO B 28 7.77 54.58 43.17
C PRO B 28 8.30 55.67 42.25
N GLN B 29 8.48 56.88 42.78
CA GLN B 29 8.59 58.05 41.91
C GLN B 29 10.04 58.38 41.59
N GLU B 30 10.55 57.69 40.58
CA GLU B 30 11.85 57.90 39.98
C GLU B 30 11.61 58.34 38.54
N ASP B 31 10.95 57.42 37.82
CA ASP B 31 10.52 57.64 36.44
C ASP B 31 9.27 58.51 36.38
N ASP B 32 8.31 58.24 37.29
CA ASP B 32 7.00 58.86 37.47
C ASP B 32 6.36 59.25 36.16
N PRO B 33 5.67 58.31 35.50
CA PRO B 33 4.79 58.70 34.39
C PRO B 33 3.69 59.64 34.80
N LEU B 34 3.22 59.52 36.04
CA LEU B 34 2.23 60.46 36.59
C LEU B 34 2.87 61.70 37.24
N ARG B 35 3.79 62.35 36.51
CA ARG B 35 4.48 63.53 37.01
C ARG B 35 3.51 64.69 37.22
N GLN B 36 2.50 64.81 36.36
CA GLN B 36 1.54 65.90 36.49
C GLN B 36 0.77 65.86 37.81
N TRP B 37 0.82 64.77 38.56
CA TRP B 37 0.04 64.62 39.80
C TRP B 37 0.87 65.13 40.99
N ASN B 38 1.10 66.44 40.98
CA ASN B 38 1.94 67.12 41.95
C ASN B 38 1.07 68.12 42.70
N SER B 39 1.46 68.43 43.96
CA SER B 39 0.75 69.50 44.65
C SER B 39 1.02 70.86 43.99
N ASP B 40 1.99 70.94 43.07
CA ASP B 40 2.41 72.28 42.69
C ASP B 40 1.59 72.81 41.51
N ASN B 41 1.07 71.92 40.64
CA ASN B 41 0.10 72.27 39.58
C ASN B 41 -1.19 71.49 39.85
N ILE B 42 -2.23 72.15 40.38
CA ILE B 42 -3.37 71.48 41.01
C ILE B 42 -4.67 71.63 40.23
N ASN B 43 -4.67 72.20 39.03
CA ASN B 43 -6.01 72.03 38.45
C ASN B 43 -5.93 70.70 37.70
N TYR B 44 -6.39 69.68 38.43
CA TYR B 44 -6.17 68.28 38.06
C TYR B 44 -6.96 67.83 36.87
N CYS B 45 -7.99 68.55 36.44
CA CYS B 45 -8.72 68.10 35.27
C CYS B 45 -7.82 68.03 34.05
N SER B 46 -6.73 68.81 34.06
CA SER B 46 -5.72 68.81 33.01
C SER B 46 -4.82 67.58 33.02
N TRP B 47 -4.83 66.76 34.08
CA TRP B 47 -3.80 65.73 34.25
C TRP B 47 -4.00 64.61 33.22
N THR B 48 -2.88 63.95 32.90
CA THR B 48 -2.83 63.03 31.77
C THR B 48 -3.93 61.97 31.77
N GLY B 49 -4.25 61.41 32.93
CA GLY B 49 -5.26 60.37 32.86
C GLY B 49 -6.66 60.74 33.24
N VAL B 50 -6.90 61.96 33.68
CA VAL B 50 -8.11 62.27 34.41
C VAL B 50 -9.07 63.10 33.57
N THR B 51 -10.36 62.93 33.86
CA THR B 51 -11.44 63.71 33.28
C THR B 51 -12.44 64.05 34.38
N CYS B 52 -12.80 65.33 34.51
CA CYS B 52 -13.77 65.74 35.52
C CYS B 52 -15.12 66.06 34.85
N ASP B 53 -16.20 65.91 35.61
CA ASP B 53 -17.54 66.19 35.11
C ASP B 53 -17.72 67.69 34.79
N ASN B 54 -18.66 67.95 33.91
CA ASN B 54 -19.11 69.29 33.54
C ASN B 54 -19.86 69.96 34.60
N THR B 55 -20.05 69.39 35.79
CA THR B 55 -20.95 70.02 36.75
C THR B 55 -20.30 71.24 37.37
N GLY B 56 -18.97 71.32 37.31
CA GLY B 56 -18.28 72.39 37.94
C GLY B 56 -17.95 72.08 39.39
N LEU B 57 -18.38 70.93 39.90
CA LEU B 57 -18.00 70.49 41.24
C LEU B 57 -16.70 69.69 41.17
N PHE B 58 -16.21 69.50 39.94
CA PHE B 58 -14.88 69.01 39.62
C PHE B 58 -14.62 67.63 40.13
N ARG B 59 -15.58 66.77 40.02
CA ARG B 59 -15.23 65.50 40.60
C ARG B 59 -14.95 64.53 39.47
N VAL B 60 -14.43 63.36 39.79
CA VAL B 60 -13.80 62.57 38.75
C VAL B 60 -14.78 61.54 38.26
N ILE B 61 -14.91 61.48 36.94
CA ILE B 61 -15.84 60.56 36.31
C ILE B 61 -15.11 59.36 35.70
N ALA B 62 -13.97 59.58 35.05
CA ALA B 62 -13.23 58.52 34.39
C ALA B 62 -11.72 58.67 34.54
N LEU B 63 -11.04 57.55 34.77
CA LEU B 63 -9.59 57.50 34.86
C LEU B 63 -9.10 56.52 33.80
N ASN B 64 -8.17 56.96 32.97
CA ASN B 64 -7.61 56.16 31.89
C ASN B 64 -6.10 56.22 31.99
N LEU B 65 -5.50 55.14 32.39
CA LEU B 65 -4.06 55.06 32.61
C LEU B 65 -3.43 53.92 31.81
N THR B 66 -4.01 53.55 30.67
CA THR B 66 -3.57 52.33 29.98
C THR B 66 -2.21 52.51 29.32
N GLY B 67 -1.39 51.45 29.39
CA GLY B 67 -0.18 51.46 28.60
C GLY B 67 0.91 52.38 29.08
N LEU B 68 0.83 52.91 30.29
CA LEU B 68 1.91 53.75 30.82
C LEU B 68 3.06 52.93 31.40
N GLY B 69 2.87 51.64 31.61
CA GLY B 69 3.92 50.82 32.17
C GLY B 69 4.03 50.91 33.68
N LEU B 70 2.95 51.27 34.36
CA LEU B 70 3.00 51.44 35.79
C LEU B 70 3.32 50.10 36.45
N THR B 71 4.00 50.17 37.59
CA THR B 71 4.55 48.96 38.16
C THR B 71 4.10 48.70 39.59
N GLY B 72 3.14 49.46 40.09
CA GLY B 72 2.78 49.42 41.49
C GLY B 72 1.58 48.56 41.83
N SER B 73 0.89 48.94 42.90
CA SER B 73 -0.24 48.27 43.51
C SER B 73 -1.50 49.11 43.23
N ILE B 74 -2.68 48.51 43.39
CA ILE B 74 -3.92 49.27 43.36
C ILE B 74 -4.35 49.63 44.79
N SER B 75 -4.72 50.93 45.02
CA SER B 75 -4.92 51.13 46.44
C SER B 75 -6.40 51.00 46.80
N PRO B 76 -6.73 50.48 47.99
CA PRO B 76 -8.15 50.44 48.39
C PRO B 76 -8.77 51.80 48.41
N TRP B 77 -7.94 52.83 48.43
CA TRP B 77 -8.46 54.18 48.40
C TRP B 77 -9.20 54.48 47.11
N PHE B 78 -8.98 53.71 46.02
CA PHE B 78 -9.77 53.91 44.80
C PHE B 78 -11.26 53.96 45.09
N GLY B 79 -11.73 53.14 46.04
CA GLY B 79 -13.14 53.06 46.35
C GLY B 79 -13.75 54.36 46.85
N ARG B 80 -12.94 55.29 47.30
CA ARG B 80 -13.50 56.53 47.80
C ARG B 80 -13.95 57.47 46.67
N PHE B 81 -13.57 57.19 45.41
CA PHE B 81 -14.01 58.01 44.27
C PHE B 81 -15.50 57.89 44.06
N ASP B 82 -16.28 58.75 44.67
CA ASP B 82 -17.69 58.72 44.33
C ASP B 82 -17.81 59.24 42.90
N ASN B 83 -18.98 59.08 42.30
CA ASN B 83 -19.25 59.61 40.96
C ASN B 83 -18.36 59.02 39.86
N LEU B 84 -17.47 58.08 40.17
CA LEU B 84 -16.62 57.46 39.15
C LEU B 84 -17.43 56.53 38.25
N ILE B 85 -17.24 56.65 36.94
CA ILE B 85 -17.96 55.84 35.96
C ILE B 85 -17.04 54.91 35.18
N HIS B 86 -15.83 55.36 34.84
CA HIS B 86 -14.86 54.55 34.08
C HIS B 86 -13.48 54.49 34.75
N LEU B 87 -13.06 53.29 35.15
CA LEU B 87 -11.71 53.08 35.68
C LEU B 87 -10.96 52.12 34.76
N ASP B 88 -9.85 52.59 34.18
CA ASP B 88 -9.06 51.75 33.28
C ASP B 88 -7.59 51.84 33.64
N LEU B 89 -7.06 50.79 34.29
CA LEU B 89 -5.64 50.63 34.56
C LEU B 89 -4.99 49.52 33.74
N SER B 90 -5.63 49.09 32.66
CA SER B 90 -5.16 47.96 31.86
C SER B 90 -3.75 48.14 31.30
N SER B 91 -3.17 47.01 30.88
CA SER B 91 -1.94 46.95 30.09
C SER B 91 -0.77 47.67 30.76
N ASN B 92 -0.77 47.73 32.09
CA ASN B 92 0.42 48.10 32.83
C ASN B 92 1.08 46.83 33.36
N ASN B 93 2.00 47.01 34.31
CA ASN B 93 2.70 45.93 34.99
C ASN B 93 2.34 45.90 36.46
N LEU B 94 1.07 46.18 36.78
CA LEU B 94 0.64 46.33 38.16
C LEU B 94 0.56 44.99 38.89
N VAL B 95 0.55 45.06 40.21
CA VAL B 95 0.76 43.91 41.07
C VAL B 95 -0.25 43.97 42.20
N GLY B 96 -0.42 42.85 42.88
CA GLY B 96 -1.20 42.81 44.09
C GLY B 96 -2.64 42.44 43.84
N PRO B 97 -3.41 42.37 44.91
CA PRO B 97 -4.81 41.97 44.79
C PRO B 97 -5.67 43.07 44.19
N ILE B 98 -6.89 42.69 43.84
CA ILE B 98 -7.94 43.64 43.48
C ILE B 98 -8.62 44.05 44.77
N PRO B 99 -8.60 45.33 45.13
CA PRO B 99 -9.14 45.72 46.44
C PRO B 99 -10.62 45.44 46.55
N THR B 100 -11.02 44.84 47.66
CA THR B 100 -12.45 44.71 47.90
C THR B 100 -13.11 46.08 48.00
N ALA B 101 -12.32 47.14 48.17
CA ALA B 101 -12.86 48.48 48.30
C ALA B 101 -13.45 49.04 47.02
N LEU B 102 -13.10 48.53 45.84
CA LEU B 102 -13.71 49.13 44.67
C LEU B 102 -15.17 48.77 44.54
N SER B 103 -15.64 47.75 45.26
CA SER B 103 -17.06 47.62 45.58
C SER B 103 -17.77 48.99 45.62
N ASN B 104 -17.22 49.93 46.36
CA ASN B 104 -17.88 51.19 46.70
C ASN B 104 -17.82 52.25 45.60
N LEU B 105 -17.94 51.84 44.35
CA LEU B 105 -17.98 52.75 43.22
C LEU B 105 -19.34 52.57 42.56
N THR B 106 -20.40 53.01 43.25
CA THR B 106 -21.74 52.61 42.85
C THR B 106 -22.08 53.09 41.45
N SER B 107 -21.57 54.26 41.05
CA SER B 107 -21.82 54.78 39.72
C SER B 107 -20.91 54.16 38.66
N LEU B 108 -20.01 53.25 39.02
CA LEU B 108 -19.08 52.71 38.04
C LEU B 108 -19.83 51.85 37.04
N GLU B 109 -19.53 52.04 35.74
CA GLU B 109 -20.03 51.08 34.75
C GLU B 109 -18.96 50.44 33.89
N SER B 110 -17.68 50.89 33.93
CA SER B 110 -16.57 50.21 33.28
C SER B 110 -15.45 49.96 34.27
N LEU B 111 -14.88 48.75 34.24
CA LEU B 111 -13.73 48.41 35.06
C LEU B 111 -12.74 47.63 34.23
N PHE B 112 -11.61 48.24 33.85
CA PHE B 112 -10.61 47.61 33.00
C PHE B 112 -9.31 47.50 33.78
N LEU B 113 -9.03 46.29 34.27
CA LEU B 113 -7.81 45.95 35.00
C LEU B 113 -6.97 44.93 34.24
N PHE B 114 -7.30 44.67 32.98
CA PHE B 114 -6.71 43.55 32.29
C PHE B 114 -5.27 43.79 31.91
N SER B 115 -4.60 42.69 31.56
CA SER B 115 -3.22 42.66 31.13
C SER B 115 -2.27 43.34 32.08
N ASN B 116 -2.54 43.24 33.37
CA ASN B 116 -1.53 43.52 34.40
C ASN B 116 -0.92 42.21 34.90
N GLN B 117 -0.36 42.23 36.09
CA GLN B 117 0.22 41.04 36.72
C GLN B 117 -0.40 40.82 38.10
N LEU B 118 -1.68 41.20 38.27
CA LEU B 118 -2.34 41.11 39.57
C LEU B 118 -2.58 39.67 40.02
N THR B 119 -2.72 39.52 41.33
CA THR B 119 -2.82 38.25 42.03
C THR B 119 -4.07 38.30 42.90
N GLY B 120 -4.33 37.19 43.58
CA GLY B 120 -5.46 37.10 44.50
C GLY B 120 -6.70 36.52 43.87
N GLU B 121 -7.73 36.48 44.70
CA GLU B 121 -9.06 36.07 44.30
C GLU B 121 -9.80 37.29 43.73
N ILE B 122 -10.86 37.02 42.98
CA ILE B 122 -11.73 38.12 42.56
C ILE B 122 -12.62 38.49 43.74
N PRO B 123 -12.67 39.76 44.15
CA PRO B 123 -13.51 40.13 45.31
C PRO B 123 -14.96 39.89 44.95
N SER B 124 -15.64 39.06 45.76
CA SER B 124 -17.08 38.88 45.63
C SER B 124 -17.83 40.17 45.79
N GLN B 125 -17.19 41.18 46.37
CA GLN B 125 -17.87 42.44 46.58
C GLN B 125 -18.12 43.19 45.28
N LEU B 126 -17.47 42.78 44.19
CA LEU B 126 -17.76 43.33 42.88
C LEU B 126 -19.21 43.08 42.48
N GLY B 127 -19.87 42.10 43.10
CA GLY B 127 -21.28 41.90 42.85
C GLY B 127 -22.17 43.09 43.17
N SER B 128 -21.66 44.07 43.91
CA SER B 128 -22.51 45.21 44.26
C SER B 128 -22.35 46.39 43.31
N LEU B 129 -21.53 46.27 42.27
CA LEU B 129 -21.36 47.33 41.28
C LEU B 129 -22.49 47.32 40.27
N VAL B 130 -23.72 47.34 40.80
CA VAL B 130 -24.88 46.94 40.02
C VAL B 130 -25.10 47.76 38.74
N ASN B 131 -24.52 48.96 38.63
CA ASN B 131 -24.60 49.74 37.40
C ASN B 131 -23.44 49.48 36.45
N ILE B 132 -22.56 48.51 36.73
CA ILE B 132 -21.46 48.21 35.82
C ILE B 132 -22.02 47.60 34.54
N ARG B 133 -21.39 47.94 33.42
CA ARG B 133 -21.80 47.45 32.10
C ARG B 133 -20.78 46.55 31.42
N SER B 134 -19.46 46.77 31.61
CA SER B 134 -18.45 45.81 31.15
C SER B 134 -17.31 45.75 32.17
N LEU B 135 -16.90 44.52 32.51
CA LEU B 135 -15.89 44.21 33.54
C LEU B 135 -14.79 43.40 32.89
N ARG B 136 -13.57 43.96 32.83
CA ARG B 136 -12.46 43.30 32.12
C ARG B 136 -11.21 43.21 33.02
N ILE B 137 -10.94 42.02 33.55
CA ILE B 137 -9.85 41.89 34.53
C ILE B 137 -8.93 40.72 34.26
N GLY B 138 -8.89 40.23 33.01
CA GLY B 138 -8.13 39.04 32.66
C GLY B 138 -6.70 39.36 32.27
N ASP B 139 -6.01 38.35 31.75
CA ASP B 139 -4.57 38.39 31.46
C ASP B 139 -3.76 38.76 32.70
N ASN B 140 -4.16 38.18 33.84
CA ASN B 140 -3.46 38.35 35.11
C ASN B 140 -3.11 36.97 35.70
N GLU B 141 -2.49 37.02 36.90
CA GLU B 141 -2.26 35.82 37.71
C GLU B 141 -3.35 35.65 38.77
N LEU B 142 -4.59 36.05 38.43
CA LEU B 142 -5.71 35.91 39.38
C LEU B 142 -6.10 34.46 39.61
N VAL B 143 -6.42 34.18 40.87
CA VAL B 143 -6.53 32.84 41.41
C VAL B 143 -7.95 32.68 42.00
N GLY B 144 -8.31 31.47 42.39
CA GLY B 144 -9.59 31.29 43.05
C GLY B 144 -10.76 30.93 42.17
N ASP B 145 -11.89 30.71 42.83
CA ASP B 145 -13.17 30.54 42.17
C ASP B 145 -13.80 31.84 41.69
N ILE B 146 -14.59 31.71 40.63
CA ILE B 146 -15.43 32.78 40.11
C ILE B 146 -16.54 33.06 41.13
N PRO B 147 -16.70 34.30 41.59
CA PRO B 147 -17.69 34.55 42.67
C PRO B 147 -19.11 34.39 42.18
N GLU B 148 -19.93 33.65 42.93
CA GLU B 148 -21.31 33.47 42.53
C GLU B 148 -22.07 34.79 42.50
N THR B 149 -21.61 35.78 43.27
CA THR B 149 -22.26 37.08 43.31
C THR B 149 -22.18 37.80 41.99
N LEU B 150 -21.34 37.35 41.06
CA LEU B 150 -21.17 38.09 39.81
C LEU B 150 -22.48 38.21 39.04
N GLY B 151 -23.38 37.24 39.21
CA GLY B 151 -24.67 37.27 38.54
C GLY B 151 -25.58 38.41 38.96
N ASN B 152 -25.32 39.03 40.10
CA ASN B 152 -26.16 40.16 40.49
C ASN B 152 -25.94 41.33 39.55
N LEU B 153 -24.91 41.29 38.71
CA LEU B 153 -24.53 42.44 37.90
C LEU B 153 -25.43 42.58 36.69
N VAL B 154 -26.74 42.70 36.95
CA VAL B 154 -27.73 42.47 35.91
C VAL B 154 -27.63 43.44 34.74
N ASN B 155 -27.06 44.63 34.94
CA ASN B 155 -26.88 45.54 33.81
C ASN B 155 -25.67 45.18 32.95
N LEU B 156 -24.92 44.15 33.32
CA LEU B 156 -23.63 43.86 32.69
C LEU B 156 -23.83 43.39 31.26
N GLN B 157 -23.06 43.97 30.33
CA GLN B 157 -23.06 43.58 28.91
C GLN B 157 -21.83 42.78 28.48
N MET B 158 -20.70 42.94 29.17
CA MET B 158 -19.50 42.17 28.89
C MET B 158 -18.83 41.74 30.20
N LEU B 159 -18.48 40.46 30.28
CA LEU B 159 -17.74 39.87 31.40
C LEU B 159 -16.59 39.04 30.82
N ALA B 160 -15.36 39.51 31.02
CA ALA B 160 -14.17 38.88 30.47
C ALA B 160 -13.17 38.55 31.58
N LEU B 161 -12.87 37.25 31.77
CA LEU B 161 -12.00 36.76 32.83
C LEU B 161 -10.86 35.90 32.29
N ALA B 162 -10.50 36.04 31.02
CA ALA B 162 -9.68 35.03 30.37
C ALA B 162 -8.20 35.16 30.76
N SER B 163 -7.48 34.07 30.47
CA SER B 163 -6.04 33.91 30.75
C SER B 163 -5.67 34.31 32.18
N CYS B 164 -6.30 33.64 33.12
CA CYS B 164 -5.95 33.75 34.52
C CYS B 164 -5.67 32.34 35.04
N ARG B 165 -5.78 32.20 36.35
CA ARG B 165 -5.54 30.93 37.06
C ARG B 165 -6.76 30.57 37.90
N LEU B 166 -7.95 30.84 37.35
CA LEU B 166 -9.17 30.66 38.13
C LEU B 166 -9.65 29.22 38.10
N THR B 167 -10.36 28.85 39.14
CA THR B 167 -10.71 27.45 39.37
C THR B 167 -12.21 27.33 39.58
N GLY B 168 -12.67 26.10 39.71
CA GLY B 168 -14.05 25.88 40.05
C GLY B 168 -14.99 26.02 38.85
N PRO B 169 -16.28 25.82 39.09
CA PRO B 169 -17.24 25.81 38.00
C PRO B 169 -17.54 27.21 37.48
N ILE B 170 -18.04 27.24 36.25
CA ILE B 170 -18.77 28.40 35.75
C ILE B 170 -20.03 28.50 36.62
N PRO B 171 -20.21 29.60 37.34
CA PRO B 171 -21.34 29.70 38.29
C PRO B 171 -22.70 29.57 37.62
N SER B 172 -23.59 28.77 38.22
CA SER B 172 -24.93 28.63 37.63
C SER B 172 -25.72 29.93 37.77
N GLN B 173 -25.29 30.78 38.70
CA GLN B 173 -25.89 32.09 38.88
C GLN B 173 -25.38 33.09 37.85
N LEU B 174 -24.79 32.64 36.74
CA LEU B 174 -24.57 33.56 35.64
C LEU B 174 -25.76 33.54 34.71
N GLY B 175 -26.68 32.59 34.93
CA GLY B 175 -27.97 32.60 34.31
C GLY B 175 -28.81 33.79 34.75
N ARG B 176 -28.44 34.39 35.89
CA ARG B 176 -29.10 35.64 36.30
C ARG B 176 -28.67 36.80 35.42
N LEU B 177 -27.56 36.64 34.70
CA LEU B 177 -26.98 37.74 33.94
C LEU B 177 -27.51 37.81 32.53
N VAL B 178 -28.77 38.29 32.50
CA VAL B 178 -29.66 38.31 31.35
C VAL B 178 -29.11 39.14 30.19
N ARG B 179 -28.52 40.29 30.49
CA ARG B 179 -28.25 41.24 29.38
C ARG B 179 -26.79 41.25 28.89
N VAL B 180 -25.99 40.26 29.27
CA VAL B 180 -24.59 40.28 28.82
C VAL B 180 -24.52 39.81 27.38
N GLN B 181 -23.72 40.50 26.57
CA GLN B 181 -23.52 40.21 25.14
C GLN B 181 -22.23 39.43 24.88
N SER B 182 -21.18 39.67 25.67
CA SER B 182 -19.87 38.98 25.56
C SER B 182 -19.53 38.27 26.87
N LEU B 183 -19.26 36.97 26.80
CA LEU B 183 -18.79 36.16 27.93
C LEU B 183 -17.45 35.53 27.54
N ILE B 184 -16.37 35.96 28.17
CA ILE B 184 -15.01 35.60 27.77
C ILE B 184 -14.34 34.90 28.95
N LEU B 185 -14.25 33.55 28.90
CA LEU B 185 -13.73 32.82 30.05
C LEU B 185 -12.59 31.87 29.69
N GLN B 186 -12.01 32.01 28.49
CA GLN B 186 -11.05 31.02 28.01
C GLN B 186 -9.72 31.11 28.76
N ASP B 187 -8.92 30.03 28.65
CA ASP B 187 -7.52 30.00 29.09
C ASP B 187 -7.41 30.04 30.62
N ASN B 188 -8.26 29.26 31.29
CA ASN B 188 -8.23 29.17 32.74
C ASN B 188 -8.13 27.72 33.26
N TYR B 189 -8.61 27.47 34.49
CA TYR B 189 -8.64 26.18 35.17
C TYR B 189 -10.05 25.82 35.62
N LEU B 190 -11.07 26.19 34.85
CA LEU B 190 -12.42 25.92 35.32
C LEU B 190 -12.83 24.48 35.05
N GLU B 191 -13.72 23.97 35.88
CA GLU B 191 -13.94 22.53 35.94
C GLU B 191 -15.44 22.26 36.12
N GLY B 192 -15.83 21.01 35.86
CA GLY B 192 -17.18 20.59 36.09
C GLY B 192 -18.05 20.73 34.86
N PRO B 193 -19.35 20.52 35.02
CA PRO B 193 -20.26 20.65 33.87
C PRO B 193 -20.56 22.10 33.52
N ILE B 194 -20.91 22.33 32.26
CA ILE B 194 -21.43 23.63 31.87
C ILE B 194 -22.87 23.74 32.34
N PRO B 195 -23.25 24.81 33.03
CA PRO B 195 -24.60 24.85 33.61
C PRO B 195 -25.66 25.02 32.54
N ALA B 196 -26.77 24.30 32.71
CA ALA B 196 -27.91 24.52 31.83
C ALA B 196 -28.43 25.93 31.96
N GLU B 197 -28.21 26.56 33.11
CA GLU B 197 -28.73 27.91 33.34
C GLU B 197 -28.17 28.93 32.37
N LEU B 198 -27.04 28.62 31.72
CA LEU B 198 -26.49 29.59 30.80
C LEU B 198 -27.36 29.80 29.57
N GLY B 199 -28.36 28.94 29.37
CA GLY B 199 -29.41 29.16 28.38
C GLY B 199 -30.28 30.37 28.64
N ASN B 200 -30.33 30.86 29.88
CA ASN B 200 -31.22 31.97 30.18
C ASN B 200 -30.65 33.32 29.75
N CYS B 201 -29.37 33.37 29.39
CA CYS B 201 -28.66 34.62 29.01
C CYS B 201 -28.90 34.96 27.54
N SER B 202 -30.08 35.48 27.25
CA SER B 202 -30.53 35.42 25.86
C SER B 202 -30.07 36.57 24.99
N ASP B 203 -29.47 37.65 25.54
CA ASP B 203 -28.87 38.68 24.71
C ASP B 203 -27.43 38.34 24.33
N LEU B 204 -27.06 37.07 24.50
CA LEU B 204 -25.72 36.58 24.18
C LEU B 204 -25.36 36.56 22.70
N THR B 205 -24.10 36.98 22.44
CA THR B 205 -23.51 37.11 21.11
C THR B 205 -22.15 36.41 20.99
N VAL B 206 -21.32 36.47 22.03
CA VAL B 206 -20.05 35.72 22.10
C VAL B 206 -19.92 35.00 23.43
N PHE B 207 -19.57 33.71 23.37
CA PHE B 207 -19.27 32.90 24.55
C PHE B 207 -18.01 32.11 24.24
N THR B 208 -16.95 32.33 25.02
CA THR B 208 -15.65 31.70 24.85
C THR B 208 -15.27 31.00 26.14
N ALA B 209 -15.12 29.68 26.09
CA ALA B 209 -14.60 29.01 27.27
C ALA B 209 -13.52 28.02 26.90
N ALA B 210 -12.82 28.26 25.80
CA ALA B 210 -11.79 27.33 25.35
C ALA B 210 -10.71 27.21 26.41
N GLU B 211 -10.01 26.07 26.38
CA GLU B 211 -8.82 25.89 27.19
C GLU B 211 -9.15 25.93 28.68
N ASN B 212 -10.05 25.03 29.06
CA ASN B 212 -10.37 24.79 30.48
C ASN B 212 -10.55 23.29 30.71
N MET B 213 -11.24 22.94 31.81
CA MET B 213 -11.42 21.56 32.24
C MET B 213 -12.89 21.25 32.47
N LEU B 214 -13.77 21.78 31.62
CA LEU B 214 -15.20 21.46 31.70
C LEU B 214 -15.43 20.02 31.23
N ASN B 215 -16.15 19.22 32.02
CA ASN B 215 -16.19 17.78 31.78
C ASN B 215 -17.60 17.20 31.73
N GLY B 216 -18.64 18.01 31.63
CA GLY B 216 -19.98 17.45 31.54
C GLY B 216 -20.30 17.04 30.11
N THR B 217 -21.60 16.90 29.84
CA THR B 217 -22.06 16.92 28.46
C THR B 217 -22.54 18.34 28.17
N ILE B 218 -22.46 18.73 26.91
CA ILE B 218 -22.90 20.06 26.49
C ILE B 218 -24.39 20.11 26.79
N PRO B 219 -24.86 21.00 27.67
CA PRO B 219 -26.29 20.99 28.08
C PRO B 219 -27.19 21.31 26.90
N ALA B 220 -28.37 20.57 26.83
CA ALA B 220 -29.30 20.78 25.71
C ALA B 220 -29.85 22.19 25.75
N GLU B 221 -29.97 22.77 26.94
CA GLU B 221 -30.46 24.15 27.04
C GLU B 221 -29.56 25.20 26.32
N LEU B 222 -28.39 24.89 25.73
CA LEU B 222 -27.65 26.00 25.10
C LEU B 222 -28.29 26.55 23.86
N GLY B 223 -29.11 25.77 23.19
CA GLY B 223 -29.52 26.15 21.86
C GLY B 223 -30.32 27.43 21.83
N ARG B 224 -30.95 27.75 22.96
CA ARG B 224 -31.82 28.90 23.19
C ARG B 224 -31.21 30.26 22.89
N LEU B 225 -29.90 30.40 22.92
CA LEU B 225 -29.32 31.73 22.83
C LEU B 225 -29.36 32.09 21.35
N GLU B 226 -30.53 32.62 20.95
CA GLU B 226 -30.82 32.83 19.53
C GLU B 226 -29.83 33.79 18.89
N ASN B 227 -29.39 34.81 19.62
CA ASN B 227 -28.57 35.87 19.07
C ASN B 227 -27.08 35.55 19.06
N LEU B 228 -26.69 34.36 19.52
CA LEU B 228 -25.30 34.01 19.67
C LEU B 228 -24.62 33.83 18.32
N GLU B 229 -23.51 34.55 18.13
CA GLU B 229 -22.73 34.50 16.89
C GLU B 229 -21.47 33.65 17.00
N ILE B 230 -20.89 33.53 18.20
CA ILE B 230 -19.62 32.82 18.43
C ILE B 230 -19.79 31.81 19.56
N LEU B 231 -19.38 30.55 19.31
CA LEU B 231 -19.26 29.59 20.40
C LEU B 231 -17.93 28.88 20.30
N ASN B 232 -17.14 28.95 21.38
CA ASN B 232 -15.78 28.39 21.38
C ASN B 232 -15.57 27.62 22.67
N LEU B 233 -15.62 26.30 22.58
CA LEU B 233 -15.33 25.43 23.70
C LEU B 233 -14.21 24.46 23.36
N ALA B 234 -13.33 24.85 22.44
CA ALA B 234 -12.22 23.97 22.10
C ALA B 234 -11.39 23.69 23.34
N ASN B 235 -10.66 22.58 23.30
CA ASN B 235 -9.69 22.25 24.37
C ASN B 235 -10.35 22.12 25.75
N ASN B 236 -11.28 21.19 25.88
CA ASN B 236 -11.84 20.84 27.17
C ASN B 236 -11.90 19.32 27.27
N SER B 237 -12.79 18.84 28.13
CA SER B 237 -13.00 17.42 28.35
C SER B 237 -14.49 17.09 28.38
N LEU B 238 -15.27 17.70 27.49
CA LEU B 238 -16.70 17.44 27.46
C LEU B 238 -17.01 16.12 26.76
N THR B 239 -18.12 15.52 27.17
CA THR B 239 -18.47 14.18 26.74
C THR B 239 -19.90 14.13 26.21
N GLY B 240 -20.25 12.98 25.61
CA GLY B 240 -21.54 12.76 24.98
C GLY B 240 -21.48 13.23 23.56
N GLU B 241 -22.65 13.25 22.96
CA GLU B 241 -22.76 13.73 21.60
C GLU B 241 -23.36 15.16 21.57
N ILE B 242 -22.87 15.89 20.55
CA ILE B 242 -23.16 17.27 20.27
C ILE B 242 -24.68 17.34 20.23
N PRO B 243 -25.27 18.07 21.15
CA PRO B 243 -26.73 18.12 21.22
C PRO B 243 -27.30 18.70 19.94
N SER B 244 -28.33 18.04 19.42
CA SER B 244 -28.85 18.49 18.14
C SER B 244 -29.57 19.82 18.26
N GLN B 245 -29.94 20.24 19.47
CA GLN B 245 -30.54 21.56 19.67
C GLN B 245 -29.58 22.69 19.36
N LEU B 246 -28.29 22.42 19.16
CA LEU B 246 -27.39 23.49 18.76
C LEU B 246 -27.61 23.88 17.31
N GLY B 247 -28.39 23.10 16.57
CA GLY B 247 -28.93 23.51 15.29
C GLY B 247 -29.91 24.67 15.34
N GLU B 248 -30.39 25.03 16.53
CA GLU B 248 -31.32 26.14 16.66
C GLU B 248 -30.64 27.50 16.82
N MET B 249 -29.31 27.54 16.92
CA MET B 249 -28.54 28.78 17.12
C MET B 249 -28.33 29.51 15.79
N SER B 250 -29.40 30.08 15.25
CA SER B 250 -29.41 30.40 13.84
C SER B 250 -28.47 31.54 13.42
N GLN B 251 -28.06 32.41 14.34
CA GLN B 251 -27.15 33.50 13.99
C GLN B 251 -25.67 33.13 14.10
N LEU B 252 -25.35 31.89 14.51
CA LEU B 252 -23.96 31.47 14.71
C LEU B 252 -23.10 31.69 13.48
N GLN B 253 -21.91 32.24 13.68
CA GLN B 253 -20.89 32.31 12.64
C GLN B 253 -19.74 31.35 12.86
N TYR B 254 -19.36 31.12 14.13
CA TYR B 254 -18.20 30.31 14.50
C TYR B 254 -18.57 29.28 15.57
N LEU B 255 -18.24 28.01 15.31
CA LEU B 255 -18.33 26.93 16.29
C LEU B 255 -17.01 26.14 16.28
N SER B 256 -16.38 26.01 17.45
CA SER B 256 -15.28 25.08 17.61
C SER B 256 -15.52 24.24 18.87
N LEU B 257 -15.47 22.91 18.71
CA LEU B 257 -15.55 21.94 19.80
C LEU B 257 -14.36 21.00 19.69
N MET B 258 -13.29 21.52 19.12
CA MET B 258 -12.01 20.83 19.00
C MET B 258 -11.55 20.27 20.35
N ALA B 259 -10.79 19.17 20.28
CA ALA B 259 -10.02 18.71 21.42
C ALA B 259 -10.89 18.47 22.63
N ASN B 260 -12.00 17.79 22.43
CA ASN B 260 -12.80 17.31 23.56
C ASN B 260 -12.91 15.79 23.49
N GLN B 261 -13.85 15.22 24.23
CA GLN B 261 -14.10 13.77 24.21
C GLN B 261 -15.55 13.48 23.84
N LEU B 262 -16.10 14.28 22.94
CA LEU B 262 -17.49 14.03 22.54
C LEU B 262 -17.51 12.71 21.79
N GLN B 263 -18.58 11.93 21.86
CA GLN B 263 -18.33 10.50 21.70
C GLN B 263 -19.03 9.77 20.58
N GLY B 264 -19.83 10.45 19.73
CA GLY B 264 -20.81 9.83 18.87
C GLY B 264 -20.85 10.49 17.46
N LEU B 265 -21.82 10.00 16.69
CA LEU B 265 -21.97 10.48 15.35
C LEU B 265 -22.50 11.91 15.32
N ILE B 266 -21.96 12.61 14.33
CA ILE B 266 -22.12 14.02 14.14
C ILE B 266 -23.60 14.31 13.91
N PRO B 267 -24.14 15.28 14.61
CA PRO B 267 -25.55 15.63 14.41
C PRO B 267 -25.69 16.37 13.10
N LYS B 268 -26.78 16.06 12.38
CA LYS B 268 -27.00 16.74 11.12
C LYS B 268 -27.73 18.07 11.32
N SER B 269 -28.21 18.34 12.52
CA SER B 269 -28.90 19.60 12.77
C SER B 269 -28.03 20.78 12.39
N LEU B 270 -26.72 20.64 12.56
CA LEU B 270 -25.81 21.73 12.28
C LEU B 270 -25.81 22.12 10.81
N ALA B 271 -26.38 21.29 9.92
CA ALA B 271 -26.56 21.71 8.53
C ALA B 271 -27.53 22.87 8.41
N ASP B 272 -28.47 22.98 9.36
CA ASP B 272 -29.47 24.05 9.42
C ASP B 272 -28.88 25.40 9.80
N LEU B 273 -27.60 25.47 10.19
CA LEU B 273 -26.96 26.72 10.59
C LEU B 273 -26.43 27.46 9.35
N GLY B 274 -27.28 28.34 8.81
CA GLY B 274 -26.98 28.92 7.50
C GLY B 274 -25.86 29.95 7.50
N ASN B 275 -25.78 30.79 8.52
CA ASN B 275 -24.75 31.82 8.50
C ASN B 275 -23.47 31.32 9.11
N LEU B 276 -23.40 30.03 9.43
CA LEU B 276 -22.19 29.40 9.96
C LEU B 276 -21.06 29.49 8.95
N GLN B 277 -19.92 30.04 9.39
CA GLN B 277 -18.74 30.22 8.55
C GLN B 277 -17.62 29.24 8.83
N THR B 278 -17.39 28.80 10.08
CA THR B 278 -16.39 27.79 10.47
C THR B 278 -16.99 26.75 11.40
N LEU B 279 -16.76 25.47 11.05
CA LEU B 279 -17.11 24.31 11.87
C LEU B 279 -15.82 23.56 12.20
N ASP B 280 -15.49 23.46 13.48
CA ASP B 280 -14.32 22.66 13.84
C ASP B 280 -14.67 21.70 14.97
N LEU B 281 -14.59 20.40 14.67
CA LEU B 281 -14.82 19.30 15.60
C LEU B 281 -13.68 18.29 15.56
N SER B 282 -12.51 18.77 15.12
CA SER B 282 -11.25 18.05 15.18
C SER B 282 -11.05 17.42 16.55
N ALA B 283 -10.35 16.28 16.57
CA ALA B 283 -9.81 15.71 17.80
C ALA B 283 -10.90 15.40 18.82
N ASN B 284 -11.84 14.55 18.41
CA ASN B 284 -12.87 14.04 19.32
C ASN B 284 -13.03 12.52 19.12
N ASN B 285 -14.02 11.95 19.82
CA ASN B 285 -14.44 10.57 19.64
C ASN B 285 -15.73 10.49 18.85
N LEU B 286 -15.93 11.43 17.92
CA LEU B 286 -17.05 11.38 16.99
C LEU B 286 -16.94 10.15 16.12
N THR B 287 -18.09 9.74 15.58
CA THR B 287 -18.17 8.58 14.71
C THR B 287 -19.29 8.81 13.70
N GLY B 288 -19.56 7.77 12.89
CA GLY B 288 -20.44 7.91 11.75
C GLY B 288 -19.68 8.56 10.61
N GLU B 289 -20.30 8.64 9.45
CA GLU B 289 -19.67 9.32 8.32
C GLU B 289 -20.21 10.73 8.20
N ILE B 290 -19.47 11.57 7.49
CA ILE B 290 -19.78 12.99 7.38
C ILE B 290 -21.20 13.16 6.85
N PRO B 291 -22.13 13.72 7.63
CA PRO B 291 -23.50 13.89 7.13
C PRO B 291 -23.51 14.62 5.81
N GLU B 292 -24.22 14.03 4.83
CA GLU B 292 -24.14 14.56 3.49
C GLU B 292 -24.80 15.93 3.37
N GLU B 293 -25.60 16.32 4.36
CA GLU B 293 -26.20 17.66 4.38
C GLU B 293 -25.15 18.75 4.34
N PHE B 294 -23.97 18.48 4.93
CA PHE B 294 -22.90 19.48 5.07
C PHE B 294 -22.49 20.05 3.73
N TRP B 295 -22.59 19.27 2.67
CA TRP B 295 -22.16 19.77 1.38
C TRP B 295 -23.09 20.81 0.79
N ASN B 296 -24.30 20.99 1.34
CA ASN B 296 -25.22 22.04 0.92
C ASN B 296 -24.93 23.40 1.57
N MET B 297 -23.93 23.50 2.44
CA MET B 297 -23.70 24.68 3.27
C MET B 297 -23.04 25.80 2.48
N SER B 298 -23.89 26.71 1.98
CA SER B 298 -23.47 27.83 1.12
C SER B 298 -22.28 28.60 1.68
N GLN B 299 -22.46 29.20 2.87
CA GLN B 299 -21.59 30.25 3.36
C GLN B 299 -20.44 29.75 4.21
N LEU B 300 -20.29 28.44 4.38
CA LEU B 300 -19.18 27.87 5.16
C LEU B 300 -17.82 28.17 4.54
N LEU B 301 -16.87 28.57 5.38
CA LEU B 301 -15.49 28.87 5.01
C LEU B 301 -14.48 27.82 5.43
N ASP B 302 -14.58 27.29 6.67
CA ASP B 302 -13.66 26.30 7.24
C ASP B 302 -14.46 25.06 7.69
N LEU B 303 -14.14 23.90 7.15
CA LEU B 303 -14.71 22.64 7.66
C LEU B 303 -13.55 21.80 8.19
N VAL B 304 -13.54 21.58 9.51
CA VAL B 304 -12.46 20.87 10.17
C VAL B 304 -13.03 19.79 11.08
N LEU B 305 -12.88 18.54 10.69
CA LEU B 305 -13.28 17.49 11.61
C LEU B 305 -12.29 16.35 11.59
N ALA B 306 -11.02 16.69 11.36
CA ALA B 306 -9.92 15.74 11.37
C ALA B 306 -9.82 15.01 12.71
N ASN B 307 -9.12 13.88 12.67
CA ASN B 307 -8.74 13.06 13.83
C ASN B 307 -9.96 12.75 14.69
N ASN B 308 -10.93 12.16 13.99
CA ASN B 308 -12.11 11.55 14.55
C ASN B 308 -12.27 10.16 13.99
N HIS B 309 -13.03 9.37 14.71
CA HIS B 309 -13.26 7.95 14.45
C HIS B 309 -14.47 7.81 13.54
N LEU B 310 -14.50 8.63 12.50
CA LEU B 310 -15.52 8.60 11.49
C LEU B 310 -15.35 7.35 10.64
N SER B 311 -16.21 7.23 9.64
CA SER B 311 -16.22 6.05 8.79
C SER B 311 -16.52 6.49 7.38
N GLY B 312 -16.39 5.56 6.45
CA GLY B 312 -16.89 5.81 5.12
C GLY B 312 -15.94 6.45 4.14
N SER B 313 -16.49 7.18 3.17
CA SER B 313 -15.73 7.78 2.08
C SER B 313 -16.44 9.01 1.54
N LEU B 314 -15.69 9.81 0.79
CA LEU B 314 -16.23 11.05 0.27
C LEU B 314 -17.32 10.72 -0.74
N PRO B 315 -18.58 11.07 -0.50
CA PRO B 315 -19.61 10.79 -1.51
C PRO B 315 -19.44 11.76 -2.65
N LYS B 316 -19.98 11.40 -3.83
CA LYS B 316 -19.84 12.28 -5.01
C LYS B 316 -20.77 13.47 -4.91
N SER B 317 -21.70 13.50 -3.94
CA SER B 317 -22.46 14.70 -3.66
C SER B 317 -21.61 15.85 -3.09
N ILE B 318 -20.40 15.57 -2.59
CA ILE B 318 -19.65 16.56 -1.82
C ILE B 318 -19.15 17.68 -2.73
N CYS B 319 -18.97 18.86 -2.13
CA CYS B 319 -18.67 20.15 -2.74
C CYS B 319 -19.80 20.70 -3.62
N SER B 320 -20.99 20.13 -3.60
CA SER B 320 -22.14 20.69 -4.32
C SER B 320 -22.76 21.79 -3.47
N ASN B 321 -22.68 23.05 -3.91
CA ASN B 321 -23.29 24.18 -3.17
C ASN B 321 -22.54 24.39 -1.84
N ASN B 322 -21.20 24.31 -1.93
CA ASN B 322 -20.23 24.66 -0.89
C ASN B 322 -19.49 25.89 -1.40
N THR B 323 -20.27 26.79 -1.99
CA THR B 323 -19.75 27.81 -2.89
C THR B 323 -18.59 28.62 -2.30
N ASN B 324 -18.60 28.90 -1.00
CA ASN B 324 -17.61 29.80 -0.43
C ASN B 324 -16.45 29.13 0.30
N LEU B 325 -16.41 27.80 0.35
CA LEU B 325 -15.55 27.11 1.32
C LEU B 325 -14.07 27.22 0.96
N GLU B 326 -13.27 27.63 1.94
CA GLU B 326 -11.86 27.96 1.77
C GLU B 326 -10.91 26.93 2.37
N GLN B 327 -11.36 26.19 3.39
CA GLN B 327 -10.50 25.24 4.10
C GLN B 327 -11.29 24.01 4.52
N LEU B 328 -10.90 22.85 3.98
CA LEU B 328 -11.48 21.58 4.38
C LEU B 328 -10.36 20.64 4.80
N VAL B 329 -10.40 20.18 6.06
CA VAL B 329 -9.41 19.25 6.60
C VAL B 329 -10.13 18.06 7.23
N LEU B 330 -9.83 16.88 6.74
CA LEU B 330 -10.41 15.64 7.25
C LEU B 330 -9.31 14.61 7.51
N SER B 331 -8.16 15.05 8.00
CA SER B 331 -7.09 14.10 8.26
C SER B 331 -7.42 13.16 9.40
N GLY B 332 -6.90 11.94 9.31
CA GLY B 332 -7.13 10.99 10.38
C GLY B 332 -8.57 10.70 10.71
N THR B 333 -9.44 10.76 9.70
CA THR B 333 -10.86 10.52 9.91
C THR B 333 -11.27 9.14 9.41
N GLN B 334 -10.28 8.27 9.13
CA GLN B 334 -10.46 6.90 8.62
C GLN B 334 -11.41 6.84 7.42
N LEU B 335 -11.29 7.80 6.53
CA LEU B 335 -12.08 7.74 5.31
C LEU B 335 -11.44 6.73 4.34
N SER B 336 -12.27 6.21 3.42
CA SER B 336 -11.94 5.09 2.53
C SER B 336 -12.22 5.51 1.09
N GLY B 337 -11.84 4.64 0.14
CA GLY B 337 -12.18 4.89 -1.26
C GLY B 337 -11.24 5.94 -1.81
N GLU B 338 -11.39 6.30 -3.10
CA GLU B 338 -10.54 7.35 -3.64
C GLU B 338 -11.29 8.68 -3.84
N ILE B 339 -10.53 9.69 -4.22
CA ILE B 339 -10.97 11.08 -4.17
C ILE B 339 -12.02 11.35 -5.25
N PRO B 340 -13.16 11.96 -4.92
CA PRO B 340 -14.13 12.37 -5.94
C PRO B 340 -13.64 13.53 -6.81
N VAL B 341 -13.93 13.47 -8.12
CA VAL B 341 -13.70 14.61 -8.99
C VAL B 341 -14.63 15.78 -8.66
N GLU B 342 -15.81 15.46 -8.12
CA GLU B 342 -16.78 16.44 -7.65
C GLU B 342 -16.21 17.42 -6.61
N LEU B 343 -15.17 17.03 -5.88
CA LEU B 343 -14.59 17.93 -4.89
C LEU B 343 -14.05 19.19 -5.54
N SER B 344 -13.91 19.17 -6.87
CA SER B 344 -13.51 20.34 -7.65
C SER B 344 -14.64 21.31 -7.80
N LYS B 345 -15.83 20.99 -7.28
CA LYS B 345 -16.93 21.90 -7.14
C LYS B 345 -16.69 23.02 -6.12
N CYS B 346 -15.81 22.80 -5.13
CA CYS B 346 -15.52 23.85 -4.13
C CYS B 346 -14.50 24.83 -4.65
N GLN B 347 -14.84 25.58 -5.70
CA GLN B 347 -13.85 26.58 -6.04
C GLN B 347 -13.81 27.61 -4.91
N SER B 348 -12.69 28.34 -4.82
CA SER B 348 -12.39 29.34 -3.77
C SER B 348 -11.61 28.68 -2.65
N LEU B 349 -11.70 27.34 -2.58
CA LEU B 349 -10.97 26.49 -1.63
C LEU B 349 -9.50 26.88 -1.55
N LYS B 350 -9.03 27.17 -0.35
CA LYS B 350 -7.64 27.57 -0.12
C LYS B 350 -6.77 26.44 0.41
N GLN B 351 -7.32 25.53 1.22
CA GLN B 351 -6.53 24.48 1.87
C GLN B 351 -7.32 23.19 1.96
N LEU B 352 -6.79 22.12 1.37
CA LEU B 352 -7.40 20.80 1.39
C LEU B 352 -6.43 19.82 2.06
N ASP B 353 -6.89 19.17 3.13
CA ASP B 353 -6.11 18.18 3.87
C ASP B 353 -6.91 16.89 4.03
N LEU B 354 -6.45 15.81 3.39
CA LEU B 354 -7.08 14.49 3.46
C LEU B 354 -6.10 13.41 3.91
N SER B 355 -4.99 13.79 4.54
CA SER B 355 -3.92 12.87 4.91
C SER B 355 -4.31 11.94 6.06
N ASN B 356 -3.45 10.95 6.31
CA ASN B 356 -3.65 10.03 7.43
C ASN B 356 -4.99 9.28 7.33
N ASN B 357 -5.46 9.01 6.13
CA ASN B 357 -6.67 8.25 5.95
C ASN B 357 -6.42 6.94 5.20
N SER B 358 -7.47 6.29 4.75
CA SER B 358 -7.36 5.08 3.94
C SER B 358 -7.82 5.32 2.50
N LEU B 359 -7.55 6.51 1.96
CA LEU B 359 -7.96 6.79 0.59
C LEU B 359 -7.06 6.04 -0.38
N ALA B 360 -7.59 5.74 -1.58
CA ALA B 360 -7.00 4.83 -2.56
C ALA B 360 -6.92 5.53 -3.91
N GLY B 361 -6.42 4.83 -4.93
CA GLY B 361 -6.49 5.35 -6.28
C GLY B 361 -5.50 6.46 -6.58
N SER B 362 -5.73 7.15 -7.70
CA SER B 362 -4.92 8.29 -8.11
C SER B 362 -5.52 9.62 -7.68
N ILE B 363 -4.71 10.68 -7.83
CA ILE B 363 -5.13 12.07 -7.76
C ILE B 363 -6.03 12.35 -8.97
N PRO B 364 -7.29 12.71 -8.76
CA PRO B 364 -8.16 13.04 -9.89
C PRO B 364 -7.67 14.29 -10.61
N GLU B 365 -7.70 14.24 -11.95
CA GLU B 365 -7.32 15.39 -12.74
C GLU B 365 -8.17 16.63 -12.43
N ALA B 366 -9.41 16.43 -11.92
CA ALA B 366 -10.31 17.53 -11.60
C ALA B 366 -9.84 18.43 -10.47
N LEU B 367 -8.93 17.94 -9.57
CA LEU B 367 -8.28 18.72 -8.48
C LEU B 367 -7.36 19.78 -9.00
N PHE B 368 -6.98 19.74 -10.25
CA PHE B 368 -6.20 20.86 -10.71
C PHE B 368 -7.07 21.94 -11.31
N GLU B 369 -8.39 21.77 -11.21
CA GLU B 369 -9.35 22.84 -11.35
C GLU B 369 -9.38 23.76 -10.13
N LEU B 370 -8.84 23.33 -8.99
CA LEU B 370 -8.89 24.12 -7.76
C LEU B 370 -7.69 25.07 -7.65
N VAL B 371 -7.59 25.96 -8.65
CA VAL B 371 -6.44 26.83 -8.81
C VAL B 371 -6.25 27.78 -7.63
N GLU B 372 -7.21 27.85 -6.73
CA GLU B 372 -7.03 28.67 -5.56
C GLU B 372 -6.32 27.98 -4.39
N LEU B 373 -5.90 26.72 -4.53
CA LEU B 373 -5.22 26.00 -3.44
C LEU B 373 -3.86 26.62 -3.13
N THR B 374 -3.61 26.85 -1.85
CA THR B 374 -2.32 27.27 -1.34
C THR B 374 -1.63 26.16 -0.57
N ASP B 375 -2.40 25.25 0.04
CA ASP B 375 -1.87 24.07 0.69
C ASP B 375 -2.67 22.85 0.25
N LEU B 376 -1.97 21.79 -0.12
CA LEU B 376 -2.59 20.51 -0.48
C LEU B 376 -1.89 19.38 0.27
N TYR B 377 -2.64 18.67 1.14
CA TYR B 377 -2.13 17.54 1.93
C TYR B 377 -2.85 16.24 1.57
N LEU B 378 -2.14 15.27 1.01
CA LEU B 378 -2.70 13.94 0.79
C LEU B 378 -1.82 12.84 1.38
N HIS B 379 -0.91 13.21 2.29
CA HIS B 379 0.32 12.47 2.60
C HIS B 379 0.36 11.25 3.50
N ASN B 380 -0.68 10.44 3.63
CA ASN B 380 -0.48 9.21 4.41
C ASN B 380 -1.65 8.27 4.12
N ASN B 381 -1.91 8.06 2.84
CA ASN B 381 -2.99 7.21 2.34
C ASN B 381 -2.40 6.02 1.55
N THR B 382 -3.17 5.35 0.69
CA THR B 382 -2.64 4.24 -0.11
C THR B 382 -2.46 4.62 -1.59
N LEU B 383 -2.44 5.91 -1.91
CA LEU B 383 -2.71 6.36 -3.26
C LEU B 383 -1.82 5.70 -4.32
N GLU B 384 -2.46 5.34 -5.45
CA GLU B 384 -1.87 4.68 -6.61
C GLU B 384 -1.82 5.69 -7.75
N GLY B 385 -0.73 5.73 -8.56
CA GLY B 385 -0.72 6.66 -9.69
C GLY B 385 0.41 7.65 -9.91
N THR B 386 0.09 8.83 -10.44
CA THR B 386 1.14 9.80 -10.75
C THR B 386 0.67 11.23 -10.47
N LEU B 387 1.63 12.16 -10.37
CA LEU B 387 1.31 13.58 -10.19
C LEU B 387 1.29 14.26 -11.55
N SER B 388 0.15 14.82 -11.90
CA SER B 388 -0.06 15.34 -13.23
C SER B 388 0.70 16.65 -13.47
N PRO B 389 1.04 16.94 -14.74
CA PRO B 389 1.65 18.24 -15.03
C PRO B 389 0.69 19.39 -14.78
N SER B 390 -0.61 19.11 -14.65
CA SER B 390 -1.60 20.13 -14.30
C SER B 390 -1.30 20.87 -13.01
N ILE B 391 -0.35 20.39 -12.20
CA ILE B 391 -0.01 21.13 -10.99
C ILE B 391 0.56 22.52 -11.35
N SER B 392 1.04 22.71 -12.59
CA SER B 392 1.37 24.07 -13.04
C SER B 392 0.20 25.03 -12.78
N ASN B 393 -1.02 24.55 -13.02
CA ASN B 393 -2.19 25.42 -12.91
C ASN B 393 -2.40 25.85 -11.47
N LEU B 394 -1.99 25.00 -10.52
CA LEU B 394 -2.10 25.36 -9.11
C LEU B 394 -1.11 26.42 -8.73
N THR B 395 -1.06 27.52 -9.46
CA THR B 395 -0.26 28.61 -8.97
C THR B 395 -0.78 28.93 -7.60
N ASN B 396 0.01 29.65 -6.81
CA ASN B 396 -0.39 30.06 -5.47
C ASN B 396 -0.09 28.95 -4.46
N LEU B 397 0.39 27.79 -4.90
CA LEU B 397 0.62 26.68 -4.00
C LEU B 397 1.85 26.95 -3.14
N GLN B 398 1.71 26.78 -1.83
CA GLN B 398 2.80 26.96 -0.89
C GLN B 398 3.40 25.67 -0.36
N TRP B 399 2.53 24.77 0.07
CA TRP B 399 2.91 23.46 0.57
C TRP B 399 2.26 22.41 -0.31
N LEU B 400 3.07 21.59 -0.96
CA LEU B 400 2.60 20.40 -1.64
C LEU B 400 3.15 19.21 -0.89
N VAL B 401 2.27 18.41 -0.32
CA VAL B 401 2.65 17.34 0.59
C VAL B 401 1.92 16.06 0.19
N LEU B 402 2.66 15.12 -0.41
CA LEU B 402 2.13 13.90 -0.99
C LEU B 402 2.80 12.63 -0.46
N TYR B 403 3.60 12.74 0.60
CA TYR B 403 4.48 11.67 1.07
C TYR B 403 3.69 10.45 1.60
N HIS B 404 4.36 9.30 1.62
CA HIS B 404 3.81 8.04 2.17
C HIS B 404 2.51 7.56 1.51
N ASN B 405 2.42 7.64 0.18
CA ASN B 405 1.45 6.98 -0.72
C ASN B 405 2.28 6.12 -1.67
N ASN B 406 1.68 5.48 -2.70
CA ASN B 406 2.49 4.78 -3.69
C ASN B 406 2.43 5.43 -5.06
N LEU B 407 2.33 6.75 -5.12
CA LEU B 407 2.40 7.48 -6.38
C LEU B 407 3.65 7.05 -7.13
N GLU B 408 3.56 6.99 -8.46
CA GLU B 408 4.69 6.51 -9.25
C GLU B 408 4.92 7.47 -10.40
N GLY B 409 5.88 7.14 -11.24
CA GLY B 409 6.15 7.94 -12.40
C GLY B 409 7.21 8.98 -12.12
N LYS B 410 7.41 9.85 -13.10
CA LYS B 410 8.34 10.95 -12.96
C LYS B 410 7.61 12.23 -12.57
N LEU B 411 8.36 13.17 -12.01
CA LEU B 411 7.84 14.45 -11.53
C LEU B 411 7.92 15.47 -12.64
N PRO B 412 6.80 16.07 -13.00
CA PRO B 412 6.76 16.93 -14.18
C PRO B 412 7.67 18.14 -14.02
N LYS B 413 8.40 18.47 -15.09
CA LYS B 413 9.19 19.69 -15.12
C LYS B 413 8.27 20.88 -15.20
N GLU B 414 6.97 20.64 -15.47
CA GLU B 414 5.92 21.63 -15.37
C GLU B 414 5.80 22.22 -13.96
N ILE B 415 6.35 21.55 -12.94
CA ILE B 415 6.29 22.02 -11.57
C ILE B 415 7.01 23.35 -11.35
N SER B 416 7.96 23.71 -12.24
CA SER B 416 8.67 24.95 -11.95
C SER B 416 7.85 26.19 -12.23
N ALA B 417 6.60 26.03 -12.67
CA ALA B 417 5.69 27.18 -12.75
C ALA B 417 5.23 27.66 -11.37
N LEU B 418 5.33 26.82 -10.34
CA LEU B 418 4.86 27.15 -9.00
C LEU B 418 5.93 27.94 -8.27
N ARG B 419 6.12 29.18 -8.73
CA ARG B 419 7.16 30.01 -8.09
C ARG B 419 6.82 30.46 -6.69
N LYS B 420 5.62 30.23 -6.17
CA LYS B 420 5.26 30.44 -4.77
C LYS B 420 5.52 29.22 -3.84
N LEU B 421 5.97 28.07 -4.37
CA LEU B 421 6.00 26.84 -3.60
C LEU B 421 7.03 26.89 -2.48
N GLU B 422 6.64 26.59 -1.24
CA GLU B 422 7.59 26.72 -0.14
C GLU B 422 8.03 25.40 0.44
N VAL B 423 7.16 24.40 0.40
CA VAL B 423 7.53 23.09 0.90
C VAL B 423 7.10 22.07 -0.16
N LEU B 424 7.99 21.11 -0.43
CA LEU B 424 7.77 20.02 -1.38
C LEU B 424 8.20 18.72 -0.67
N PHE B 425 7.23 18.03 -0.08
CA PHE B 425 7.45 16.77 0.59
C PHE B 425 6.92 15.63 -0.30
N LEU B 426 7.84 14.85 -0.87
CA LEU B 426 7.45 13.76 -1.75
C LEU B 426 7.93 12.38 -1.28
N TYR B 427 8.41 12.27 -0.04
CA TYR B 427 9.13 11.08 0.42
C TYR B 427 8.20 9.89 0.66
N GLU B 428 8.79 8.69 0.61
CA GLU B 428 8.07 7.46 0.92
C GLU B 428 6.93 7.17 -0.05
N ASN B 429 6.97 7.76 -1.24
CA ASN B 429 6.21 7.28 -2.40
C ASN B 429 7.25 6.75 -3.38
N ARG B 430 6.84 6.15 -4.50
CA ARG B 430 7.85 5.55 -5.38
C ARG B 430 7.86 6.39 -6.66
N PHE B 431 8.82 7.29 -6.83
CA PHE B 431 8.91 8.10 -8.01
C PHE B 431 10.14 7.68 -8.77
N SER B 432 10.22 8.09 -10.02
CA SER B 432 11.18 7.53 -10.95
C SER B 432 11.78 8.68 -11.74
N GLY B 433 12.83 8.33 -12.48
CA GLY B 433 13.46 9.24 -13.41
C GLY B 433 14.21 10.35 -12.75
N GLU B 434 14.71 11.23 -13.60
CA GLU B 434 15.48 12.37 -13.13
C GLU B 434 14.55 13.41 -12.52
N ILE B 435 15.10 14.15 -11.58
CA ILE B 435 14.57 15.39 -11.05
C ILE B 435 14.84 16.58 -11.93
N PRO B 436 13.85 17.45 -12.00
CA PRO B 436 13.86 18.51 -12.99
C PRO B 436 14.98 19.50 -12.74
N GLN B 437 15.83 19.65 -13.75
CA GLN B 437 16.90 20.62 -13.58
C GLN B 437 16.35 22.04 -13.56
N GLU B 438 15.09 22.25 -13.99
CA GLU B 438 14.38 23.52 -13.87
C GLU B 438 13.86 23.79 -12.46
N ILE B 439 14.14 22.88 -11.51
CA ILE B 439 13.66 22.98 -10.13
C ILE B 439 13.99 24.33 -9.50
N GLY B 440 15.14 24.90 -9.84
CA GLY B 440 15.47 26.18 -9.26
C GLY B 440 14.51 27.32 -9.61
N ASN B 441 13.65 27.16 -10.61
CA ASN B 441 12.71 28.24 -10.89
C ASN B 441 11.80 28.50 -9.69
N CYS B 442 11.70 27.54 -8.78
CA CYS B 442 10.88 27.68 -7.57
C CYS B 442 11.63 28.42 -6.46
N THR B 443 12.01 29.67 -6.75
CA THR B 443 12.81 30.51 -5.85
C THR B 443 12.26 30.54 -4.44
N SER B 444 10.96 30.26 -4.32
CA SER B 444 10.20 30.27 -3.09
C SER B 444 10.57 29.20 -2.06
N LEU B 445 11.17 28.08 -2.48
CA LEU B 445 11.31 26.90 -1.62
C LEU B 445 12.35 27.07 -0.51
N LYS B 446 11.96 26.74 0.74
CA LYS B 446 12.92 26.70 1.84
C LYS B 446 13.22 25.28 2.33
N MET B 447 12.33 24.28 2.13
CA MET B 447 12.68 22.88 2.41
C MET B 447 12.05 21.89 1.45
N ILE B 448 12.88 20.95 0.92
CA ILE B 448 12.46 19.87 0.01
C ILE B 448 12.95 18.50 0.52
N ASP B 449 12.03 17.54 0.67
CA ASP B 449 12.36 16.17 1.03
C ASP B 449 11.76 15.17 0.03
N MET B 450 12.62 14.32 -0.54
CA MET B 450 12.20 13.31 -1.53
C MET B 450 12.83 11.94 -1.25
N PHE B 451 13.10 11.63 0.01
CA PHE B 451 13.96 10.53 0.40
C PHE B 451 13.57 9.16 -0.19
N GLY B 452 12.36 8.67 0.11
CA GLY B 452 12.09 7.26 -0.06
C GLY B 452 11.85 6.68 -1.45
N ASN B 453 12.15 7.48 -2.46
CA ASN B 453 11.83 7.20 -3.86
C ASN B 453 12.88 6.39 -4.62
N HIS B 454 12.78 6.43 -5.94
CA HIS B 454 13.73 5.84 -6.90
C HIS B 454 14.20 6.87 -7.93
N PHE B 455 14.46 8.11 -7.54
CA PHE B 455 14.93 9.13 -8.48
C PHE B 455 16.26 8.79 -9.15
N GLU B 456 16.45 9.28 -10.40
CA GLU B 456 17.60 8.86 -11.21
C GLU B 456 18.35 10.05 -11.79
N GLY B 457 19.61 9.86 -12.16
CA GLY B 457 20.40 10.93 -12.79
C GLY B 457 21.17 11.83 -11.83
N GLU B 458 21.62 12.99 -12.32
CA GLU B 458 22.44 13.95 -11.59
C GLU B 458 21.56 14.95 -10.80
N ILE B 459 22.20 15.60 -9.82
CA ILE B 459 21.57 16.68 -9.04
C ILE B 459 21.61 17.97 -9.85
N PRO B 460 20.48 18.65 -10.03
CA PRO B 460 20.46 19.93 -10.80
C PRO B 460 21.34 20.99 -10.17
N PRO B 461 22.37 21.49 -10.87
CA PRO B 461 23.11 22.66 -10.34
C PRO B 461 22.21 23.86 -10.15
N SER B 462 21.07 23.87 -10.83
CA SER B 462 19.99 24.80 -10.61
C SER B 462 19.59 25.02 -9.15
N ILE B 463 19.97 24.12 -8.21
CA ILE B 463 19.57 24.25 -6.79
C ILE B 463 20.13 25.51 -6.13
N GLY B 464 21.32 25.96 -6.55
CA GLY B 464 21.78 27.23 -6.02
C GLY B 464 20.85 28.41 -6.29
N ARG B 465 19.80 28.19 -7.10
CA ARG B 465 18.72 29.16 -7.23
C ARG B 465 17.94 29.38 -5.93
N LEU B 466 17.89 28.35 -5.07
CA LEU B 466 17.06 28.41 -3.87
C LEU B 466 17.90 28.92 -2.70
N LYS B 467 18.14 30.23 -2.71
CA LYS B 467 19.00 30.83 -1.69
C LYS B 467 18.40 30.66 -0.30
N GLU B 468 17.06 30.63 -0.23
CA GLU B 468 16.32 30.44 1.01
C GLU B 468 16.37 29.03 1.56
N LEU B 469 16.69 28.04 0.74
CA LEU B 469 16.59 26.63 1.08
C LEU B 469 17.33 26.27 2.35
N ASN B 470 16.57 25.83 3.36
CA ASN B 470 17.16 25.44 4.63
C ASN B 470 17.21 23.93 4.85
N LEU B 471 16.49 23.11 4.06
CA LEU B 471 16.51 21.65 4.12
C LEU B 471 16.64 21.06 2.73
N LEU B 472 17.61 20.17 2.52
CA LEU B 472 17.67 19.36 1.30
C LEU B 472 17.82 17.89 1.70
N HIS B 473 16.86 17.05 1.29
CA HIS B 473 16.83 15.65 1.75
C HIS B 473 16.50 14.76 0.56
N LEU B 474 17.54 14.21 -0.08
CA LEU B 474 17.36 13.31 -1.22
C LEU B 474 17.91 11.92 -0.96
N ARG B 475 18.14 11.56 0.30
CA ARG B 475 18.86 10.34 0.62
C ARG B 475 18.07 9.10 0.23
N GLN B 476 18.80 8.01 -0.04
CA GLN B 476 18.22 6.69 -0.38
C GLN B 476 17.46 6.71 -1.70
N ASN B 477 17.89 7.54 -2.64
CA ASN B 477 17.39 7.41 -4.00
C ASN B 477 18.43 6.70 -4.86
N GLU B 478 18.42 6.93 -6.17
CA GLU B 478 19.33 6.20 -7.05
C GLU B 478 20.27 7.16 -7.76
N LEU B 479 20.59 8.32 -7.17
CA LEU B 479 21.18 9.43 -7.90
C LEU B 479 22.69 9.24 -8.09
N VAL B 480 23.23 9.83 -9.17
CA VAL B 480 24.55 9.55 -9.73
C VAL B 480 25.26 10.88 -9.91
N GLY B 481 26.57 10.81 -10.15
CA GLY B 481 27.31 11.97 -10.57
C GLY B 481 27.85 12.84 -9.45
N GLY B 482 28.31 14.01 -9.87
CA GLY B 482 29.04 14.90 -8.98
C GLY B 482 28.14 15.66 -8.02
N LEU B 483 28.80 16.23 -7.00
CA LEU B 483 28.22 17.25 -6.12
C LEU B 483 28.41 18.66 -6.68
N PRO B 484 27.35 19.44 -6.90
CA PRO B 484 27.51 20.74 -7.57
C PRO B 484 28.09 21.80 -6.63
N ALA B 485 29.15 22.48 -7.09
CA ALA B 485 29.66 23.65 -6.37
C ALA B 485 28.57 24.70 -6.23
N SER B 486 27.68 24.79 -7.23
CA SER B 486 26.51 25.65 -7.17
C SER B 486 25.70 25.47 -5.87
N LEU B 487 25.69 24.26 -5.31
CA LEU B 487 24.91 23.98 -4.12
C LEU B 487 25.43 24.74 -2.91
N GLY B 488 26.70 25.16 -2.94
CA GLY B 488 27.30 26.00 -1.91
C GLY B 488 26.70 27.37 -1.79
N ASN B 489 25.80 27.75 -2.69
CA ASN B 489 25.14 29.04 -2.59
C ASN B 489 23.86 29.03 -1.76
N CYS B 490 23.40 27.90 -1.24
CA CYS B 490 22.17 27.86 -0.43
C CYS B 490 22.52 28.12 1.03
N HIS B 491 22.90 29.37 1.29
CA HIS B 491 23.53 29.72 2.57
C HIS B 491 22.62 29.49 3.77
N GLN B 492 21.31 29.35 3.58
CA GLN B 492 20.39 29.15 4.70
C GLN B 492 20.17 27.67 5.07
N LEU B 493 20.91 26.73 4.44
CA LEU B 493 20.84 25.31 4.76
C LEU B 493 21.24 25.00 6.19
N ASN B 494 20.31 24.35 6.86
CA ASN B 494 20.16 23.78 8.19
C ASN B 494 20.63 22.34 8.20
N ILE B 495 20.09 21.53 7.28
CA ILE B 495 20.38 20.11 7.11
C ILE B 495 20.61 19.83 5.64
N LEU B 496 21.78 19.26 5.32
CA LEU B 496 22.08 18.75 3.98
C LEU B 496 22.29 17.24 4.03
N ASP B 497 21.44 16.49 3.34
CA ASP B 497 21.45 15.03 3.39
C ASP B 497 21.28 14.42 1.99
N LEU B 498 22.36 13.85 1.45
CA LEU B 498 22.35 13.18 0.16
C LEU B 498 22.81 11.73 0.25
N ALA B 499 22.77 11.13 1.44
CA ALA B 499 23.36 9.82 1.68
C ALA B 499 22.68 8.73 0.87
N ASP B 500 23.29 7.55 0.93
CA ASP B 500 22.72 6.32 0.40
C ASP B 500 22.26 6.54 -1.04
N ASN B 501 23.17 7.02 -1.87
CA ASN B 501 22.93 7.13 -3.29
C ASN B 501 24.12 6.55 -4.02
N GLN B 502 24.44 7.11 -5.18
CA GLN B 502 25.63 6.70 -5.93
C GLN B 502 26.45 7.93 -6.38
N LEU B 503 26.48 8.98 -5.56
CA LEU B 503 27.16 10.20 -5.98
C LEU B 503 28.67 10.05 -5.85
N SER B 504 29.40 10.77 -6.72
CA SER B 504 30.80 10.49 -6.99
C SER B 504 31.57 11.80 -6.95
N GLY B 505 32.90 11.69 -7.01
CA GLY B 505 33.74 12.87 -7.03
C GLY B 505 34.02 13.46 -5.65
N SER B 506 34.65 14.64 -5.65
CA SER B 506 35.07 15.30 -4.43
C SER B 506 33.96 16.20 -3.91
N ILE B 507 34.07 16.54 -2.64
CA ILE B 507 33.28 17.64 -2.09
C ILE B 507 33.91 18.96 -2.52
N PRO B 508 33.15 19.89 -3.08
CA PRO B 508 33.77 21.11 -3.57
C PRO B 508 33.96 22.08 -2.41
N SER B 509 35.01 22.90 -2.56
CA SER B 509 35.36 23.86 -1.52
C SER B 509 34.32 24.94 -1.46
N SER B 510 33.42 24.98 -2.47
CA SER B 510 32.22 25.80 -2.46
C SER B 510 31.35 25.51 -1.24
N PHE B 511 31.50 24.35 -0.61
CA PHE B 511 30.72 24.01 0.58
C PHE B 511 31.17 24.82 1.77
N GLY B 512 32.32 25.46 1.69
CA GLY B 512 32.69 26.42 2.69
C GLY B 512 31.69 27.55 2.84
N PHE B 513 30.82 27.78 1.88
CA PHE B 513 29.96 28.94 2.15
C PHE B 513 28.68 28.64 2.94
N LEU B 514 28.37 27.38 3.29
CA LEU B 514 27.15 27.06 4.05
C LEU B 514 27.36 27.09 5.56
N LYS B 515 27.79 28.25 6.05
CA LYS B 515 28.27 28.30 7.41
C LYS B 515 27.16 28.21 8.45
N GLY B 516 25.90 28.27 8.05
CA GLY B 516 24.80 28.03 8.94
C GLY B 516 24.36 26.59 9.01
N LEU B 517 25.16 25.71 8.43
CA LEU B 517 24.85 24.29 8.34
C LEU B 517 25.04 23.57 9.68
N GLU B 518 24.00 22.87 10.12
CA GLU B 518 24.04 22.07 11.35
C GLU B 518 24.28 20.58 11.13
N GLN B 519 23.81 20.02 10.02
CA GLN B 519 23.95 18.58 9.75
C GLN B 519 24.44 18.37 8.33
N LEU B 520 25.45 17.51 8.19
CA LEU B 520 26.04 17.18 6.90
C LEU B 520 26.06 15.66 6.79
N MET B 521 25.15 15.09 5.99
CA MET B 521 25.01 13.65 5.87
C MET B 521 25.33 13.23 4.43
N LEU B 522 26.36 12.41 4.25
CA LEU B 522 26.83 12.04 2.93
C LEU B 522 27.09 10.54 2.77
N TYR B 523 26.76 9.73 3.76
CA TYR B 523 27.27 8.38 3.86
C TYR B 523 26.70 7.47 2.77
N ASN B 524 27.29 6.28 2.65
CA ASN B 524 26.95 5.27 1.64
C ASN B 524 26.84 5.88 0.24
N ASN B 525 27.93 6.51 -0.16
CA ASN B 525 28.09 7.00 -1.51
C ASN B 525 29.53 6.69 -1.90
N SER B 526 30.00 7.32 -2.98
CA SER B 526 31.34 7.03 -3.49
C SER B 526 32.16 8.31 -3.66
N LEU B 527 32.11 9.19 -2.65
CA LEU B 527 32.88 10.42 -2.68
C LEU B 527 34.37 10.13 -2.47
N GLN B 528 35.22 10.98 -3.04
CA GLN B 528 36.65 10.68 -3.12
C GLN B 528 37.47 11.93 -2.80
N GLY B 529 38.78 11.73 -2.63
CA GLY B 529 39.69 12.85 -2.54
C GLY B 529 39.69 13.57 -1.20
N ASN B 530 40.52 14.61 -1.15
CA ASN B 530 40.72 15.40 0.06
C ASN B 530 39.46 16.16 0.45
N LEU B 531 39.33 16.43 1.74
CA LEU B 531 38.46 17.49 2.19
C LEU B 531 39.08 18.85 1.87
N PRO B 532 38.28 19.80 1.38
CA PRO B 532 38.81 21.15 1.21
C PRO B 532 39.02 21.82 2.56
N ASP B 533 40.07 22.63 2.63
CA ASP B 533 40.30 23.38 3.84
C ASP B 533 39.14 24.31 4.16
N SER B 534 38.32 24.68 3.16
CA SER B 534 37.27 25.69 3.36
C SER B 534 36.20 25.27 4.35
N LEU B 535 36.04 23.98 4.65
CA LEU B 535 35.02 23.64 5.64
C LEU B 535 35.42 24.04 7.04
N ILE B 536 36.64 24.55 7.23
CA ILE B 536 37.09 24.91 8.56
C ILE B 536 36.14 25.90 9.19
N SER B 537 35.61 26.84 8.41
CA SER B 537 34.73 27.86 8.94
C SER B 537 33.29 27.35 9.25
N LEU B 538 32.94 26.06 8.95
CA LEU B 538 31.58 25.57 9.19
C LEU B 538 31.30 25.37 10.68
N ARG B 539 31.47 26.41 11.49
CA ARG B 539 31.57 26.29 12.93
C ARG B 539 30.24 26.02 13.63
N ASN B 540 29.13 25.83 12.92
CA ASN B 540 27.88 25.54 13.62
C ASN B 540 27.47 24.06 13.48
N LEU B 541 28.32 23.22 12.89
CA LEU B 541 28.03 21.80 12.67
C LEU B 541 27.77 21.06 13.96
N THR B 542 26.77 20.22 13.95
CA THR B 542 26.40 19.52 15.17
C THR B 542 26.41 18.03 14.90
N ARG B 543 26.02 17.63 13.70
CA ARG B 543 26.09 16.22 13.34
C ARG B 543 26.63 16.06 11.93
N ILE B 544 27.65 15.21 11.79
CA ILE B 544 28.17 14.89 10.47
C ILE B 544 28.34 13.38 10.32
N ASN B 545 28.11 12.89 9.11
CA ASN B 545 28.36 11.49 8.82
C ASN B 545 28.90 11.37 7.41
N LEU B 546 30.18 11.03 7.30
CA LEU B 546 30.81 10.78 6.01
C LEU B 546 31.09 9.30 5.78
N SER B 547 30.54 8.41 6.61
CA SER B 547 30.98 7.01 6.59
C SER B 547 30.72 6.37 5.24
N HIS B 548 31.50 5.31 4.98
CA HIS B 548 31.34 4.46 3.80
C HIS B 548 31.52 5.28 2.53
N ASN B 549 32.70 5.88 2.43
CA ASN B 549 33.11 6.62 1.25
C ASN B 549 34.58 6.33 0.98
N ARG B 550 35.18 7.14 0.11
CA ARG B 550 36.58 7.04 -0.29
C ARG B 550 37.33 8.37 -0.11
N LEU B 551 37.01 9.12 0.94
CA LEU B 551 37.73 10.36 1.21
C LEU B 551 39.12 10.10 1.78
N ASN B 552 40.07 10.96 1.45
CA ASN B 552 41.42 10.85 2.00
C ASN B 552 41.85 12.24 2.46
N GLY B 553 43.16 12.44 2.66
CA GLY B 553 43.63 13.62 3.37
C GLY B 553 43.36 13.49 4.86
N THR B 554 43.38 14.63 5.55
CA THR B 554 43.18 14.62 7.00
C THR B 554 41.85 15.26 7.37
N ILE B 555 41.33 14.85 8.54
CA ILE B 555 40.01 15.28 9.00
C ILE B 555 40.07 16.63 9.72
N HIS B 556 41.24 17.28 9.73
CA HIS B 556 41.34 18.58 10.39
C HIS B 556 40.31 19.59 9.93
N PRO B 557 40.00 19.74 8.63
CA PRO B 557 39.00 20.75 8.26
C PRO B 557 37.63 20.55 8.87
N LEU B 558 37.26 19.38 9.38
CA LEU B 558 35.95 19.37 10.01
C LEU B 558 35.96 19.82 11.47
N CYS B 559 37.10 20.18 12.03
CA CYS B 559 37.16 20.49 13.45
C CYS B 559 37.04 21.98 13.74
N GLY B 560 36.59 22.78 12.78
CA GLY B 560 36.26 24.17 13.07
C GLY B 560 35.05 24.34 13.97
N SER B 561 34.25 23.30 14.11
CA SER B 561 33.09 23.36 14.99
C SER B 561 33.45 22.84 16.37
N SER B 562 32.96 23.53 17.39
CA SER B 562 33.05 23.03 18.75
C SER B 562 31.71 22.53 19.28
N SER B 563 30.70 22.39 18.43
CA SER B 563 29.39 22.03 18.94
C SER B 563 28.86 20.69 18.39
N TYR B 564 29.75 19.70 18.16
CA TYR B 564 29.31 18.39 17.71
C TYR B 564 28.48 17.62 18.74
N LEU B 565 27.52 16.86 18.23
CA LEU B 565 26.81 15.85 18.96
C LEU B 565 27.14 14.45 18.48
N SER B 566 27.31 14.29 17.17
CA SER B 566 27.67 13.02 16.57
C SER B 566 28.65 13.24 15.43
N PHE B 567 29.76 12.50 15.43
CA PHE B 567 30.85 12.69 14.47
C PHE B 567 31.23 11.31 13.96
N ASP B 568 30.86 11.00 12.72
CA ASP B 568 31.05 9.68 12.15
C ASP B 568 31.82 9.78 10.85
N VAL B 569 32.94 9.06 10.79
CA VAL B 569 33.76 9.12 9.59
C VAL B 569 34.29 7.72 9.23
N THR B 570 33.63 6.69 9.80
CA THR B 570 34.05 5.30 9.66
C THR B 570 34.12 4.89 8.19
N ASN B 571 35.10 4.01 7.91
CA ASN B 571 35.30 3.34 6.62
C ASN B 571 35.57 4.36 5.50
N ASN B 572 36.74 4.98 5.67
CA ASN B 572 37.32 5.89 4.68
C ASN B 572 38.83 5.67 4.72
N GLY B 573 39.57 6.62 4.14
CA GLY B 573 41.01 6.58 4.01
C GLY B 573 41.76 7.80 4.51
N PHE B 574 41.33 8.36 5.65
CA PHE B 574 41.99 9.52 6.23
C PHE B 574 43.35 9.13 6.79
N GLU B 575 44.34 10.02 6.64
CA GLU B 575 45.72 9.52 6.65
C GLU B 575 46.60 9.97 7.80
N ASP B 576 46.35 11.10 8.43
CA ASP B 576 47.36 11.56 9.37
C ASP B 576 46.85 11.45 10.80
N GLU B 577 47.38 12.28 11.70
CA GLU B 577 47.08 12.17 13.13
C GLU B 577 45.67 12.67 13.43
N ILE B 578 45.11 12.15 14.51
CA ILE B 578 43.77 12.59 14.96
C ILE B 578 43.87 13.98 15.54
N PRO B 579 43.02 14.92 15.10
CA PRO B 579 43.07 16.29 15.62
C PRO B 579 42.68 16.36 17.10
N LEU B 580 43.53 17.03 17.87
CA LEU B 580 43.22 17.27 19.29
C LEU B 580 41.99 18.14 19.44
N GLU B 581 41.67 18.92 18.41
CA GLU B 581 40.50 19.80 18.40
C GLU B 581 39.18 19.04 18.56
N LEU B 582 39.16 17.72 18.46
CA LEU B 582 37.92 17.01 18.69
C LEU B 582 37.43 17.18 20.12
N GLY B 583 38.34 17.47 21.05
CA GLY B 583 37.96 17.72 22.43
C GLY B 583 37.14 18.96 22.63
N ASN B 584 37.16 19.87 21.65
CA ASN B 584 36.40 21.11 21.81
C ASN B 584 34.90 20.87 21.85
N SER B 585 34.41 19.72 21.39
CA SER B 585 32.97 19.48 21.31
C SER B 585 32.62 18.71 22.59
N GLN B 586 32.36 19.49 23.62
CA GLN B 586 32.03 18.96 24.93
C GLN B 586 30.85 18.01 24.90
N ASN B 587 29.89 18.24 24.01
CA ASN B 587 28.67 17.43 24.00
C ASN B 587 28.68 16.29 23.00
N LEU B 588 29.86 15.91 22.49
CA LEU B 588 30.00 14.89 21.47
C LEU B 588 29.65 13.52 22.06
N ASP B 589 28.49 12.98 21.69
CA ASP B 589 27.99 11.75 22.30
C ASP B 589 28.70 10.54 21.74
N ARG B 590 28.86 10.47 20.43
CA ARG B 590 29.41 9.28 19.79
C ARG B 590 30.41 9.72 18.74
N LEU B 591 31.63 9.23 18.89
CA LEU B 591 32.74 9.55 18.00
C LEU B 591 33.14 8.24 17.33
N ARG B 592 33.05 8.19 16.00
CA ARG B 592 33.38 7.00 15.22
C ARG B 592 34.42 7.35 14.17
N LEU B 593 35.65 6.87 14.36
CA LEU B 593 36.72 7.04 13.38
C LEU B 593 37.25 5.70 12.89
N GLY B 594 36.51 4.61 13.12
CA GLY B 594 36.97 3.28 12.74
C GLY B 594 37.25 3.13 11.25
N LYS B 595 38.05 2.10 10.95
CA LYS B 595 38.36 1.65 9.59
C LYS B 595 38.91 2.79 8.74
N ASN B 596 40.00 3.36 9.22
CA ASN B 596 40.70 4.40 8.47
C ASN B 596 42.20 4.11 8.57
N GLN B 597 42.99 5.09 8.18
CA GLN B 597 44.45 4.99 8.09
C GLN B 597 45.10 6.11 8.89
N LEU B 598 44.54 6.36 10.08
CA LEU B 598 45.03 7.38 11.00
C LEU B 598 46.23 6.88 11.81
N THR B 599 47.03 7.82 12.29
CA THR B 599 48.30 7.53 12.93
C THR B 599 48.44 8.29 14.23
N GLY B 600 49.49 7.96 14.97
CA GLY B 600 49.80 8.62 16.21
C GLY B 600 49.01 8.07 17.38
N LYS B 601 49.08 8.78 18.50
CA LYS B 601 48.38 8.35 19.69
C LYS B 601 46.95 8.86 19.68
N ILE B 602 46.13 8.25 20.52
CA ILE B 602 44.80 8.83 20.74
C ILE B 602 44.96 10.18 21.42
N PRO B 603 44.23 11.23 21.02
CA PRO B 603 44.48 12.56 21.58
C PRO B 603 44.00 12.69 23.01
N TRP B 604 44.83 13.32 23.84
CA TRP B 604 44.46 13.48 25.24
C TRP B 604 43.19 14.29 25.43
N THR B 605 42.85 15.14 24.46
CA THR B 605 41.74 16.09 24.62
C THR B 605 40.36 15.42 24.69
N LEU B 606 40.27 14.11 24.48
CA LEU B 606 39.00 13.43 24.66
C LEU B 606 38.49 13.52 26.10
N GLY B 607 39.35 13.84 27.06
CA GLY B 607 38.88 14.06 28.41
C GLY B 607 37.93 15.23 28.49
N LYS B 608 38.10 16.22 27.60
CA LYS B 608 37.21 17.36 27.55
C LYS B 608 35.78 17.00 27.15
N ILE B 609 35.55 15.81 26.61
CA ILE B 609 34.24 15.46 26.06
C ILE B 609 33.39 14.89 27.18
N ARG B 610 32.75 15.79 27.92
CA ARG B 610 31.93 15.41 29.05
C ARG B 610 30.86 14.39 28.67
N GLU B 611 30.28 14.51 27.49
CA GLU B 611 29.12 13.71 27.13
C GLU B 611 29.45 12.45 26.32
N LEU B 612 30.73 12.15 26.13
CA LEU B 612 31.18 11.00 25.35
C LEU B 612 30.66 9.69 25.92
N SER B 613 29.94 8.93 25.09
CA SER B 613 29.36 7.64 25.47
C SER B 613 29.81 6.49 24.57
N LEU B 614 30.05 6.75 23.28
CA LEU B 614 30.54 5.72 22.36
C LEU B 614 31.76 6.24 21.63
N LEU B 615 32.89 5.57 21.82
CA LEU B 615 34.14 5.95 21.17
C LEU B 615 34.55 4.74 20.34
N ASP B 616 34.77 4.95 19.05
CA ASP B 616 35.17 3.90 18.12
C ASP B 616 36.31 4.44 17.29
N MET B 617 37.53 3.93 17.52
CA MET B 617 38.67 4.27 16.66
C MET B 617 39.37 3.01 16.13
N SER B 618 38.58 1.94 15.96
CA SER B 618 39.06 0.62 15.52
C SER B 618 39.65 0.67 14.10
N SER B 619 40.52 -0.31 13.81
CA SER B 619 41.03 -0.56 12.45
C SER B 619 41.83 0.63 11.96
N ASN B 620 42.55 1.28 12.88
CA ASN B 620 43.23 2.51 12.50
C ASN B 620 44.76 2.57 12.63
N ALA B 621 45.44 1.57 13.13
CA ALA B 621 46.91 1.66 13.24
C ALA B 621 47.38 2.80 14.16
N LEU B 622 46.59 3.10 15.19
CA LEU B 622 46.98 4.02 16.25
C LEU B 622 48.05 3.40 17.13
N THR B 623 48.93 4.23 17.67
CA THR B 623 50.01 3.72 18.50
C THR B 623 49.95 4.35 19.89
N GLY B 624 50.85 3.89 20.75
CA GLY B 624 50.87 4.35 22.13
C GLY B 624 49.92 3.61 23.06
N THR B 625 49.33 4.29 24.01
CA THR B 625 48.51 3.66 25.03
C THR B 625 47.15 4.35 25.06
N ILE B 626 46.26 3.84 25.91
CA ILE B 626 44.96 4.47 26.09
C ILE B 626 45.13 5.64 27.04
N PRO B 627 44.85 6.85 26.59
CA PRO B 627 45.13 8.03 27.42
C PRO B 627 44.30 8.03 28.68
N LEU B 628 44.96 8.35 29.80
CA LEU B 628 44.31 8.34 31.12
C LEU B 628 43.10 9.26 31.13
N GLN B 629 43.19 10.41 30.44
CA GLN B 629 42.13 11.42 30.46
C GLN B 629 40.75 10.86 30.15
N LEU B 630 40.66 9.67 29.53
CA LEU B 630 39.34 9.13 29.25
C LEU B 630 38.59 8.73 30.52
N VAL B 631 39.28 8.67 31.66
CA VAL B 631 38.60 8.40 32.91
C VAL B 631 37.66 9.55 33.29
N LEU B 632 37.84 10.72 32.66
CA LEU B 632 36.94 11.84 32.86
C LEU B 632 35.61 11.66 32.13
N CYS B 633 35.58 10.79 31.11
CA CYS B 633 34.37 10.50 30.35
C CYS B 633 33.56 9.44 31.09
N LYS B 634 33.01 9.87 32.22
CA LYS B 634 32.19 9.02 33.06
C LYS B 634 30.99 8.42 32.34
N LYS B 635 30.59 8.97 31.18
CA LYS B 635 29.39 8.49 30.50
C LYS B 635 29.63 7.38 29.47
N LEU B 636 30.91 7.00 29.26
CA LEU B 636 31.34 6.01 28.28
C LEU B 636 30.63 4.67 28.47
N THR B 637 29.96 4.22 27.45
CA THR B 637 29.37 2.90 27.47
C THR B 637 30.05 1.93 26.53
N HIS B 638 30.66 2.45 25.46
CA HIS B 638 31.21 1.59 24.43
C HIS B 638 32.57 2.12 24.00
N ILE B 639 33.61 1.28 24.11
CA ILE B 639 34.95 1.56 23.60
C ILE B 639 35.36 0.42 22.67
N ASP B 640 35.82 0.77 21.47
CA ASP B 640 36.22 -0.19 20.42
C ASP B 640 37.54 0.33 19.82
N LEU B 641 38.65 -0.27 20.26
CA LEU B 641 39.97 0.16 19.80
C LEU B 641 40.69 -0.93 19.01
N ASN B 642 39.92 -1.94 18.53
CA ASN B 642 40.46 -3.10 17.82
C ASN B 642 41.40 -2.73 16.68
N ASN B 643 42.38 -3.61 16.45
CA ASN B 643 43.22 -3.52 15.26
C ASN B 643 43.96 -2.19 15.17
N ASN B 644 44.66 -1.86 16.25
CA ASN B 644 45.65 -0.80 16.33
C ASN B 644 46.94 -1.39 16.89
N PHE B 645 47.89 -0.52 17.23
CA PHE B 645 49.14 -0.94 17.83
C PHE B 645 49.31 -0.40 19.25
N LEU B 646 48.23 -0.38 20.03
CA LEU B 646 48.33 0.12 21.38
C LEU B 646 49.06 -0.90 22.25
N SER B 647 49.73 -0.42 23.29
CA SER B 647 50.69 -1.22 24.03
C SER B 647 50.53 -0.94 25.51
N GLY B 648 51.27 -1.71 26.33
CA GLY B 648 51.23 -1.51 27.76
C GLY B 648 50.12 -2.26 28.45
N PRO B 649 49.92 -2.02 29.74
CA PRO B 649 48.90 -2.78 30.47
C PRO B 649 47.49 -2.36 30.12
N ILE B 650 46.56 -3.26 30.43
CA ILE B 650 45.16 -2.90 30.47
C ILE B 650 45.08 -1.90 31.62
N PRO B 651 44.71 -0.66 31.35
CA PRO B 651 44.80 0.36 32.38
C PRO B 651 43.76 0.12 33.46
N PRO B 652 44.18 0.05 34.72
CA PRO B 652 43.24 -0.25 35.81
C PRO B 652 42.18 0.80 35.98
N TRP B 653 42.41 2.02 35.49
CA TRP B 653 41.43 3.07 35.66
C TRP B 653 40.13 2.81 34.90
N LEU B 654 40.13 1.88 33.93
CA LEU B 654 38.89 1.53 33.24
C LEU B 654 37.79 1.09 34.21
N GLY B 655 38.14 0.61 35.40
CA GLY B 655 37.14 0.33 36.40
C GLY B 655 36.36 1.55 36.88
N LYS B 656 36.91 2.76 36.69
CA LYS B 656 36.14 3.95 37.06
C LYS B 656 34.99 4.22 36.08
N LEU B 657 35.00 3.61 34.89
CA LEU B 657 33.93 3.75 33.90
C LEU B 657 32.78 2.82 34.27
N SER B 658 31.98 3.27 35.24
CA SER B 658 30.89 2.45 35.75
C SER B 658 29.87 2.05 34.69
N GLN B 659 29.76 2.82 33.61
CA GLN B 659 28.73 2.58 32.61
C GLN B 659 29.17 1.68 31.45
N LEU B 660 30.46 1.32 31.43
CA LEU B 660 31.07 0.60 30.32
C LEU B 660 30.40 -0.74 30.13
N GLY B 661 29.79 -0.91 28.96
CA GLY B 661 29.08 -2.13 28.62
C GLY B 661 29.82 -3.01 27.63
N GLU B 662 30.61 -2.41 26.73
CA GLU B 662 31.34 -3.16 25.72
C GLU B 662 32.75 -2.60 25.61
N LEU B 663 33.76 -3.44 25.88
CA LEU B 663 35.16 -3.03 25.73
C LEU B 663 35.86 -3.98 24.77
N LYS B 664 36.30 -3.44 23.65
CA LYS B 664 36.93 -4.20 22.59
C LYS B 664 38.34 -3.66 22.40
N LEU B 665 39.34 -4.47 22.77
CA LEU B 665 40.74 -4.09 22.72
C LEU B 665 41.55 -5.07 21.87
N SER B 666 40.91 -5.85 21.00
CA SER B 666 41.65 -6.97 20.43
C SER B 666 42.58 -6.54 19.28
N SER B 667 43.49 -7.44 18.95
CA SER B 667 44.51 -7.21 17.92
C SER B 667 45.28 -5.91 18.17
N ASN B 668 45.62 -5.66 19.45
CA ASN B 668 46.58 -4.64 19.82
C ASN B 668 47.81 -5.36 20.42
N GLN B 669 48.66 -4.60 21.12
CA GLN B 669 49.88 -5.13 21.74
C GLN B 669 49.92 -4.97 23.26
N PHE B 670 48.79 -5.01 23.97
CA PHE B 670 48.82 -4.95 25.42
C PHE B 670 49.56 -6.17 25.96
N VAL B 671 50.30 -6.04 27.08
CA VAL B 671 51.34 -7.02 27.38
C VAL B 671 51.35 -7.56 28.80
N GLU B 672 50.45 -7.16 29.69
CA GLU B 672 50.51 -7.93 30.94
C GLU B 672 49.15 -8.43 31.38
N SER B 673 49.16 -8.90 32.64
CA SER B 673 48.04 -9.42 33.40
C SER B 673 46.80 -8.52 33.52
N LEU B 674 45.69 -9.13 33.80
CA LEU B 674 44.44 -8.41 33.87
C LEU B 674 44.33 -7.76 35.24
N PRO B 675 44.17 -6.45 35.31
CA PRO B 675 44.00 -5.82 36.62
C PRO B 675 42.60 -6.08 37.15
N THR B 676 42.57 -6.43 38.44
CA THR B 676 41.31 -6.72 39.12
C THR B 676 40.36 -5.55 39.07
N GLU B 677 40.90 -4.33 38.93
CA GLU B 677 40.10 -3.11 38.86
C GLU B 677 39.08 -3.17 37.75
N LEU B 678 39.44 -3.81 36.63
CA LEU B 678 38.55 -3.92 35.47
C LEU B 678 37.22 -4.52 35.86
N PHE B 679 37.22 -5.41 36.81
CA PHE B 679 35.98 -6.12 37.09
C PHE B 679 35.06 -5.34 37.97
N ASN B 680 35.35 -4.04 38.15
CA ASN B 680 34.35 -3.12 38.68
C ASN B 680 33.36 -2.62 37.62
N CYS B 681 33.63 -2.84 36.33
CA CYS B 681 32.66 -2.49 35.30
C CYS B 681 31.53 -3.51 35.22
N THR B 682 30.75 -3.60 36.30
CA THR B 682 29.66 -4.57 36.41
C THR B 682 28.61 -4.45 35.30
N LYS B 683 28.63 -3.38 34.53
CA LYS B 683 27.68 -3.23 33.43
C LYS B 683 28.16 -3.84 32.11
N LEU B 684 29.35 -4.46 32.11
CA LEU B 684 29.93 -5.07 30.91
C LEU B 684 29.08 -6.21 30.36
N LEU B 685 28.88 -6.19 29.04
CA LEU B 685 28.28 -7.27 28.27
C LEU B 685 29.26 -7.93 27.31
N VAL B 686 30.21 -7.17 26.78
CA VAL B 686 31.22 -7.66 25.85
C VAL B 686 32.59 -7.24 26.36
N LEU B 687 33.45 -8.20 26.58
CA LEU B 687 34.85 -7.94 26.92
C LEU B 687 35.66 -8.74 25.92
N SER B 688 36.26 -8.05 24.97
CA SER B 688 37.07 -8.71 23.97
C SER B 688 38.49 -8.17 24.00
N LEU B 689 39.43 -9.03 24.37
CA LEU B 689 40.83 -8.65 24.50
C LEU B 689 41.77 -9.55 23.71
N ASP B 690 41.25 -10.28 22.73
CA ASP B 690 42.01 -11.31 22.02
C ASP B 690 43.13 -10.68 21.18
N GLY B 691 44.11 -11.52 20.80
CA GLY B 691 45.08 -10.97 19.85
C GLY B 691 46.04 -9.96 20.44
N ASN B 692 46.11 -9.88 21.76
CA ASN B 692 47.17 -9.16 22.46
C ASN B 692 48.27 -10.14 22.90
N SER B 693 49.05 -9.77 23.91
CA SER B 693 50.08 -10.62 24.50
C SER B 693 49.89 -10.65 26.02
N LEU B 694 48.65 -10.59 26.47
CA LEU B 694 48.39 -10.62 27.90
C LEU B 694 48.84 -11.98 28.46
N ASN B 695 49.36 -11.95 29.68
CA ASN B 695 49.92 -13.11 30.32
C ASN B 695 49.33 -13.23 31.73
N GLY B 696 49.79 -14.23 32.45
CA GLY B 696 49.29 -14.47 33.79
C GLY B 696 47.97 -15.20 33.84
N SER B 697 47.48 -15.37 35.06
CA SER B 697 46.24 -16.08 35.23
C SER B 697 45.04 -15.19 34.98
N ILE B 698 43.87 -15.83 34.93
CA ILE B 698 42.62 -15.07 34.84
C ILE B 698 42.07 -14.91 36.25
N PRO B 699 41.82 -13.67 36.68
CA PRO B 699 41.45 -13.46 38.08
C PRO B 699 40.11 -14.06 38.46
N GLN B 700 40.07 -14.66 39.65
CA GLN B 700 38.81 -15.14 40.19
C GLN B 700 37.77 -14.04 40.20
N GLU B 701 38.21 -12.78 40.20
CA GLU B 701 37.33 -11.62 40.29
C GLU B 701 36.53 -11.37 39.01
N ILE B 702 36.81 -12.10 37.93
CA ILE B 702 36.05 -11.95 36.70
C ILE B 702 34.59 -12.38 36.86
N GLY B 703 34.31 -13.26 37.81
CA GLY B 703 32.94 -13.67 38.04
C GLY B 703 32.04 -12.56 38.53
N ASN B 704 32.59 -11.37 38.80
CA ASN B 704 31.78 -10.22 39.20
C ASN B 704 31.06 -9.58 38.04
N LEU B 705 31.39 -9.96 36.80
CA LEU B 705 30.71 -9.46 35.60
C LEU B 705 29.39 -10.21 35.31
N GLY B 706 28.47 -10.20 36.27
CA GLY B 706 27.30 -11.05 36.19
C GLY B 706 26.44 -10.87 34.96
N ALA B 707 26.50 -9.69 34.34
CA ALA B 707 25.72 -9.35 33.16
C ALA B 707 26.40 -9.70 31.84
N LEU B 708 27.64 -10.16 31.88
CA LEU B 708 28.47 -10.39 30.70
C LEU B 708 27.84 -11.38 29.73
N ASN B 709 27.88 -11.06 28.44
CA ASN B 709 27.38 -11.93 27.39
C ASN B 709 28.48 -12.63 26.59
N VAL B 710 29.59 -11.92 26.34
CA VAL B 710 30.68 -12.36 25.46
C VAL B 710 32.01 -12.15 26.17
N LEU B 711 32.80 -13.20 26.28
CA LEU B 711 34.18 -13.12 26.78
C LEU B 711 35.09 -13.75 25.76
N ASN B 712 36.04 -12.98 25.23
CA ASN B 712 36.93 -13.46 24.18
C ASN B 712 38.36 -13.06 24.51
N LEU B 713 39.15 -14.05 24.96
CA LEU B 713 40.53 -13.85 25.36
C LEU B 713 41.50 -14.57 24.45
N ASP B 714 41.06 -14.98 23.25
CA ASP B 714 41.89 -15.79 22.34
C ASP B 714 43.27 -15.22 22.05
N LYS B 715 44.19 -16.10 21.65
CA LYS B 715 45.46 -15.70 21.03
C LYS B 715 46.25 -14.71 21.90
N ASN B 716 45.99 -14.71 23.20
CA ASN B 716 46.93 -14.16 24.17
C ASN B 716 47.93 -15.22 24.61
N GLN B 717 48.50 -15.03 25.82
CA GLN B 717 49.29 -16.06 26.49
C GLN B 717 49.00 -16.05 27.99
N PHE B 718 47.72 -16.20 28.33
CA PHE B 718 47.28 -16.50 29.69
C PHE B 718 47.81 -17.86 30.16
N SER B 719 47.88 -18.02 31.48
CA SER B 719 48.51 -19.18 32.05
C SER B 719 47.66 -19.72 33.20
N GLY B 720 48.05 -20.88 33.69
CA GLY B 720 47.43 -21.41 34.87
C GLY B 720 46.03 -21.95 34.64
N SER B 721 45.39 -22.28 35.75
CA SER B 721 44.12 -22.96 35.68
C SER B 721 43.00 -21.95 35.55
N LEU B 722 41.79 -22.45 35.39
CA LEU B 722 40.65 -21.63 35.06
C LEU B 722 39.79 -21.48 36.31
N PRO B 723 39.43 -20.26 36.66
CA PRO B 723 38.84 -20.02 37.99
C PRO B 723 37.40 -20.51 38.14
N GLN B 724 37.12 -21.12 39.29
CA GLN B 724 35.78 -21.60 39.61
C GLN B 724 34.75 -20.49 39.54
N ALA B 725 35.15 -19.25 39.82
CA ALA B 725 34.18 -18.15 39.90
C ALA B 725 33.58 -17.82 38.55
N MET B 726 34.20 -18.24 37.45
CA MET B 726 33.62 -17.81 36.20
C MET B 726 32.33 -18.58 35.84
N GLY B 727 32.01 -19.66 36.55
CA GLY B 727 30.66 -20.19 36.48
C GLY B 727 29.58 -19.23 36.99
N LYS B 728 29.97 -18.07 37.52
CA LYS B 728 29.01 -17.07 37.95
C LYS B 728 28.43 -16.30 36.80
N LEU B 729 29.04 -16.41 35.60
CA LEU B 729 28.64 -15.61 34.44
C LEU B 729 27.41 -16.26 33.79
N SER B 730 26.30 -16.20 34.52
CA SER B 730 25.10 -16.94 34.15
C SER B 730 24.51 -16.50 32.83
N LYS B 731 24.82 -15.28 32.38
CA LYS B 731 24.21 -14.74 31.18
C LYS B 731 25.13 -14.81 29.96
N LEU B 732 26.30 -15.45 30.11
CA LEU B 732 27.32 -15.55 29.07
C LEU B 732 26.91 -16.50 27.95
N TYR B 733 26.93 -16.02 26.70
CA TYR B 733 26.55 -16.86 25.56
C TYR B 733 27.68 -17.16 24.59
N GLU B 734 28.86 -16.55 24.75
CA GLU B 734 30.02 -16.83 23.92
C GLU B 734 31.25 -16.85 24.83
N LEU B 735 32.05 -17.91 24.78
CA LEU B 735 33.26 -18.01 25.61
C LEU B 735 34.39 -18.54 24.74
N ARG B 736 35.39 -17.71 24.46
CA ARG B 736 36.53 -18.14 23.66
C ARG B 736 37.83 -17.82 24.37
N LEU B 737 38.62 -18.86 24.65
CA LEU B 737 39.90 -18.70 25.31
C LEU B 737 40.99 -19.50 24.58
N SER B 738 40.81 -19.73 23.28
CA SER B 738 41.73 -20.51 22.50
C SER B 738 43.11 -19.81 22.38
N ARG B 739 44.09 -20.58 21.90
CA ARG B 739 45.50 -20.16 21.70
C ARG B 739 46.07 -19.47 22.94
N ASN B 740 45.81 -20.03 24.10
CA ASN B 740 46.52 -19.63 25.32
C ASN B 740 47.32 -20.82 25.82
N SER B 741 47.86 -20.70 27.03
CA SER B 741 48.61 -21.77 27.69
C SER B 741 47.99 -22.11 29.03
N LEU B 742 46.66 -22.10 29.08
CA LEU B 742 45.92 -22.48 30.28
C LEU B 742 46.16 -23.94 30.60
N THR B 743 46.24 -24.24 31.88
CA THR B 743 46.66 -25.55 32.36
C THR B 743 45.53 -25.98 33.28
N GLY B 744 45.82 -26.97 34.12
CA GLY B 744 44.82 -27.55 34.99
C GLY B 744 43.89 -28.42 34.17
N GLU B 745 42.78 -28.78 34.79
CA GLU B 745 41.69 -29.44 34.10
C GLU B 745 40.45 -28.55 34.20
N ILE B 746 39.50 -28.83 33.31
CA ILE B 746 38.32 -27.98 33.12
C ILE B 746 37.40 -28.14 34.33
N PRO B 747 37.00 -27.06 34.96
CA PRO B 747 36.21 -27.18 36.20
C PRO B 747 34.79 -27.60 35.90
N VAL B 748 34.20 -28.38 36.81
CA VAL B 748 32.79 -28.77 36.67
C VAL B 748 31.89 -27.55 36.72
N GLU B 749 32.37 -26.42 37.26
CA GLU B 749 31.58 -25.19 37.31
C GLU B 749 31.21 -24.69 35.93
N ILE B 750 31.91 -25.14 34.88
CA ILE B 750 31.63 -24.68 33.53
C ILE B 750 30.23 -25.07 33.08
N GLY B 751 29.68 -26.13 33.67
CA GLY B 751 28.35 -26.55 33.26
C GLY B 751 27.28 -25.58 33.66
N GLN B 752 27.57 -24.68 34.58
CA GLN B 752 26.57 -23.69 34.98
C GLN B 752 26.43 -22.56 33.99
N LEU B 753 27.36 -22.44 33.04
CA LEU B 753 27.24 -21.42 32.02
C LEU B 753 26.15 -21.81 31.02
N GLN B 754 24.91 -21.88 31.54
CA GLN B 754 23.75 -22.41 30.83
C GLN B 754 23.39 -21.64 29.56
N ASP B 755 23.74 -20.36 29.47
CA ASP B 755 23.32 -19.57 28.32
C ASP B 755 24.31 -19.63 27.18
N LEU B 756 25.34 -20.45 27.27
CA LEU B 756 26.31 -20.52 26.18
C LEU B 756 25.63 -21.04 24.92
N GLN B 757 25.86 -20.36 23.81
CA GLN B 757 25.18 -20.72 22.57
C GLN B 757 26.16 -20.69 21.39
N SER B 758 26.78 -19.54 21.15
CA SER B 758 27.47 -19.27 19.89
C SER B 758 28.77 -20.06 19.78
N ALA B 759 29.51 -20.22 20.89
CA ALA B 759 30.75 -20.99 20.93
C ALA B 759 31.17 -21.22 22.37
N LEU B 760 31.90 -22.32 22.57
CA LEU B 760 32.78 -22.52 23.73
C LEU B 760 34.05 -23.10 23.12
N ASP B 761 35.06 -22.26 23.01
CA ASP B 761 36.29 -22.59 22.30
C ASP B 761 37.43 -22.59 23.31
N LEU B 762 37.95 -23.78 23.61
CA LEU B 762 39.09 -23.92 24.52
C LEU B 762 40.29 -24.56 23.82
N SER B 763 40.31 -24.53 22.49
CA SER B 763 41.35 -25.24 21.77
C SER B 763 42.73 -24.60 21.93
N TYR B 764 43.76 -25.38 21.61
CA TYR B 764 45.15 -24.94 21.60
C TYR B 764 45.60 -24.40 22.96
N ASN B 765 45.04 -24.96 24.01
CA ASN B 765 45.50 -24.75 25.36
C ASN B 765 46.20 -26.00 25.88
N ASN B 766 46.34 -26.09 27.20
CA ASN B 766 47.04 -27.17 27.84
C ASN B 766 46.22 -27.76 28.98
N PHE B 767 44.91 -27.88 28.77
CA PHE B 767 44.03 -28.62 29.67
C PHE B 767 44.37 -30.11 29.64
N THR B 768 44.29 -30.77 30.80
CA THR B 768 44.89 -32.08 30.93
C THR B 768 44.00 -33.17 31.47
N GLY B 769 42.82 -32.87 31.98
CA GLY B 769 42.01 -33.88 32.65
C GLY B 769 41.09 -34.69 31.76
N ASP B 770 40.10 -35.32 32.40
CA ASP B 770 38.96 -35.84 31.69
C ASP B 770 38.01 -34.69 31.33
N ILE B 771 37.34 -34.81 30.20
CA ILE B 771 36.32 -33.83 29.82
C ILE B 771 35.11 -33.98 30.76
N PRO B 772 34.65 -32.90 31.38
CA PRO B 772 33.52 -33.00 32.30
C PRO B 772 32.23 -33.38 31.60
N SER B 773 31.56 -34.41 32.11
CA SER B 773 30.24 -34.75 31.59
C SER B 773 29.24 -33.57 31.69
N THR B 774 29.43 -32.67 32.66
CA THR B 774 28.47 -31.57 32.85
C THR B 774 28.41 -30.62 31.65
N ILE B 775 29.37 -30.70 30.72
CA ILE B 775 29.27 -29.91 29.49
C ILE B 775 28.03 -30.32 28.70
N GLY B 776 27.63 -31.58 28.76
CA GLY B 776 26.44 -32.02 28.05
C GLY B 776 25.17 -31.34 28.49
N THR B 777 25.12 -30.80 29.71
CA THR B 777 23.99 -30.00 30.14
C THR B 777 23.89 -28.65 29.44
N LEU B 778 24.90 -28.24 28.65
CA LEU B 778 24.83 -26.98 27.91
C LEU B 778 23.88 -27.14 26.72
N SER B 779 22.58 -27.10 27.05
CA SER B 779 21.54 -27.40 26.06
C SER B 779 21.64 -26.50 24.83
N LYS B 780 21.97 -25.22 25.02
CA LYS B 780 21.85 -24.28 23.90
C LYS B 780 23.14 -24.14 23.08
N LEU B 781 24.18 -24.90 23.37
CA LEU B 781 25.48 -24.63 22.75
C LEU B 781 25.60 -25.24 21.37
N GLU B 782 26.01 -24.41 20.42
CA GLU B 782 26.07 -24.75 19.02
C GLU B 782 27.46 -25.15 18.55
N THR B 783 28.50 -24.77 19.27
CA THR B 783 29.87 -24.97 18.81
C THR B 783 30.76 -25.27 20.00
N LEU B 784 31.44 -26.43 19.97
CA LEU B 784 32.37 -26.83 21.01
C LEU B 784 33.69 -27.25 20.39
N ASP B 785 34.78 -26.61 20.80
CA ASP B 785 36.11 -26.95 20.31
C ASP B 785 37.04 -27.15 21.50
N LEU B 786 37.59 -28.37 21.64
CA LEU B 786 38.62 -28.64 22.63
C LEU B 786 39.91 -29.10 21.98
N SER B 787 40.08 -28.83 20.69
CA SER B 787 41.18 -29.38 19.91
C SER B 787 42.55 -28.90 20.45
N HIS B 788 43.56 -29.72 20.20
CA HIS B 788 44.94 -29.42 20.60
C HIS B 788 45.04 -29.08 22.09
N ASN B 789 44.50 -29.98 22.90
CA ASN B 789 44.73 -29.92 24.34
C ASN B 789 45.33 -31.27 24.70
N GLN B 790 45.36 -31.57 25.98
CA GLN B 790 46.00 -32.78 26.41
C GLN B 790 45.10 -33.58 27.34
N LEU B 791 43.83 -33.67 26.96
CA LEU B 791 42.80 -34.35 27.73
C LEU B 791 42.82 -35.86 27.53
N THR B 792 42.26 -36.55 28.51
CA THR B 792 42.38 -37.98 28.68
C THR B 792 41.01 -38.57 28.95
N GLY B 793 40.92 -39.89 28.84
CA GLY B 793 39.72 -40.59 29.24
C GLY B 793 38.68 -40.82 28.14
N GLU B 794 37.44 -40.98 28.54
CA GLU B 794 36.37 -41.25 27.59
C GLU B 794 35.69 -39.93 27.23
N VAL B 795 35.02 -39.92 26.08
CA VAL B 795 34.13 -38.84 25.70
C VAL B 795 32.76 -39.16 26.30
N PRO B 796 32.20 -38.28 27.15
CA PRO B 796 30.99 -38.68 27.91
C PRO B 796 29.75 -38.63 27.05
N GLY B 797 28.96 -39.73 27.05
CA GLY B 797 27.77 -39.92 26.20
C GLY B 797 26.88 -38.72 26.09
N SER B 798 26.82 -38.08 27.27
CA SER B 798 26.19 -36.79 27.51
C SER B 798 26.53 -35.74 26.45
N VAL B 799 27.78 -35.70 25.97
CA VAL B 799 28.18 -34.73 24.95
C VAL B 799 27.58 -35.06 23.58
N GLY B 800 27.35 -36.34 23.27
CA GLY B 800 26.73 -36.70 22.01
C GLY B 800 25.24 -36.47 21.99
N ASP B 801 24.58 -36.61 23.14
CA ASP B 801 23.14 -36.38 23.26
C ASP B 801 22.78 -34.90 23.16
N MET B 802 23.78 -34.01 23.13
CA MET B 802 23.57 -32.57 23.12
C MET B 802 22.71 -32.12 21.92
N LYS B 803 21.54 -31.52 22.21
CA LYS B 803 20.56 -31.25 21.16
C LYS B 803 21.08 -30.24 20.12
N SER B 804 21.60 -29.10 20.59
CA SER B 804 21.84 -27.94 19.75
C SER B 804 23.25 -27.86 19.18
N LEU B 805 24.10 -28.80 19.53
CA LEU B 805 25.48 -28.76 19.10
C LEU B 805 25.56 -29.09 17.61
N GLY B 806 26.28 -28.25 16.87
CA GLY B 806 26.46 -28.52 15.47
C GLY B 806 27.87 -28.83 15.06
N TYR B 807 28.84 -28.03 15.52
CA TYR B 807 30.25 -28.29 15.25
C TYR B 807 30.95 -28.75 16.53
N LEU B 808 31.59 -29.91 16.44
CA LEU B 808 32.35 -30.50 17.54
C LEU B 808 33.70 -30.96 16.99
N ASN B 809 34.77 -30.60 17.69
CA ASN B 809 36.14 -31.00 17.34
C ASN B 809 36.86 -31.21 18.66
N VAL B 810 37.48 -32.39 18.83
CA VAL B 810 38.24 -32.74 20.03
C VAL B 810 39.53 -33.41 19.54
N SER B 811 39.94 -33.08 18.32
CA SER B 811 41.16 -33.64 17.75
C SER B 811 42.39 -33.28 18.57
N PHE B 812 43.42 -34.10 18.40
CA PHE B 812 44.78 -33.87 18.92
C PHE B 812 44.75 -33.70 20.44
N ASN B 813 44.16 -34.69 21.09
CA ASN B 813 44.25 -34.97 22.51
C ASN B 813 44.80 -36.37 22.75
N ASN B 814 44.63 -36.85 23.99
CA ASN B 814 45.04 -38.19 24.42
C ASN B 814 43.84 -39.02 24.86
N LEU B 815 42.68 -38.84 24.23
CA LEU B 815 41.52 -39.62 24.64
C LEU B 815 41.58 -41.02 24.04
N GLY B 816 40.64 -41.87 24.47
CA GLY B 816 40.58 -43.26 24.07
C GLY B 816 39.27 -43.84 24.52
N GLY B 817 39.03 -45.06 24.11
CA GLY B 817 37.83 -45.80 24.46
C GLY B 817 36.95 -45.93 23.24
N LYS B 818 35.94 -46.77 23.34
CA LYS B 818 35.19 -46.88 22.10
C LYS B 818 34.05 -45.88 22.17
N LEU B 819 33.85 -45.11 21.10
CA LEU B 819 32.92 -43.99 21.16
C LEU B 819 31.49 -44.52 21.14
N LYS B 820 30.67 -44.02 22.06
CA LYS B 820 29.28 -44.45 22.10
C LYS B 820 28.62 -44.05 20.79
N LYS B 821 27.66 -44.87 20.34
CA LYS B 821 27.27 -44.82 18.93
C LYS B 821 26.66 -43.49 18.51
N GLN B 822 26.30 -42.64 19.48
CA GLN B 822 25.76 -41.35 19.11
C GLN B 822 26.81 -40.45 18.51
N PHE B 823 28.10 -40.73 18.73
CA PHE B 823 29.07 -39.84 18.11
C PHE B 823 29.31 -40.18 16.67
N SER B 824 28.41 -40.97 16.06
CA SER B 824 28.46 -41.29 14.64
C SER B 824 27.99 -40.16 13.72
N ARG B 825 27.26 -39.14 14.25
CA ARG B 825 26.86 -37.98 13.44
C ARG B 825 28.10 -37.27 12.92
N TRP B 826 29.07 -37.06 13.78
CA TRP B 826 30.15 -36.17 13.48
C TRP B 826 31.17 -36.80 12.55
N PRO B 827 31.94 -35.99 11.83
CA PRO B 827 32.94 -36.54 10.92
C PRO B 827 34.12 -37.10 11.69
N ALA B 828 34.86 -37.97 11.01
CA ALA B 828 36.11 -38.46 11.59
C ALA B 828 37.04 -37.31 11.94
N ASP B 829 37.04 -36.25 11.11
CA ASP B 829 37.89 -35.09 11.35
C ASP B 829 37.70 -34.48 12.74
N SER B 830 36.57 -34.73 13.38
CA SER B 830 36.33 -34.26 14.73
C SER B 830 37.09 -35.05 15.79
N PHE B 831 37.75 -36.17 15.42
CA PHE B 831 38.42 -37.02 16.40
C PHE B 831 39.87 -37.39 16.04
N LEU B 832 40.51 -36.65 15.14
CA LEU B 832 41.87 -36.96 14.69
C LEU B 832 42.88 -36.78 15.81
N GLY B 833 44.06 -37.39 15.64
CA GLY B 833 45.16 -37.21 16.57
C GLY B 833 45.04 -37.94 17.89
N ASN B 834 43.88 -38.51 18.20
CA ASN B 834 43.74 -39.40 19.35
C ASN B 834 44.03 -40.85 18.97
N THR B 835 45.30 -41.25 19.04
CA THR B 835 45.61 -42.68 18.92
C THR B 835 44.92 -43.41 20.07
N GLY B 836 44.36 -44.57 19.78
CA GLY B 836 43.69 -45.28 20.83
C GLY B 836 42.25 -44.89 21.03
N LEU B 837 41.66 -44.15 20.11
CA LEU B 837 40.23 -43.86 20.11
C LEU B 837 39.64 -44.60 18.90
N CYS B 838 38.64 -45.42 19.18
CA CYS B 838 38.03 -46.30 18.18
C CYS B 838 36.52 -46.20 18.32
N GLY B 839 35.81 -46.35 17.21
CA GLY B 839 34.37 -46.21 17.28
C GLY B 839 33.82 -45.76 15.94
N SER B 840 32.55 -45.34 15.99
CA SER B 840 31.61 -44.97 14.93
C SER B 840 32.22 -44.21 13.76
N PRO B 841 32.83 -43.03 13.98
CA PRO B 841 33.44 -42.34 12.84
C PRO B 841 34.84 -42.82 12.50
N LEU B 842 35.57 -43.43 13.41
CA LEU B 842 36.93 -43.85 13.13
C LEU B 842 36.91 -45.34 12.80
N SER B 843 38.04 -46.04 12.96
CA SER B 843 38.07 -47.46 12.64
C SER B 843 37.57 -48.29 13.83
N ARG B 844 36.99 -49.47 13.54
CA ARG B 844 36.34 -50.23 14.58
C ARG B 844 37.34 -50.81 15.58
N CYS B 845 36.88 -50.97 16.82
CA CYS B 845 37.72 -51.42 17.93
C CYS B 845 38.12 -52.89 17.78
N ASN B 846 39.41 -53.16 17.80
CA ASN B 846 39.93 -54.54 17.75
C ASN B 846 39.57 -55.35 19.00
N ASP C 1 -19.39 -39.97 -13.32
CA ASP C 1 -18.53 -40.88 -12.58
C ASP C 1 -18.07 -40.28 -11.25
N TYS C 2 -17.66 -41.17 -10.33
CA TYS C 2 -17.32 -40.89 -8.94
CB TYS C 2 -17.03 -42.19 -8.21
CG TYS C 2 -18.21 -42.80 -7.51
CD1 TYS C 2 -18.52 -44.14 -7.67
CD2 TYS C 2 -18.94 -42.01 -6.65
CE1 TYS C 2 -19.60 -44.70 -6.98
CE2 TYS C 2 -20.02 -42.57 -5.97
CZ TYS C 2 -20.34 -43.92 -6.11
OH TYS C 2 -21.42 -44.46 -5.47
S TYS C 2 -21.34 -45.41 -4.29
O1 TYS C 2 -22.41 -46.35 -4.44
O2 TYS C 2 -20.03 -45.96 -4.52
O3 TYS C 2 -21.38 -44.84 -2.73
C TYS C 2 -16.12 -40.01 -8.67
O TYS C 2 -15.09 -40.07 -9.35
N GLY C 3 -16.23 -39.21 -7.61
CA GLY C 3 -15.28 -38.17 -7.31
C GLY C 3 -14.57 -38.69 -6.09
N HIS C 4 -13.42 -38.11 -5.76
CA HIS C 4 -12.71 -38.54 -4.56
C HIS C 4 -13.43 -38.10 -3.30
N SER C 5 -13.38 -38.95 -2.27
CA SER C 5 -14.15 -38.70 -1.07
C SER C 5 -13.45 -37.82 -0.04
N SER C 6 -12.13 -37.62 -0.14
CA SER C 6 -11.44 -36.64 0.68
C SER C 6 -10.15 -36.23 -0.02
N PRO C 7 -10.23 -35.36 -1.03
CA PRO C 7 -9.04 -35.06 -1.82
C PRO C 7 -8.08 -34.16 -1.09
N LYS C 8 -6.80 -34.31 -1.42
CA LYS C 8 -5.79 -33.48 -0.79
C LYS C 8 -5.91 -32.08 -1.37
N PRO C 9 -5.85 -31.05 -0.53
CA PRO C 9 -6.05 -29.68 -0.99
C PRO C 9 -4.94 -29.27 -1.97
N LYS C 10 -5.36 -28.86 -3.16
CA LYS C 10 -4.48 -28.43 -4.24
C LYS C 10 -4.42 -26.91 -4.35
N LEU C 11 -3.23 -26.39 -4.62
CA LEU C 11 -3.04 -24.96 -4.86
C LEU C 11 -3.81 -24.44 -6.08
N VAL C 12 -4.30 -23.21 -5.97
CA VAL C 12 -4.67 -22.43 -7.15
C VAL C 12 -3.43 -22.18 -7.98
N ARG C 13 -3.61 -22.05 -9.30
CA ARG C 13 -2.45 -21.70 -10.09
C ARG C 13 -2.63 -20.31 -10.70
N PRO C 14 -1.75 -19.37 -10.35
CA PRO C 14 -1.99 -17.98 -10.63
C PRO C 14 -1.59 -17.62 -12.05
N PRO C 15 -2.07 -16.49 -12.55
CA PRO C 15 -1.91 -16.17 -13.98
C PRO C 15 -0.63 -15.44 -14.33
N PHE C 16 -0.32 -15.50 -15.61
CA PHE C 16 0.68 -14.63 -16.18
C PHE C 16 0.04 -13.29 -16.53
N LYS C 17 0.78 -12.20 -16.41
CA LYS C 17 0.17 -10.93 -16.75
C LYS C 17 -0.02 -10.84 -18.25
N LEU C 18 -1.23 -10.60 -18.69
CA LEU C 18 -1.34 -10.02 -20.01
C LEU C 18 -2.70 -9.37 -20.15
N ILE C 19 -2.71 -8.26 -20.88
CA ILE C 19 -3.89 -7.53 -21.37
C ILE C 19 -3.64 -6.80 -22.69
N PRO C 20 -2.36 -6.64 -23.24
CA PRO C 20 -2.19 -5.91 -24.52
C PRO C 20 -2.99 -6.34 -25.75
N ASN C 21 -2.86 -7.59 -26.19
CA ASN C 21 -3.35 -8.09 -27.50
C ASN C 21 -3.67 -6.98 -28.56
N ASP D 1 -1.15 41.17 23.64
CA ASP D 1 -0.68 39.91 24.19
C ASP D 1 -1.73 38.80 24.42
N TYS D 2 -3.01 39.15 24.47
CA TYS D 2 -3.99 38.20 25.00
CB TYS D 2 -4.50 38.91 26.26
CG TYS D 2 -5.84 38.79 26.90
CD1 TYS D 2 -6.35 40.03 27.25
CD2 TYS D 2 -6.46 37.59 27.20
CE1 TYS D 2 -7.56 40.10 27.87
CE2 TYS D 2 -7.68 37.66 27.83
CZ TYS D 2 -8.21 38.91 28.17
OH TYS D 2 -9.43 38.92 28.77
S TYS D 2 -9.87 40.20 29.41
O1 TYS D 2 -10.53 41.11 28.24
O2 TYS D 2 -8.78 40.82 30.07
O3 TYS D 2 -10.80 39.90 30.43
C TYS D 2 -4.82 37.52 23.95
O TYS D 2 -5.15 38.10 22.88
N GLY D 3 -5.11 36.26 24.22
CA GLY D 3 -5.56 35.35 23.20
C GLY D 3 -6.71 35.85 22.38
N HIS D 4 -6.78 35.30 21.17
CA HIS D 4 -7.90 35.55 20.27
C HIS D 4 -9.09 34.77 20.79
N SER D 5 -10.27 35.37 20.74
CA SER D 5 -11.42 34.70 21.32
C SER D 5 -12.10 33.76 20.32
N SER D 6 -11.75 33.80 19.04
CA SER D 6 -12.23 32.84 18.05
C SER D 6 -11.25 32.75 16.90
N PRO D 7 -10.16 32.01 17.08
CA PRO D 7 -9.09 31.97 16.07
C PRO D 7 -9.46 31.13 14.86
N LYS D 8 -8.87 31.48 13.73
CA LYS D 8 -9.10 30.65 12.55
C LYS D 8 -8.27 29.38 12.68
N PRO D 9 -8.85 28.22 12.42
CA PRO D 9 -8.11 26.95 12.61
C PRO D 9 -6.89 26.87 11.72
N LYS D 10 -5.74 26.73 12.34
CA LYS D 10 -4.47 26.76 11.67
C LYS D 10 -4.17 25.36 11.14
N LEU D 11 -3.67 25.30 9.92
CA LEU D 11 -3.28 24.02 9.37
C LEU D 11 -2.10 23.51 10.16
N VAL D 12 -2.10 22.20 10.45
CA VAL D 12 -0.89 21.53 10.94
C VAL D 12 0.16 21.53 9.85
N ARG D 13 1.43 21.57 10.26
CA ARG D 13 2.51 21.47 9.29
C ARG D 13 3.35 20.21 9.50
N PRO D 14 3.37 19.31 8.53
CA PRO D 14 3.91 17.97 8.74
C PRO D 14 5.42 17.93 8.55
N PRO D 15 6.07 16.86 9.05
CA PRO D 15 7.54 16.79 9.09
C PRO D 15 8.27 16.07 7.96
N PHE D 16 9.58 16.29 7.85
CA PHE D 16 10.49 15.46 7.08
C PHE D 16 11.04 14.35 7.96
N LYS D 17 11.34 13.21 7.36
CA LYS D 17 11.71 12.02 8.14
C LYS D 17 13.03 12.16 8.91
N LEU D 18 14.14 12.35 8.20
CA LEU D 18 15.53 12.26 8.67
C LEU D 18 15.77 11.68 10.07
N ILE D 19 15.47 10.40 10.25
CA ILE D 19 15.86 9.74 11.50
C ILE D 19 17.33 9.31 11.51
N PRO D 20 18.01 9.11 10.36
CA PRO D 20 19.42 8.69 10.42
C PRO D 20 20.38 9.62 11.15
N ASN D 21 21.44 9.00 11.66
CA ASN D 21 22.45 9.64 12.49
C ASN D 21 23.83 9.17 12.07
C1 NAG E . -33.17 -23.98 3.84
C2 NAG E . -33.83 -22.62 3.96
C3 NAG E . -35.30 -22.77 4.30
C4 NAG E . -36.00 -23.69 3.30
C5 NAG E . -35.21 -24.98 3.05
C6 NAG E . -35.69 -25.74 1.83
C7 NAG E . -32.24 -20.89 4.66
C8 NAG E . -31.64 -20.14 5.83
N2 NAG E . -33.15 -21.81 4.97
O3 NAG E . -35.91 -21.48 4.29
O4 NAG E . -37.26 -24.09 3.83
O5 NAG E . -33.81 -24.71 2.84
O6 NAG E . -35.39 -25.09 0.60
O7 NAG E . -31.91 -20.64 3.50
C1 NAG E . -38.40 -23.41 3.24
C2 NAG E . -39.59 -24.40 3.13
C3 NAG E . -40.85 -23.68 2.63
C4 NAG E . -41.15 -22.45 3.48
C5 NAG E . -39.91 -21.55 3.53
C6 NAG E . -40.09 -20.34 4.44
C7 NAG E . -38.94 -25.44 0.98
C8 NAG E . -38.66 -26.74 0.27
N2 NAG E . -39.27 -25.53 2.28
O3 NAG E . -41.96 -24.57 2.67
O4 NAG E . -42.25 -21.75 2.94
O5 NAG E . -38.79 -22.28 4.05
O6 NAG E . -38.94 -19.51 4.45
O7 NAG E . -38.86 -24.36 0.39
C1 NAG F . -5.03 -14.19 -6.06
C2 NAG F . -5.72 -15.53 -6.18
C3 NAG F . -6.01 -15.88 -7.65
C4 NAG F . -6.65 -14.73 -8.41
C5 NAG F . -6.03 -13.37 -8.06
C6 NAG F . -6.91 -12.20 -8.46
C7 NAG F . -3.73 -16.97 -5.93
C8 NAG F . -3.12 -18.09 -5.14
N2 NAG F . -4.95 -16.59 -5.55
O3 NAG F . -6.90 -16.99 -7.59
O4 NAG F . -6.44 -14.88 -9.81
O5 NAG F . -5.82 -13.22 -6.66
O6 NAG F . -7.87 -11.92 -7.45
O7 NAG F . -3.14 -16.44 -6.87
C1 NAG F . -7.39 -15.63 -10.63
C2 NAG F . -7.43 -15.03 -12.04
C3 NAG F . -8.36 -15.84 -12.94
C4 NAG F . -7.98 -17.32 -12.93
C5 NAG F . -7.80 -17.86 -11.51
C6 NAG F . -7.09 -19.20 -11.50
C7 NAG F . -9.04 -13.20 -11.61
C8 NAG F . -9.26 -11.72 -11.68
N2 NAG F . -7.83 -13.62 -12.02
O3 NAG F . -8.29 -15.35 -14.27
O4 NAG F . -9.01 -18.05 -13.60
O5 NAG F . -6.97 -17.00 -10.72
O6 NAG F . -5.79 -19.09 -12.06
O7 NAG F . -9.90 -13.97 -11.20
C1 NAG G . -4.52 -8.70 -4.98
C2 NAG G . -5.35 -8.62 -6.28
C3 NAG G . -6.66 -7.89 -6.03
C4 NAG G . -7.41 -8.44 -4.82
C5 NAG G . -6.48 -8.55 -3.61
C6 NAG G . -7.09 -9.31 -2.45
C7 NAG G . -3.76 -8.58 -8.17
C8 NAG G . -2.97 -7.69 -9.09
N2 NAG G . -4.59 -7.95 -7.33
O3 NAG G . -7.47 -8.05 -7.19
O4 NAG G . -8.51 -7.58 -4.51
O5 NAG G . -5.30 -9.28 -3.96
O6 NAG G . -7.07 -10.71 -2.70
O7 NAG G . -3.65 -9.79 -8.20
C1 NAG G . -9.76 -8.30 -4.42
C2 NAG G . -10.89 -7.45 -4.96
C3 NAG G . -12.24 -8.21 -4.92
C4 NAG G . -12.09 -9.60 -5.53
C5 NAG G . -10.91 -10.34 -4.89
C6 NAG G . -10.64 -11.70 -5.48
C7 NAG G . -11.28 -6.07 -2.96
C8 NAG G . -11.37 -4.66 -2.42
N2 NAG G . -11.01 -6.18 -4.26
O3 NAG G . -13.24 -7.46 -5.60
O4 NAG G . -13.29 -10.35 -5.32
O5 NAG G . -9.71 -9.56 -5.06
O6 NAG G . -9.93 -12.55 -4.58
O7 NAG G . -11.43 -7.05 -2.23
C1 NAG H . -16.14 16.20 36.41
C2 NAG H . -16.38 14.80 37.01
C3 NAG H . -16.87 14.91 38.46
C4 NAG H . -15.94 15.80 39.28
C5 NAG H . -15.83 17.17 38.61
C6 NAG H . -14.88 18.11 39.31
C7 NAG H . -17.51 12.74 36.27
C8 NAG H . -18.54 12.16 35.35
N2 NAG H . -17.33 14.06 36.20
O3 NAG H . -16.94 13.61 39.05
O4 NAG H . -16.42 15.92 40.61
O5 NAG H . -15.29 16.98 37.29
O6 NAG H . -15.46 18.63 40.51
O7 NAG H . -16.86 12.04 37.06
C1 NAG H . -15.40 15.45 41.50
C2 NAG H . -15.83 15.61 42.94
C3 NAG H . -14.73 15.09 43.89
C4 NAG H . -14.27 13.70 43.47
C5 NAG H . -14.00 13.61 41.97
C6 NAG H . -13.76 12.21 41.47
C7 NAG H . -17.44 17.47 43.22
C8 NAG H . -17.59 18.92 43.56
N2 NAG H . -16.18 16.99 43.24
O3 NAG H . -15.19 15.07 45.23
O4 NAG H . -13.06 13.36 44.16
O5 NAG H . -15.11 14.12 41.22
O6 NAG H . -14.86 11.34 41.70
O7 NAG H . -18.41 16.77 42.92
C1 BMA H . -13.25 12.18 45.02
C2 BMA H . -12.23 11.07 44.55
C3 BMA H . -12.19 9.89 45.58
C4 BMA H . -12.07 10.38 47.05
C5 BMA H . -13.14 11.48 47.34
C6 BMA H . -13.00 12.10 48.74
O2 BMA H . -10.90 11.55 44.36
O3 BMA H . -11.16 8.91 45.28
O4 BMA H . -12.23 9.28 47.95
O5 BMA H . -13.00 12.56 46.37
O6 BMA H . -13.16 11.06 49.70
C1 NAG I . -0.33 7.52 9.09
C2 NAG I . 0.86 7.41 10.04
C3 NAG I . 0.57 6.37 11.10
C4 NAG I . -0.72 6.70 11.84
C5 NAG I . -1.89 6.93 10.88
C6 NAG I . -3.08 7.56 11.55
C7 NAG I . 2.83 8.02 8.71
C8 NAG I . 4.07 7.52 8.03
N2 NAG I . 2.09 7.10 9.33
O3 NAG I . 1.67 6.31 12.00
O4 NAG I . -1.07 5.64 12.74
O5 NAG I . -1.50 7.85 9.84
O6 NAG I . -3.96 8.25 10.66
O7 NAG I . 2.49 9.19 8.70
C1 BMA I . -1.16 6.18 14.10
C2 BMA I . -2.65 5.97 14.60
C3 BMA I . -2.77 6.32 16.11
C4 BMA I . -1.68 5.64 16.93
C5 BMA I . -0.26 5.98 16.37
C6 BMA I . 0.86 5.25 17.10
O2 BMA I . -3.11 4.64 14.38
O3 BMA I . -4.07 6.04 16.66
O4 BMA I . -1.78 6.06 18.28
O5 BMA I . -0.19 5.57 14.98
O6 BMA I . 0.72 3.82 16.89
C1 NAG J . -0.72 12.74 10.64
C2 NAG J . -1.02 13.93 11.54
C3 NAG J . 0.27 14.53 12.12
C4 NAG J . 1.10 13.47 12.84
C5 NAG J . 1.29 12.24 11.94
C6 NAG J . 1.83 11.06 12.71
C7 NAG J . -1.41 15.62 9.77
C8 NAG J . -2.39 16.61 9.24
N2 NAG J . -1.82 14.94 10.84
O3 NAG J . -0.02 15.59 13.01
O4 NAG J . 2.40 13.97 13.11
O5 NAG J . 0.05 11.78 11.38
O6 NAG J . 0.74 10.29 13.16
O7 NAG J . -0.30 15.45 9.25
C1 NAG J . 2.75 14.43 14.42
C2 NAG J . 4.25 14.20 14.58
C3 NAG J . 4.83 14.85 15.85
C4 NAG J . 4.35 16.29 16.00
C5 NAG J . 2.82 16.28 15.96
C6 NAG J . 2.19 17.65 16.09
C7 NAG J . 5.62 12.26 13.88
C8 NAG J . 6.55 13.22 13.21
N2 NAG J . 4.57 12.79 14.53
O3 NAG J . 6.26 14.83 15.79
O4 NAG J . 4.88 16.92 17.17
O5 NAG J . 2.40 15.74 14.70
O6 NAG J . 0.78 17.53 16.21
O7 NAG J . 5.82 11.06 13.86
C1 BMA J . 6.08 17.67 16.79
C2 BMA J . 6.14 19.08 17.48
C3 BMA J . 7.41 19.81 16.98
C4 BMA J . 8.69 18.96 17.22
C5 BMA J . 8.53 17.55 16.63
C6 BMA J . 9.72 16.64 17.00
O2 BMA J . 6.24 18.98 18.92
O3 BMA J . 7.58 21.11 17.56
O4 BMA J . 9.83 19.58 16.63
O5 BMA J . 7.29 16.94 17.12
O6 BMA J . 10.08 16.87 18.38
C1 NAG K . -6.19 24.47 21.76
C2 NAG K . -6.31 25.79 21.03
C3 NAG K . -5.16 25.94 20.02
C4 NAG K . -3.81 25.71 20.70
C5 NAG K . -3.79 24.41 21.49
C6 NAG K . -2.55 24.24 22.34
C7 NAG K . -8.04 26.91 19.64
C8 NAG K . -9.44 26.79 19.12
N2 NAG K . -7.61 25.88 20.39
O3 NAG K . -5.15 27.24 19.45
O4 NAG K . -2.86 25.59 19.65
O5 NAG K . -4.89 24.38 22.40
O6 NAG K . -2.68 23.14 23.25
O7 NAG K . -7.32 27.86 19.36
C1 NAG K . -2.01 26.80 19.74
C2 NAG K . -0.89 26.53 18.64
C3 NAG K . -0.06 27.77 18.46
C4 NAG K . -0.94 28.96 18.14
C5 NAG K . -2.05 29.09 19.19
C6 NAG K . -3.04 30.19 18.90
C7 NAG K . 0.63 25.28 20.20
C8 NAG K . 1.39 24.00 20.37
N2 NAG K . -0.08 25.38 19.07
O3 NAG K . 0.86 27.55 17.42
O4 NAG K . -0.18 30.17 18.06
O5 NAG K . -2.80 27.89 19.22
O6 NAG K . -3.94 29.81 17.87
O7 NAG K . 0.67 26.18 21.05
C1 NAG L . -16.72 -58.97 -7.76
C2 NAG L . -16.30 -58.85 -6.30
C3 NAG L . -15.47 -57.59 -6.12
C4 NAG L . -14.21 -57.71 -6.98
C5 NAG L . -14.60 -57.95 -8.46
C6 NAG L . -13.43 -58.30 -9.35
C7 NAG L . -18.18 -57.89 -4.97
C8 NAG L . -19.28 -58.23 -4.01
N2 NAG L . -17.42 -58.92 -5.37
O3 NAG L . -15.15 -57.38 -4.75
O4 NAG L . -13.40 -56.55 -6.84
O5 NAG L . -15.54 -59.02 -8.59
O6 NAG L . -13.85 -58.72 -10.63
O7 NAG L . -18.01 -56.74 -5.36
C1 NAG M . -14.98 -28.33 -4.31
C2 NAG M . -14.65 -29.77 -4.73
C3 NAG M . -13.43 -29.80 -5.65
C4 NAG M . -13.68 -28.94 -6.87
C5 NAG M . -13.98 -27.50 -6.41
C6 NAG M . -14.34 -26.57 -7.56
C7 NAG M . -13.51 -30.56 -2.68
C8 NAG M . -13.57 -31.56 -1.57
N2 NAG M . -14.50 -30.65 -3.58
O3 NAG M . -13.10 -31.14 -6.05
O4 NAG M . -12.57 -28.98 -7.77
O5 NAG M . -15.09 -27.49 -5.51
O6 NAG M . -15.67 -26.75 -7.97
O7 NAG M . -12.61 -29.74 -2.77
C1 NAG N . 4.90 -31.33 19.56
C2 NAG N . 5.66 -31.56 20.85
C3 NAG N . 5.88 -33.06 21.08
C4 NAG N . 4.54 -33.80 21.03
C5 NAG N . 3.72 -33.44 19.78
C6 NAG N . 2.31 -33.99 19.84
C7 NAG N . 7.02 -29.59 21.33
C8 NAG N . 8.39 -28.96 21.27
N2 NAG N . 6.92 -30.83 20.86
O3 NAG N . 6.51 -33.28 22.33
O4 NAG N . 4.76 -35.21 21.01
O5 NAG N . 3.62 -32.02 19.62
O6 NAG N . 2.27 -35.40 19.88
O7 NAG N . 6.05 -28.99 21.79
C1 NAG O . 21.99 -21.98 1.28
C2 NAG O . 22.02 -21.62 2.78
C3 NAG O . 23.30 -20.81 3.08
C4 NAG O . 24.53 -21.55 2.57
C5 NAG O . 24.36 -21.92 1.09
C6 NAG O . 25.51 -22.74 0.55
C7 NAG O . 20.61 -20.02 4.14
C8 NAG O . 19.22 -19.53 4.29
N2 NAG O . 20.79 -20.91 3.16
O3 NAG O . 23.44 -20.59 4.48
O4 NAG O . 25.70 -20.75 2.73
O5 NAG O . 23.16 -22.70 0.93
O6 NAG O . 25.89 -22.36 -0.77
O7 NAG O . 21.52 -19.60 4.87
C1 NAG P . 5.09 3.00 -28.03
C2 NAG P . 5.18 3.88 -29.30
C3 NAG P . 4.36 5.18 -29.14
C4 NAG P . 2.96 4.89 -28.59
C5 NAG P . 3.03 3.94 -27.39
C6 NAG P . 1.67 3.50 -26.88
C7 NAG P . 7.45 4.76 -28.73
C8 NAG P . 8.85 4.98 -29.24
N2 NAG P . 6.58 4.19 -29.59
O3 NAG P . 4.27 5.88 -30.37
O4 NAG P . 2.33 6.10 -28.23
O5 NAG P . 3.74 2.74 -27.75
O6 NAG P . 0.91 4.60 -26.42
O7 NAG P . 7.12 5.09 -27.59
C1 NAG Q . -2.82 -25.80 -34.07
C2 NAG Q . -1.94 -27.00 -33.72
C3 NAG Q . -2.78 -28.28 -33.73
C4 NAG Q . -3.99 -28.15 -32.83
C5 NAG Q . -4.79 -26.91 -33.23
C6 NAG Q . -5.97 -26.63 -32.32
C7 NAG Q . 0.44 -26.92 -34.33
C8 NAG Q . 1.43 -27.07 -35.43
N2 NAG Q . -0.85 -27.11 -34.67
O3 NAG Q . -1.97 -29.38 -33.31
O4 NAG Q . -4.80 -29.33 -32.89
O5 NAG Q . -3.94 -25.76 -33.17
O6 NAG Q . -5.56 -25.96 -31.13
O7 NAG Q . 0.76 -26.65 -33.18
C1 NAG R . 14.85 -2.60 -45.90
C2 NAG R . 15.39 -1.66 -46.98
C3 NAG R . 16.81 -2.06 -47.34
C4 NAG R . 17.69 -2.08 -46.09
C5 NAG R . 17.05 -2.98 -45.02
C6 NAG R . 17.80 -2.97 -43.70
C7 NAG R . 13.58 -0.75 -48.37
C8 NAG R . 12.79 -0.92 -49.64
N2 NAG R . 14.54 -1.65 -48.16
O3 NAG R . 17.33 -1.16 -48.32
O4 NAG R . 19.00 -2.52 -46.41
O5 NAG R . 15.71 -2.56 -44.74
O6 NAG R . 19.22 -2.99 -43.89
O7 NAG R . 13.35 0.15 -47.57
C1 NAG S . -18.94 17.15 -60.35
C2 NAG S . -18.88 15.74 -61.00
C3 NAG S . -19.78 15.70 -62.25
C4 NAG S . -21.20 16.15 -61.90
C5 NAG S . -21.18 17.52 -61.23
C6 NAG S . -22.52 17.96 -60.71
C7 NAG S . -16.75 15.86 -62.27
C8 NAG S . -15.40 15.26 -62.44
N2 NAG S . -17.52 15.32 -61.31
O3 NAG S . -19.78 14.41 -62.85
O4 NAG S . -22.01 16.18 -63.08
O5 NAG S . -20.31 17.50 -60.10
O6 NAG S . -22.36 18.73 -59.51
O7 NAG S . -17.13 16.81 -62.95
C1 NAG T . -15.34 33.20 -54.31
C2 NAG T . -15.61 34.19 -55.44
C3 NAG T . -14.41 34.29 -56.37
C4 NAG T . -13.16 34.67 -55.56
C5 NAG T . -12.95 33.63 -54.46
C6 NAG T . -11.76 33.94 -53.58
C7 NAG T . -17.96 34.50 -56.12
C8 NAG T . -19.09 33.94 -56.92
N2 NAG T . -16.81 33.81 -56.18
O3 NAG T . -14.63 35.26 -57.38
O4 NAG T . -12.03 34.75 -56.42
O5 NAG T . -14.10 33.59 -53.61
O6 NAG T . -10.53 33.58 -54.21
O7 NAG T . -18.07 35.53 -55.45
C1 NAG U . -6.14 36.24 -39.77
C2 NAG U . -4.77 36.36 -39.04
C3 NAG U . -3.79 37.15 -39.91
C4 NAG U . -3.65 36.50 -41.28
C5 NAG U . -5.04 36.34 -41.94
C6 NAG U . -5.00 35.59 -43.24
C7 NAG U . -4.73 36.30 -36.59
C8 NAG U . -4.89 37.09 -35.32
N2 NAG U . -4.91 36.97 -37.73
O3 NAG U . -2.53 37.20 -39.25
O4 NAG U . -2.78 37.28 -42.10
O5 NAG U . -5.95 35.63 -41.08
O6 NAG U . -6.31 35.37 -43.73
O7 NAG U . -4.46 35.10 -36.58
C1 NAG V . -29.71 -40.49 20.50
C2 NAG V . -29.16 -40.96 21.87
C3 NAG V . -29.75 -40.12 23.02
C4 NAG V . -29.67 -38.63 22.72
C5 NAG V . -30.25 -38.32 21.35
C6 NAG V . -30.10 -36.87 20.96
C7 NAG V . -28.85 -43.14 23.01
C8 NAG V . -29.30 -44.58 23.06
N2 NAG V . -29.45 -42.38 22.07
O3 NAG V . -29.02 -40.38 24.22
O4 NAG V . -30.42 -37.94 23.70
O5 NAG V . -29.55 -39.08 20.36
O6 NAG V . -30.70 -36.01 21.92
O7 NAG V . -28.00 -42.69 23.78
C1 NAG W . 24.85 -24.86 -16.21
C2 NAG W . 25.71 -25.48 -15.12
C3 NAG W . 27.18 -25.31 -15.48
C4 NAG W . 27.46 -26.01 -16.81
C5 NAG W . 26.50 -25.56 -17.92
C6 NAG W . 26.55 -26.43 -19.16
C7 NAG W . 25.58 -23.68 -13.42
C8 NAG W . 25.19 -23.36 -12.01
N2 NAG W . 25.42 -24.96 -13.80
O3 NAG W . 28.04 -25.79 -14.47
O4 NAG W . 28.82 -25.78 -17.19
O5 NAG W . 25.11 -25.55 -17.50
O6 NAG W . 26.27 -27.80 -18.87
O7 NAG W . 26.04 -22.83 -14.18
C1 NAG X . -8.10 54.80 27.24
C2 NAG X . -9.39 54.64 26.56
C3 NAG X . -9.30 53.52 25.56
C4 NAG X . -8.32 53.95 24.48
C5 NAG X . -6.97 54.41 25.08
C6 NAG X . -6.13 55.18 24.08
C7 NAG X . -11.21 53.62 28.09
C8 NAG X . -10.69 52.22 27.93
N2 NAG X . -10.57 54.62 27.44
O3 NAG X . -10.60 53.22 25.03
O4 NAG X . -8.07 52.89 23.58
O5 NAG X . -7.11 55.25 26.25
O6 NAG X . -5.17 56.00 24.74
O7 NAG X . -12.18 53.86 28.80
C1 NAG Y . -26.51 27.48 -3.17
C2 NAG Y . -27.87 27.15 -2.48
C3 NAG Y . -28.75 28.41 -2.31
C4 NAG Y . -27.98 29.52 -1.61
C5 NAG Y . -26.76 29.87 -2.47
C6 NAG Y . -25.94 31.01 -1.89
C7 NAG Y . -29.03 26.14 -4.43
C8 NAG Y . -29.78 24.93 -4.91
N2 NAG Y . -28.60 26.09 -3.16
O3 NAG Y . -29.90 28.07 -1.53
O4 NAG Y . -28.80 30.66 -1.42
O5 NAG Y . -25.89 28.72 -2.56
O6 NAG Y . -25.20 31.69 -2.90
O7 NAG Y . -28.84 27.11 -5.15
C1 NAG Z . 26.73 1.38 3.59
C2 NAG Z . 25.60 0.50 4.01
C3 NAG Z . 26.07 -0.51 5.04
C4 NAG Z . 27.23 -1.33 4.51
C5 NAG Z . 28.36 -0.40 4.06
C6 NAG Z . 29.48 -1.14 3.34
C7 NAG Z . 23.26 1.19 4.23
C8 NAG Z . 22.29 2.09 4.93
N2 NAG Z . 24.54 1.29 4.61
O3 NAG Z . 24.96 -1.35 5.37
O4 NAG Z . 27.73 -2.19 5.53
O5 NAG Z . 27.83 0.57 3.14
O6 NAG Z . 30.40 -1.74 4.25
O7 NAG Z . 22.90 0.39 3.37
C1 NAG AA . 43.59 10.60 -2.61
C2 NAG AA . 45.00 10.09 -3.03
C3 NAG AA . 45.29 10.51 -4.47
C4 NAG AA . 44.21 9.96 -5.39
C5 NAG AA . 42.82 10.44 -4.93
C6 NAG AA . 41.69 9.81 -5.72
C7 NAG AA . 46.70 9.77 -1.28
C8 NAG AA . 47.76 10.43 -0.46
N2 NAG AA . 46.04 10.57 -2.14
O3 NAG AA . 46.58 10.04 -4.87
O4 NAG AA . 44.44 10.37 -6.74
O5 NAG AA . 42.59 10.11 -3.55
O6 NAG AA . 41.87 9.99 -7.11
O7 NAG AA . 46.46 8.57 -1.18
C1 NAG BA . 54.21 -10.83 31.71
C2 NAG BA . 55.05 -11.51 32.82
C3 NAG BA . 56.19 -10.61 33.29
C4 NAG BA . 57.03 -10.16 32.12
C5 NAG BA . 56.14 -9.36 31.18
C6 NAG BA . 56.87 -8.81 29.97
C7 NAG BA . 53.82 -13.14 34.20
C8 NAG BA . 52.91 -13.31 35.39
N2 NAG BA . 54.19 -11.88 33.94
O3 NAG BA . 56.98 -11.31 34.25
O4 NAG BA . 58.15 -9.38 32.52
O5 NAG BA . 55.10 -10.23 30.69
O6 NAG BA . 57.86 -9.72 29.49
O7 NAG BA . 54.17 -14.09 33.52
C1 NAG CA . 51.48 -27.15 25.96
C2 NAG CA . 52.16 -28.49 26.24
C3 NAG CA . 53.27 -28.75 25.20
C4 NAG CA . 52.69 -28.65 23.79
C5 NAG CA . 51.92 -27.33 23.62
C6 NAG CA . 51.20 -27.22 22.29
C7 NAG CA . 52.18 -29.40 28.53
C8 NAG CA . 52.80 -29.35 29.89
N2 NAG CA . 52.68 -28.56 27.61
O3 NAG CA . 53.82 -30.05 25.41
O4 NAG CA . 53.70 -28.71 22.80
O5 NAG CA . 50.92 -27.18 24.63
O6 NAG CA . 49.91 -26.61 22.40
O7 NAG CA . 51.25 -30.17 28.26
C1 NAG DA . 39.30 -30.29 13.59
C2 NAG DA . 39.03 -30.05 12.08
C3 NAG DA . 40.23 -30.53 11.25
C4 NAG DA . 41.51 -29.86 11.74
C5 NAG DA . 41.70 -30.17 13.22
C6 NAG DA . 42.93 -29.53 13.80
C7 NAG DA . 36.61 -30.22 11.85
C8 NAG DA . 35.46 -31.03 11.33
N2 NAG DA . 37.82 -30.73 11.64
O3 NAG DA . 40.03 -30.28 9.86
O4 NAG DA . 42.63 -30.33 11.01
O5 NAG DA . 40.57 -29.69 13.98
O6 NAG DA . 42.56 -28.44 14.65
O7 NAG DA . 36.44 -29.16 12.43
C1 NAG EA . -17.75 50.95 51.62
C2 NAG EA . -17.37 49.55 52.13
C3 NAG EA . -17.46 49.49 53.66
C4 NAG EA . -16.75 50.68 54.33
C5 NAG EA . -17.22 51.98 53.71
C6 NAG EA . -16.45 53.18 54.20
C7 NAG EA . -17.79 47.34 51.13
C8 NAG EA . -18.83 46.42 50.54
N2 NAG EA . -18.22 48.53 51.54
O3 NAG EA . -16.86 48.29 54.13
O4 NAG EA . -17.03 50.69 55.72
O5 NAG EA . -17.01 51.93 52.31
O6 NAG EA . -16.48 53.30 55.62
O7 NAG EA . -16.61 47.02 51.20
#